data_2JBR
#
_entry.id   2JBR
#
_cell.length_a   91.441
_cell.length_b   182.077
_cell.length_c   287.348
_cell.angle_alpha   90.00
_cell.angle_beta   90.00
_cell.angle_gamma   90.00
#
_symmetry.space_group_name_H-M   'I 2 2 2'
#
loop_
_entity.id
_entity.type
_entity.pdbx_description
1 polymer 'P-HYDROXYPHENYLACETATE HYDROXYLASE C2 OXYGENASE COMPONENT'
2 water water
#
_entity_poly.entity_id   1
_entity_poly.type   'polypeptide(L)'
_entity_poly.pdbx_seq_one_letter_code
;MENTVLNLDSDVIHACEAIFQPIRLVYTHAQTPDVSGVSMLEKIQQILPQIAKNAESAEQLRRVPDENIKLLKEIGLHRA
FQPKVYGGLEMSLPDFANCIVTLAGACAGTAWAFSLLCTHSHQIAMFSKQLQDEIWLKDPDATASSSIAPFGKVEEVEGG
IILNGDYGWSSGCDHAEYAIVGFNRFDADGNKIYSFGVIPRSDYEIVDNWYAQAIKSSGSKMLKLVNVFIPEYRISKAKD
MMEGKSAGFGLYPDSKIFYTPYRPYFASGFSAVSLGIAERMIEAFKEKQRNRVRAYTGANVGLATPALMRIAESTHQVAA
ARALLEKTWEDHRIHGLNHQYPNKETLAFWRTNQAYAVKMCIEAVDRLMAAAGATSFMDNSELQRLFRDAHMTGAHAYTD
YDVCAQILGRELMGMEPDPTMV
;
_entity_poly.pdbx_strand_id   A,B,C,D
#
# COMPACT_ATOMS: atom_id res chain seq x y z
N ARG A 24 -8.04 -6.51 32.45
CA ARG A 24 -7.78 -6.82 31.01
C ARG A 24 -7.67 -5.53 30.21
N LEU A 25 -6.83 -5.55 29.19
CA LEU A 25 -6.69 -4.38 28.33
C LEU A 25 -7.73 -4.36 27.22
N VAL A 26 -7.90 -3.19 26.63
CA VAL A 26 -8.86 -2.97 25.55
C VAL A 26 -8.10 -2.49 24.31
N TYR A 27 -8.30 -3.15 23.19
CA TYR A 27 -7.61 -2.79 21.94
C TYR A 27 -8.39 -1.81 21.05
N THR A 28 -9.70 -1.81 21.20
CA THR A 28 -10.61 -1.21 20.23
C THR A 28 -11.14 0.17 20.62
N HIS A 29 -10.86 0.57 21.85
CA HIS A 29 -11.33 1.83 22.42
C HIS A 29 -10.62 2.06 23.76
N ALA A 30 -11.01 3.12 24.45
CA ALA A 30 -10.40 3.47 25.74
C ALA A 30 -10.94 2.63 26.88
N GLN A 31 -10.04 2.22 27.77
CA GLN A 31 -10.43 1.73 29.07
C GLN A 31 -10.91 2.92 29.91
N THR A 32 -12.08 2.77 30.54
CA THR A 32 -12.59 3.80 31.45
C THR A 32 -11.73 3.80 32.72
N PRO A 33 -11.26 5.00 33.15
CA PRO A 33 -10.42 5.11 34.35
C PRO A 33 -11.13 4.57 35.60
N ASP A 34 -10.41 3.75 36.37
CA ASP A 34 -10.93 3.32 37.66
C ASP A 34 -10.54 4.35 38.71
N VAL A 35 -11.54 5.13 39.09
CA VAL A 35 -11.41 6.14 40.13
C VAL A 35 -12.69 6.10 40.96
N SER A 36 -12.58 6.35 42.26
CA SER A 36 -13.76 6.63 43.06
C SER A 36 -14.30 7.95 42.50
N GLY A 37 -15.53 7.90 42.01
CA GLY A 37 -16.13 9.03 41.32
C GLY A 37 -16.34 8.73 39.85
N VAL A 38 -17.18 9.54 39.22
CA VAL A 38 -17.44 9.39 37.79
C VAL A 38 -16.34 10.15 37.05
N SER A 39 -15.61 9.43 36.21
CA SER A 39 -14.54 10.02 35.41
C SER A 39 -15.13 10.87 34.29
N MET A 40 -14.34 11.80 33.77
CA MET A 40 -14.76 12.63 32.64
C MET A 40 -15.20 11.76 31.45
N LEU A 41 -14.46 10.68 31.20
CA LEU A 41 -14.78 9.75 30.12
C LEU A 41 -16.19 9.14 30.23
N GLU A 42 -16.56 8.70 31.44
CA GLU A 42 -17.91 8.20 31.69
C GLU A 42 -18.96 9.27 31.43
N LYS A 43 -18.70 10.49 31.88
CA LYS A 43 -19.60 11.62 31.66
C LYS A 43 -19.79 11.93 30.17
N ILE A 44 -18.69 11.86 29.41
CA ILE A 44 -18.74 11.97 27.94
C ILE A 44 -19.63 10.88 27.34
N GLN A 45 -19.47 9.65 27.83
CA GLN A 45 -20.22 8.50 27.34
C GLN A 45 -21.72 8.63 27.59
N GLN A 46 -22.09 9.22 28.72
CA GLN A 46 -23.49 9.49 29.08
C GLN A 46 -24.16 10.47 28.12
N ILE A 47 -23.44 11.51 27.71
CA ILE A 47 -24.00 12.56 26.82
C ILE A 47 -23.80 12.27 25.34
N LEU A 48 -23.05 11.21 25.04
CA LEU A 48 -22.68 10.89 23.66
C LEU A 48 -23.86 10.67 22.70
N PRO A 49 -24.91 9.91 23.14
CA PRO A 49 -26.08 9.75 22.26
C PRO A 49 -26.72 11.07 21.84
N GLN A 50 -26.76 12.06 22.74
CA GLN A 50 -27.26 13.40 22.42
C GLN A 50 -26.41 14.12 21.38
N ILE A 51 -25.09 14.03 21.53
CA ILE A 51 -24.14 14.59 20.57
C ILE A 51 -24.28 13.92 19.21
N ALA A 52 -24.43 12.58 19.22
CA ALA A 52 -24.59 11.78 18.01
C ALA A 52 -25.86 12.12 17.24
N LYS A 53 -26.97 12.33 17.96
CA LYS A 53 -28.25 12.64 17.33
C LYS A 53 -28.28 14.06 16.74
N ASN A 54 -27.45 14.95 17.29
CA ASN A 54 -27.34 16.32 16.79
C ASN A 54 -26.42 16.46 15.59
N ALA A 55 -25.70 15.40 15.25
CA ALA A 55 -24.62 15.47 14.25
C ALA A 55 -25.07 15.89 12.85
N GLU A 56 -26.26 15.46 12.46
CA GLU A 56 -26.79 15.78 11.13
C GLU A 56 -27.19 17.25 11.02
N SER A 57 -27.84 17.78 12.06
CA SER A 57 -28.20 19.19 12.09
C SER A 57 -26.97 20.07 12.37
N ALA A 58 -25.99 19.53 13.10
CA ALA A 58 -24.72 20.21 13.34
C ALA A 58 -23.99 20.46 12.02
N GLU A 59 -24.02 19.42 11.18
CA GLU A 59 -23.46 19.46 9.83
C GLU A 59 -24.09 20.59 8.98
N GLN A 60 -25.41 20.73 9.07
CA GLN A 60 -26.13 21.75 8.30
C GLN A 60 -26.00 23.15 8.90
N LEU A 61 -25.84 23.21 10.22
CA LEU A 61 -25.64 24.46 10.96
C LEU A 61 -24.26 25.08 10.68
N ARG A 62 -23.28 24.24 10.33
CA ARG A 62 -21.89 24.65 10.06
C ARG A 62 -21.19 25.30 11.27
N ARG A 63 -21.62 24.87 12.46
CA ARG A 63 -21.00 25.25 13.72
C ARG A 63 -21.54 24.29 14.77
N VAL A 64 -20.90 24.26 15.93
CA VAL A 64 -21.33 23.38 17.01
C VAL A 64 -22.68 23.88 17.56
N PRO A 65 -23.69 23.00 17.61
CA PRO A 65 -24.98 23.38 18.22
C PRO A 65 -24.82 23.81 19.67
N ASP A 66 -25.60 24.81 20.08
CA ASP A 66 -25.58 25.32 21.45
C ASP A 66 -25.75 24.21 22.50
N GLU A 67 -26.62 23.25 22.20
CA GLU A 67 -26.86 22.12 23.09
C GLU A 67 -25.58 21.30 23.35
N ASN A 68 -24.79 21.08 22.29
CA ASN A 68 -23.50 20.39 22.42
C ASN A 68 -22.54 21.09 23.37
N ILE A 69 -22.34 22.39 23.15
CA ILE A 69 -21.48 23.22 24.00
C ILE A 69 -21.97 23.20 25.45
N LYS A 70 -23.27 23.35 25.62
CA LYS A 70 -23.93 23.32 26.93
C LYS A 70 -23.69 22.00 27.67
N LEU A 71 -23.87 20.87 26.97
CA LEU A 71 -23.67 19.55 27.57
C LEU A 71 -22.21 19.32 27.95
N LEU A 72 -21.29 19.72 27.08
CA LEU A 72 -19.86 19.55 27.30
C LEU A 72 -19.31 20.46 28.41
N LYS A 73 -19.82 21.68 28.48
CA LYS A 73 -19.45 22.60 29.56
C LYS A 73 -20.07 22.18 30.89
N GLU A 74 -21.26 21.60 30.83
CA GLU A 74 -21.97 21.10 32.02
C GLU A 74 -21.19 19.99 32.72
N ILE A 75 -20.59 19.08 31.95
CA ILE A 75 -19.75 18.02 32.53
C ILE A 75 -18.35 18.55 32.90
N GLY A 76 -18.03 19.75 32.41
CA GLY A 76 -16.83 20.48 32.80
C GLY A 76 -15.59 20.22 31.97
N LEU A 77 -15.76 19.69 30.76
CA LEU A 77 -14.63 19.29 29.91
C LEU A 77 -13.74 20.44 29.48
N HIS A 78 -14.34 21.62 29.26
CA HIS A 78 -13.61 22.82 28.86
C HIS A 78 -12.55 23.27 29.88
N ARG A 79 -12.69 22.80 31.12
CA ARG A 79 -11.78 23.17 32.20
C ARG A 79 -10.66 22.13 32.42
N ALA A 80 -10.51 21.24 31.43
CA ALA A 80 -9.49 20.17 31.42
C ALA A 80 -8.05 20.67 31.68
N PHE A 81 -7.67 21.74 31.00
CA PHE A 81 -6.30 22.25 31.09
C PHE A 81 -6.22 23.65 31.72
N GLN A 82 -7.33 24.10 32.28
CA GLN A 82 -7.37 25.32 33.07
C GLN A 82 -6.70 25.05 34.43
N PRO A 83 -5.87 26.00 34.90
CA PRO A 83 -5.22 25.87 36.22
C PRO A 83 -6.25 25.66 37.33
N LYS A 84 -5.87 24.82 38.30
CA LYS A 84 -6.72 24.51 39.46
C LYS A 84 -7.13 25.74 40.27
N VAL A 85 -6.26 26.75 40.34
CA VAL A 85 -6.56 27.99 41.08
C VAL A 85 -7.85 28.68 40.58
N TYR A 86 -8.14 28.53 39.29
CA TYR A 86 -9.34 29.13 38.68
C TYR A 86 -10.54 28.19 38.64
N GLY A 87 -10.39 27.01 39.25
CA GLY A 87 -11.44 25.99 39.24
C GLY A 87 -11.25 24.93 38.18
N GLY A 88 -10.05 24.87 37.59
CA GLY A 88 -9.73 23.90 36.55
C GLY A 88 -9.44 22.51 37.05
N LEU A 89 -9.43 21.55 36.13
CA LEU A 89 -9.25 20.14 36.47
C LEU A 89 -7.79 19.71 36.44
N GLU A 90 -7.03 20.30 35.52
CA GLU A 90 -5.68 19.86 35.17
C GLU A 90 -5.63 18.35 34.87
N MET A 91 -6.46 17.93 33.91
CA MET A 91 -6.48 16.55 33.43
C MET A 91 -5.15 16.20 32.79
N SER A 92 -4.79 14.93 32.87
CA SER A 92 -3.62 14.42 32.16
C SER A 92 -3.93 14.44 30.66
N LEU A 93 -2.89 14.57 29.83
CA LEU A 93 -3.10 14.49 28.37
C LEU A 93 -3.79 13.17 27.89
N PRO A 94 -3.34 11.99 28.38
CA PRO A 94 -4.03 10.76 27.97
C PRO A 94 -5.54 10.77 28.26
N ASP A 95 -5.94 11.25 29.43
CA ASP A 95 -7.34 11.22 29.85
C ASP A 95 -8.19 12.17 29.00
N PHE A 96 -7.68 13.39 28.81
CA PHE A 96 -8.32 14.35 27.94
C PHE A 96 -8.42 13.84 26.48
N ALA A 97 -7.31 13.35 25.94
CA ALA A 97 -7.28 12.86 24.56
C ALA A 97 -8.29 11.74 24.30
N ASN A 98 -8.45 10.82 25.27
CA ASN A 98 -9.45 9.77 25.18
C ASN A 98 -10.90 10.30 25.17
N CYS A 99 -11.14 11.42 25.85
CA CYS A 99 -12.46 12.07 25.84
C CYS A 99 -12.77 12.64 24.46
N ILE A 100 -11.75 13.24 23.84
CA ILE A 100 -11.87 13.77 22.48
C ILE A 100 -12.08 12.66 21.44
N VAL A 101 -11.37 11.54 21.61
CA VAL A 101 -11.56 10.34 20.79
C VAL A 101 -13.01 9.86 20.84
N THR A 102 -13.53 9.66 22.05
CA THR A 102 -14.90 9.20 22.26
C THR A 102 -15.90 10.19 21.65
N LEU A 103 -15.71 11.47 21.93
CA LEU A 103 -16.55 12.53 21.39
C LEU A 103 -16.58 12.57 19.85
N ALA A 104 -15.42 12.42 19.22
CA ALA A 104 -15.30 12.37 17.76
C ALA A 104 -16.05 11.24 17.08
N GLY A 105 -16.33 10.17 17.82
CA GLY A 105 -17.21 9.09 17.32
C GLY A 105 -18.65 9.52 17.09
N ALA A 106 -19.10 10.52 17.85
CA ALA A 106 -20.47 11.05 17.74
C ALA A 106 -20.57 12.18 16.72
N CYS A 107 -19.62 13.12 16.81
CA CYS A 107 -19.59 14.31 15.95
C CYS A 107 -18.14 14.81 15.89
N ALA A 108 -17.52 14.65 14.73
CA ALA A 108 -16.10 14.97 14.56
C ALA A 108 -15.81 16.47 14.65
N GLY A 109 -16.67 17.26 14.04
CA GLY A 109 -16.58 18.73 14.08
C GLY A 109 -16.73 19.30 15.48
N THR A 110 -17.67 18.76 16.25
CA THR A 110 -17.81 19.11 17.66
C THR A 110 -16.53 18.80 18.43
N ALA A 111 -16.04 17.57 18.28
CA ALA A 111 -14.82 17.12 18.97
C ALA A 111 -13.59 17.96 18.59
N TRP A 112 -13.43 18.18 17.29
CA TRP A 112 -12.35 19.01 16.75
C TRP A 112 -12.40 20.46 17.29
N ALA A 113 -13.55 21.12 17.16
CA ALA A 113 -13.72 22.48 17.69
C ALA A 113 -13.58 22.55 19.21
N PHE A 114 -14.22 21.61 19.92
CA PHE A 114 -14.21 21.65 21.38
C PHE A 114 -12.85 21.31 21.96
N SER A 115 -12.13 20.40 21.30
CA SER A 115 -10.77 20.04 21.69
C SER A 115 -9.89 21.27 21.71
N LEU A 116 -9.97 22.08 20.68
CA LEU A 116 -9.20 23.32 20.60
C LEU A 116 -9.62 24.36 21.66
N LEU A 117 -10.93 24.50 21.89
CA LEU A 117 -11.41 25.35 22.98
C LEU A 117 -10.79 24.93 24.31
N CYS A 118 -10.58 23.61 24.46
CA CYS A 118 -9.97 23.07 25.67
C CYS A 118 -8.46 23.27 25.72
N THR A 119 -7.77 22.94 24.62
CA THR A 119 -6.30 22.98 24.64
C THR A 119 -5.75 24.41 24.71
N HIS A 120 -6.53 25.39 24.26
CA HIS A 120 -6.11 26.78 24.33
C HIS A 120 -5.88 27.26 25.77
N SER A 121 -6.67 26.74 26.71
CA SER A 121 -6.50 27.03 28.12
C SER A 121 -5.15 26.61 28.68
N HIS A 122 -4.57 25.53 28.14
CA HIS A 122 -3.22 25.07 28.52
C HIS A 122 -2.20 26.14 28.16
N GLN A 123 -2.39 26.74 26.99
CA GLN A 123 -1.53 27.77 26.45
C GLN A 123 -1.66 29.07 27.27
N ILE A 124 -2.90 29.51 27.45
CA ILE A 124 -3.23 30.67 28.27
C ILE A 124 -2.60 30.59 29.66
N ALA A 125 -2.49 29.38 30.20
CA ALA A 125 -1.87 29.14 31.50
C ALA A 125 -0.37 29.45 31.54
N MET A 126 0.22 29.68 30.37
CA MET A 126 1.63 30.06 30.26
C MET A 126 1.83 31.57 30.04
N PHE A 127 0.72 32.29 29.83
CA PHE A 127 0.75 33.75 29.77
C PHE A 127 0.85 34.30 31.21
N SER A 128 0.95 35.62 31.33
CA SER A 128 1.06 36.27 32.63
C SER A 128 -0.16 36.00 33.52
N LYS A 129 0.07 35.99 34.83
CA LYS A 129 -1.02 35.90 35.81
C LYS A 129 -2.12 36.94 35.58
N GLN A 130 -1.71 38.14 35.14
CA GLN A 130 -2.63 39.24 34.89
C GLN A 130 -3.63 38.94 33.79
N LEU A 131 -3.17 38.37 32.68
CA LEU A 131 -4.06 37.96 31.59
C LEU A 131 -5.02 36.85 32.06
N GLN A 132 -4.50 35.88 32.80
CA GLN A 132 -5.29 34.75 33.27
C GLN A 132 -6.36 35.20 34.26
N ASP A 133 -5.97 36.04 35.21
CA ASP A 133 -6.91 36.73 36.13
C ASP A 133 -8.01 37.46 35.36
N GLU A 134 -7.59 38.23 34.36
CA GLU A 134 -8.48 39.00 33.50
C GLU A 134 -9.49 38.12 32.76
N ILE A 135 -9.06 36.95 32.30
CA ILE A 135 -9.95 36.02 31.61
C ILE A 135 -10.85 35.25 32.59
N TRP A 136 -10.25 34.65 33.61
CA TRP A 136 -10.93 33.62 34.40
C TRP A 136 -11.55 34.04 35.75
N LEU A 137 -11.07 35.13 36.34
CA LEU A 137 -11.71 35.65 37.56
C LEU A 137 -13.05 36.27 37.18
N LYS A 138 -13.04 36.96 36.03
CA LYS A 138 -14.23 37.49 35.37
C LYS A 138 -15.24 36.37 35.05
N ASP A 139 -14.77 35.36 34.32
CA ASP A 139 -15.61 34.26 33.86
C ASP A 139 -14.79 32.96 33.85
N PRO A 140 -15.01 32.09 34.87
CA PRO A 140 -14.27 30.83 35.00
C PRO A 140 -14.52 29.84 33.85
N ASP A 141 -15.61 30.04 33.12
CA ASP A 141 -16.01 29.17 32.02
C ASP A 141 -15.62 29.71 30.65
N ALA A 142 -14.86 30.81 30.63
CA ALA A 142 -14.44 31.46 29.39
C ALA A 142 -13.38 30.63 28.67
N THR A 143 -13.50 30.58 27.34
CA THR A 143 -12.54 29.87 26.49
C THR A 143 -12.07 30.76 25.34
N ALA A 144 -10.98 30.34 24.70
CA ALA A 144 -10.47 30.98 23.49
C ALA A 144 -10.54 30.05 22.28
N SER A 145 -10.78 30.63 21.11
CA SER A 145 -10.50 29.95 19.85
C SER A 145 -9.16 30.49 19.35
N SER A 146 -8.71 30.05 18.18
CA SER A 146 -7.45 30.54 17.65
C SER A 146 -7.37 30.52 16.14
N SER A 147 -6.37 31.23 15.65
CA SER A 147 -5.94 31.22 14.26
C SER A 147 -4.47 31.61 14.35
N ILE A 148 -3.60 30.63 14.19
CA ILE A 148 -2.21 30.74 14.61
C ILE A 148 -1.20 31.01 13.49
N ALA A 149 -1.62 30.85 12.23
CA ALA A 149 -0.75 31.14 11.09
C ALA A 149 -0.54 32.65 11.00
N PRO A 150 0.74 33.09 11.00
CA PRO A 150 1.08 34.51 11.12
C PRO A 150 0.85 35.34 9.86
N PHE A 151 -0.41 35.49 9.47
CA PHE A 151 -0.76 36.25 8.27
C PHE A 151 -1.00 37.74 8.53
N GLY A 152 -1.17 38.10 9.80
CA GLY A 152 -1.45 39.48 10.17
C GLY A 152 -0.28 40.42 9.99
N LYS A 153 -0.60 41.69 9.72
CA LYS A 153 0.40 42.74 9.63
C LYS A 153 0.53 43.45 10.98
N VAL A 154 1.77 43.61 11.44
CA VAL A 154 2.04 44.12 12.78
C VAL A 154 2.74 45.47 12.76
N GLU A 155 2.17 46.43 13.48
CA GLU A 155 2.79 47.72 13.73
C GLU A 155 3.24 47.79 15.19
N GLU A 156 4.53 47.98 15.39
CA GLU A 156 5.07 48.21 16.73
C GLU A 156 4.71 49.63 17.19
N VAL A 157 3.82 49.72 18.16
CA VAL A 157 3.52 50.97 18.85
C VAL A 157 4.08 50.81 20.25
N GLU A 158 3.86 51.78 21.14
CA GLU A 158 4.38 51.61 22.49
C GLU A 158 3.39 50.97 23.47
N GLY A 159 3.91 50.04 24.27
CA GLY A 159 3.09 49.23 25.17
C GLY A 159 2.44 48.05 24.48
N GLY A 160 2.83 47.79 23.23
CA GLY A 160 2.31 46.64 22.48
C GLY A 160 2.39 46.77 20.97
N ILE A 161 1.41 46.19 20.29
CA ILE A 161 1.34 46.21 18.82
C ILE A 161 -0.06 46.56 18.32
N ILE A 162 -0.13 46.93 17.05
CA ILE A 162 -1.40 47.03 16.33
C ILE A 162 -1.40 45.94 15.27
N LEU A 163 -2.45 45.13 15.27
CA LEU A 163 -2.55 44.00 14.35
C LEU A 163 -3.73 44.14 13.38
N ASN A 164 -3.44 43.90 12.10
CA ASN A 164 -4.44 43.85 11.06
C ASN A 164 -4.35 42.53 10.33
N GLY A 165 -5.50 41.96 9.97
CA GLY A 165 -5.49 40.76 9.17
C GLY A 165 -6.75 39.94 9.22
N ASP A 166 -6.89 39.08 8.21
CA ASP A 166 -7.93 38.07 8.17
C ASP A 166 -7.33 36.80 8.74
N TYR A 167 -7.91 36.32 9.84
CA TYR A 167 -7.41 35.14 10.52
C TYR A 167 -8.37 33.97 10.37
N GLY A 168 -8.11 33.16 9.35
CA GLY A 168 -9.01 32.07 8.97
C GLY A 168 -8.98 30.85 9.87
N TRP A 169 -9.97 29.98 9.66
CA TRP A 169 -10.07 28.65 10.29
C TRP A 169 -9.98 28.65 11.81
N SER A 170 -10.88 29.39 12.44
CA SER A 170 -10.94 29.43 13.90
C SER A 170 -12.06 28.54 14.39
N SER A 171 -11.77 27.26 14.56
CA SER A 171 -12.74 26.27 15.01
C SER A 171 -13.32 26.69 16.37
N GLY A 172 -14.63 26.58 16.49
CA GLY A 172 -15.35 26.90 17.72
C GLY A 172 -15.44 28.38 18.05
N CYS A 173 -15.09 29.25 17.09
CA CYS A 173 -14.99 30.69 17.34
C CYS A 173 -16.29 31.37 17.77
N ASP A 174 -17.44 30.87 17.31
CA ASP A 174 -18.75 31.40 17.70
C ASP A 174 -19.02 31.23 19.19
N HIS A 175 -18.32 30.27 19.80
CA HIS A 175 -18.56 29.90 21.20
C HIS A 175 -17.47 30.35 22.16
N ALA A 176 -16.45 31.02 21.65
CA ALA A 176 -15.35 31.51 22.47
C ALA A 176 -15.52 32.98 22.85
N GLU A 177 -14.99 33.35 24.01
CA GLU A 177 -14.98 34.74 24.48
C GLU A 177 -13.70 35.48 24.10
N TYR A 178 -12.68 34.71 23.69
CA TYR A 178 -11.38 35.26 23.32
C TYR A 178 -10.82 34.52 22.11
N ALA A 179 -9.81 35.11 21.47
CA ALA A 179 -9.09 34.45 20.41
C ALA A 179 -7.59 34.55 20.65
N ILE A 180 -6.88 33.47 20.36
CA ILE A 180 -5.42 33.52 20.31
C ILE A 180 -4.98 33.62 18.85
N VAL A 181 -4.15 34.62 18.59
CA VAL A 181 -3.81 35.00 17.25
C VAL A 181 -2.30 34.98 17.07
N GLY A 182 -1.84 34.40 15.96
CA GLY A 182 -0.41 34.27 15.70
C GLY A 182 0.09 35.36 14.78
N PHE A 183 1.27 35.89 15.08
CA PHE A 183 1.90 36.93 14.25
C PHE A 183 3.41 36.95 14.43
N ASN A 184 4.11 37.46 13.43
CA ASN A 184 5.55 37.66 13.52
C ASN A 184 5.91 39.07 13.95
N ARG A 185 6.71 39.18 15.01
CA ARG A 185 7.35 40.44 15.37
C ARG A 185 8.80 40.34 14.89
N PHE A 186 9.53 41.45 14.93
CA PHE A 186 10.89 41.40 14.40
C PHE A 186 11.97 41.89 15.35
N ASP A 187 13.08 41.12 15.36
CA ASP A 187 14.29 41.38 16.14
C ASP A 187 14.88 42.76 15.99
N ALA A 188 15.61 43.18 17.07
CA ALA A 188 16.73 44.25 16.80
C ALA A 188 17.38 44.06 15.41
N ASP A 189 17.56 42.81 14.98
CA ASP A 189 18.24 42.50 13.72
C ASP A 189 17.36 41.99 12.56
N GLY A 190 16.04 42.02 12.76
CA GLY A 190 15.09 41.71 11.69
C GLY A 190 14.73 40.25 11.53
N ASN A 191 15.09 39.42 12.50
CA ASN A 191 14.68 38.02 12.52
C ASN A 191 13.26 37.85 13.08
N LYS A 192 12.50 36.92 12.52
CA LYS A 192 11.11 36.68 12.93
C LYS A 192 11.03 36.23 14.39
N ILE A 193 10.12 36.85 15.12
CA ILE A 193 9.78 36.41 16.47
C ILE A 193 8.31 35.99 16.48
N TYR A 194 8.07 34.69 16.32
CA TYR A 194 6.71 34.15 16.26
C TYR A 194 6.05 34.29 17.63
N SER A 195 4.93 35.01 17.66
CA SER A 195 4.28 35.41 18.90
C SER A 195 2.78 35.15 18.87
N PHE A 196 2.19 35.03 20.05
CA PHE A 196 0.75 34.86 20.20
C PHE A 196 0.15 36.01 21.00
N GLY A 197 -1.00 36.50 20.56
CA GLY A 197 -1.73 37.53 21.28
C GLY A 197 -3.12 37.05 21.64
N VAL A 198 -3.53 37.27 22.88
CA VAL A 198 -4.90 36.98 23.31
C VAL A 198 -5.76 38.25 23.29
N ILE A 199 -6.84 38.21 22.52
CA ILE A 199 -7.71 39.35 22.31
C ILE A 199 -9.17 38.99 22.66
N PRO A 200 -9.94 39.97 23.18
CA PRO A 200 -11.35 39.69 23.49
C PRO A 200 -12.26 39.67 22.27
N ARG A 201 -13.38 38.95 22.38
CA ARG A 201 -14.39 38.83 21.33
C ARG A 201 -14.82 40.18 20.72
N SER A 202 -14.81 41.24 21.53
CA SER A 202 -15.18 42.59 21.08
C SER A 202 -14.17 43.24 20.12
N ASP A 203 -12.97 42.66 20.04
CA ASP A 203 -11.90 43.22 19.20
C ASP A 203 -11.86 42.70 17.77
N TYR A 204 -12.72 41.74 17.45
CA TYR A 204 -12.74 41.16 16.11
C TYR A 204 -14.15 40.79 15.64
N GLU A 205 -14.30 40.72 14.32
CA GLU A 205 -15.54 40.28 13.68
C GLU A 205 -15.37 38.84 13.20
N ILE A 206 -16.35 37.99 13.50
CA ILE A 206 -16.41 36.65 12.91
C ILE A 206 -17.09 36.75 11.54
N VAL A 207 -16.31 36.54 10.49
CA VAL A 207 -16.83 36.49 9.13
C VAL A 207 -17.15 35.04 8.76
N ASP A 208 -18.40 34.79 8.40
CA ASP A 208 -18.84 33.44 8.10
C ASP A 208 -18.55 33.02 6.65
N ASN A 209 -17.34 32.50 6.45
CA ASN A 209 -16.93 31.98 5.16
C ASN A 209 -16.68 30.47 5.22
N TRP A 210 -17.21 29.84 6.27
CA TRP A 210 -16.97 28.42 6.52
C TRP A 210 -17.88 27.52 5.69
N TYR A 211 -17.42 27.23 4.47
CA TYR A 211 -18.13 26.34 3.56
C TYR A 211 -17.17 25.25 3.11
N ALA A 212 -17.21 24.14 3.85
CA ALA A 212 -16.25 23.05 3.69
C ALA A 212 -16.93 21.71 3.47
N GLN A 213 -16.13 20.72 3.10
CA GLN A 213 -16.62 19.37 2.81
C GLN A 213 -16.33 18.35 3.91
N ALA A 214 -15.85 18.84 5.04
CA ALA A 214 -15.56 17.98 6.18
C ALA A 214 -15.59 18.81 7.45
N ILE A 215 -15.72 18.14 8.60
CA ILE A 215 -15.85 18.78 9.92
C ILE A 215 -16.67 20.09 9.85
N LYS A 216 -17.80 20.02 9.14
CA LYS A 216 -18.62 21.20 8.86
C LYS A 216 -19.07 21.87 10.15
N SER A 217 -19.40 21.04 11.14
CA SER A 217 -19.88 21.50 12.44
C SER A 217 -18.80 22.11 13.32
N SER A 218 -17.57 22.19 12.85
CA SER A 218 -16.50 22.80 13.65
C SER A 218 -16.65 24.32 13.71
N GLY A 219 -17.35 24.88 12.73
CA GLY A 219 -17.57 26.34 12.66
C GLY A 219 -16.25 27.08 12.57
N SER A 220 -15.40 26.64 11.64
CA SER A 220 -14.05 27.16 11.49
C SER A 220 -14.06 28.43 10.64
N LYS A 221 -14.81 29.41 11.11
CA LYS A 221 -14.97 30.69 10.42
C LYS A 221 -13.74 31.58 10.59
N MET A 222 -13.75 32.72 9.93
CA MET A 222 -12.61 33.62 9.91
C MET A 222 -12.77 34.77 10.91
N LEU A 223 -11.66 35.18 11.51
CA LEU A 223 -11.64 36.34 12.40
C LEU A 223 -11.04 37.56 11.71
N LYS A 224 -11.82 38.63 11.62
CA LYS A 224 -11.36 39.86 10.98
C LYS A 224 -10.86 40.86 12.01
N LEU A 225 -9.59 41.21 11.91
CA LEU A 225 -8.94 42.12 12.83
C LEU A 225 -8.62 43.43 12.12
N VAL A 226 -9.23 44.50 12.60
CA VAL A 226 -9.00 45.85 12.06
C VAL A 226 -8.39 46.73 13.15
N ASN A 227 -7.12 47.10 12.95
CA ASN A 227 -6.35 47.92 13.88
C ASN A 227 -6.56 47.52 15.35
N VAL A 228 -6.30 46.25 15.63
CA VAL A 228 -6.48 45.72 16.98
C VAL A 228 -5.22 46.00 17.79
N PHE A 229 -5.39 46.72 18.90
CA PHE A 229 -4.28 46.96 19.80
C PHE A 229 -4.16 45.81 20.77
N ILE A 230 -2.99 45.20 20.80
CA ILE A 230 -2.69 44.17 21.77
C ILE A 230 -1.57 44.67 22.69
N PRO A 231 -1.89 44.86 23.97
CA PRO A 231 -0.88 45.23 24.97
C PRO A 231 0.12 44.12 25.24
N GLU A 232 1.35 44.50 25.58
CA GLU A 232 2.48 43.59 25.80
C GLU A 232 2.18 42.40 26.73
N TYR A 233 1.40 42.64 27.79
CA TYR A 233 1.11 41.61 28.77
C TYR A 233 0.17 40.52 28.22
N ARG A 234 -0.39 40.76 27.03
CA ARG A 234 -1.24 39.77 26.36
C ARG A 234 -0.55 39.16 25.13
N ILE A 235 0.78 39.32 25.07
CA ILE A 235 1.61 38.75 24.01
C ILE A 235 2.66 37.81 24.61
N SER A 236 2.75 36.59 24.09
CA SER A 236 3.80 35.64 24.47
C SER A 236 4.54 35.15 23.23
N LYS A 237 5.85 34.98 23.36
CA LYS A 237 6.66 34.32 22.34
C LYS A 237 6.36 32.82 22.33
N ALA A 238 6.20 32.26 21.13
CA ALA A 238 5.96 30.82 20.96
C ALA A 238 7.10 29.99 21.54
N LYS A 239 8.34 30.40 21.25
CA LYS A 239 9.54 29.71 21.71
C LYS A 239 9.64 29.69 23.24
N ASP A 240 9.18 30.76 23.88
CA ASP A 240 9.12 30.84 25.34
C ASP A 240 8.18 29.79 25.93
N MET A 241 7.07 29.55 25.24
CA MET A 241 6.06 28.58 25.66
C MET A 241 6.43 27.14 25.27
N MET A 242 7.47 27.00 24.44
CA MET A 242 8.03 25.69 24.13
C MET A 242 9.09 25.31 25.15
N GLU A 243 9.72 26.33 25.76
CA GLU A 243 10.94 26.14 26.55
C GLU A 243 10.84 26.53 28.02
N GLY A 244 9.63 26.81 28.50
CA GLY A 244 9.42 27.20 29.89
C GLY A 244 10.04 28.54 30.26
N LYS A 245 9.82 29.54 29.40
CA LYS A 245 10.44 30.85 29.59
C LYS A 245 9.42 32.00 29.48
N SER A 246 8.14 31.64 29.36
CA SER A 246 7.08 32.64 29.24
C SER A 246 6.73 33.25 30.60
N ALA A 247 5.89 34.27 30.59
CA ALA A 247 5.57 35.05 31.78
C ALA A 247 4.89 34.23 32.87
N GLY A 248 4.15 33.21 32.45
CA GLY A 248 3.41 32.35 33.37
C GLY A 248 4.16 31.13 33.90
N PHE A 249 5.41 30.95 33.48
CA PHE A 249 6.21 29.83 33.98
C PHE A 249 6.40 29.92 35.48
N GLY A 250 6.22 28.80 36.17
CA GLY A 250 6.41 28.71 37.61
C GLY A 250 5.24 29.16 38.46
N LEU A 251 4.14 29.54 37.82
CA LEU A 251 2.94 29.98 38.53
C LEU A 251 2.28 28.85 39.32
N TYR A 252 2.36 27.64 38.78
CA TYR A 252 1.66 26.49 39.35
C TYR A 252 2.66 25.35 39.64
N PRO A 253 3.38 25.44 40.77
CA PRO A 253 4.52 24.57 41.08
C PRO A 253 4.13 23.12 41.36
N ASP A 254 2.85 22.87 41.64
CA ASP A 254 2.35 21.52 41.88
C ASP A 254 1.74 20.90 40.62
N SER A 255 1.72 21.65 39.53
CA SER A 255 1.08 21.20 38.29
C SER A 255 1.82 20.06 37.61
N LYS A 256 1.05 19.07 37.18
CA LYS A 256 1.60 17.94 36.43
C LYS A 256 1.53 18.18 34.92
N ILE A 257 1.02 19.34 34.50
CA ILE A 257 0.78 19.60 33.08
C ILE A 257 1.37 20.89 32.49
N PHE A 258 1.66 21.88 33.31
CA PHE A 258 2.11 23.18 32.76
C PHE A 258 3.62 23.31 32.51
N TYR A 259 4.41 22.42 33.09
CA TYR A 259 5.86 22.42 32.87
C TYR A 259 6.20 21.53 31.68
N THR A 260 5.86 22.00 30.49
CA THR A 260 5.90 21.22 29.26
C THR A 260 5.74 22.20 28.09
N PRO A 261 6.25 21.85 26.89
CA PRO A 261 5.98 22.65 25.67
C PRO A 261 4.49 22.77 25.37
N TYR A 262 4.06 23.96 24.96
CA TYR A 262 2.65 24.26 24.69
C TYR A 262 2.11 23.49 23.48
N ARG A 263 2.91 23.42 22.41
CA ARG A 263 2.42 22.94 21.10
C ARG A 263 1.87 21.50 21.07
N PRO A 264 2.59 20.54 21.70
CA PRO A 264 2.06 19.17 21.79
C PRO A 264 0.68 19.03 22.41
N TYR A 265 0.36 19.88 23.39
CA TYR A 265 -0.99 19.90 23.95
C TYR A 265 -1.98 20.62 23.03
N PHE A 266 -1.56 21.77 22.51
CA PHE A 266 -2.39 22.52 21.55
C PHE A 266 -2.93 21.63 20.44
N ALA A 267 -2.01 20.85 19.84
CA ALA A 267 -2.30 20.11 18.64
C ALA A 267 -2.65 18.63 18.87
N SER A 268 -2.84 18.24 20.13
CA SER A 268 -3.13 16.83 20.49
C SER A 268 -4.49 16.32 20.01
N GLY A 269 -5.40 17.23 19.71
CA GLY A 269 -6.78 16.85 19.39
C GLY A 269 -7.00 16.37 17.97
N PHE A 270 -6.12 16.76 17.04
CA PHE A 270 -6.28 16.41 15.64
C PHE A 270 -6.24 14.88 15.43
N SER A 271 -5.26 14.22 16.05
CA SER A 271 -5.11 12.78 15.94
C SER A 271 -6.08 12.01 16.82
N ALA A 272 -6.47 12.61 17.95
CA ALA A 272 -7.55 12.05 18.78
C ALA A 272 -8.88 11.97 18.02
N VAL A 273 -9.23 13.05 17.32
CA VAL A 273 -10.41 13.08 16.44
C VAL A 273 -10.31 12.03 15.34
N SER A 274 -9.13 11.91 14.73
CA SER A 274 -8.89 10.90 13.70
C SER A 274 -9.12 9.50 14.24
N LEU A 275 -8.56 9.20 15.41
CA LEU A 275 -8.75 7.90 16.06
C LEU A 275 -10.23 7.57 16.33
N GLY A 276 -10.98 8.57 16.81
CA GLY A 276 -12.38 8.40 17.19
C GLY A 276 -13.28 8.16 15.99
N ILE A 277 -13.02 8.90 14.91
CA ILE A 277 -13.67 8.66 13.62
C ILE A 277 -13.42 7.23 13.13
N ALA A 278 -12.15 6.81 13.16
CA ALA A 278 -11.74 5.49 12.69
C ALA A 278 -12.35 4.35 13.49
N GLU A 279 -12.38 4.51 14.82
CA GLU A 279 -13.01 3.53 15.70
C GLU A 279 -14.53 3.46 15.49
N ARG A 280 -15.16 4.61 15.27
CA ARG A 280 -16.58 4.65 14.93
C ARG A 280 -16.87 4.04 13.56
N MET A 281 -16.01 4.32 12.58
CA MET A 281 -16.14 3.77 11.22
C MET A 281 -16.17 2.24 11.23
N ILE A 282 -15.30 1.64 12.05
CA ILE A 282 -15.31 0.17 12.20
C ILE A 282 -16.65 -0.32 12.72
N GLU A 283 -17.14 0.33 13.77
CA GLU A 283 -18.45 -0.02 14.36
C GLU A 283 -19.60 0.18 13.38
N ALA A 284 -19.65 1.35 12.76
CA ALA A 284 -20.69 1.67 11.77
C ALA A 284 -20.67 0.70 10.60
N PHE A 285 -19.48 0.38 10.09
CA PHE A 285 -19.35 -0.57 8.99
C PHE A 285 -19.83 -1.96 9.39
N LYS A 286 -19.46 -2.39 10.59
CA LYS A 286 -19.93 -3.68 11.13
C LYS A 286 -21.45 -3.76 11.23
N GLU A 287 -22.07 -2.67 11.68
CA GLU A 287 -23.53 -2.57 11.80
C GLU A 287 -24.23 -2.71 10.44
N LYS A 288 -23.73 -1.99 9.44
CA LYS A 288 -24.29 -2.02 8.09
C LYS A 288 -24.05 -3.36 7.39
N GLN A 289 -22.95 -4.00 7.73
CA GLN A 289 -22.53 -5.22 7.05
C GLN A 289 -23.39 -6.43 7.38
N ARG A 290 -23.84 -6.54 8.63
CA ARG A 290 -24.60 -7.71 9.09
C ARG A 290 -25.68 -8.16 8.09
N ASN A 291 -26.46 -7.21 7.60
CA ASN A 291 -27.64 -7.49 6.75
C ASN A 291 -27.46 -7.22 5.26
N ARG A 292 -26.22 -6.95 4.85
CA ARG A 292 -25.86 -6.63 3.46
C ARG A 292 -26.29 -7.73 2.47
N VAL A 293 -27.22 -7.42 1.58
CA VAL A 293 -27.60 -8.34 0.51
C VAL A 293 -27.11 -7.83 -0.85
N ARG A 294 -26.69 -8.76 -1.72
CA ARG A 294 -26.31 -8.42 -3.09
C ARG A 294 -27.52 -7.98 -3.89
N ALA A 295 -27.42 -6.80 -4.50
CA ALA A 295 -28.46 -6.27 -5.38
C ALA A 295 -28.57 -7.12 -6.66
N TYR A 296 -27.43 -7.67 -7.09
CA TYR A 296 -27.34 -8.42 -8.33
C TYR A 296 -27.91 -9.84 -8.24
N THR A 297 -27.67 -10.52 -7.10
CA THR A 297 -28.00 -11.94 -6.96
C THR A 297 -29.04 -12.24 -5.87
N GLY A 298 -29.00 -11.49 -4.78
CA GLY A 298 -29.94 -11.65 -3.66
C GLY A 298 -29.38 -12.37 -2.45
N ALA A 299 -28.12 -12.79 -2.52
CA ALA A 299 -27.48 -13.57 -1.46
C ALA A 299 -27.12 -12.72 -0.24
N ASN A 300 -27.23 -13.31 0.94
CA ASN A 300 -26.80 -12.63 2.17
C ASN A 300 -25.28 -12.63 2.27
N VAL A 301 -24.70 -11.45 2.07
CA VAL A 301 -23.29 -11.32 1.75
C VAL A 301 -22.48 -10.60 2.85
N GLY A 302 -23.19 -10.16 3.89
CA GLY A 302 -22.58 -9.42 5.00
C GLY A 302 -21.41 -10.09 5.69
N LEU A 303 -21.47 -11.42 5.80
CA LEU A 303 -20.41 -12.19 6.45
C LEU A 303 -19.47 -12.90 5.48
N ALA A 304 -19.34 -12.37 4.26
CA ALA A 304 -18.40 -12.92 3.29
C ALA A 304 -16.94 -12.64 3.70
N THR A 305 -16.04 -13.53 3.30
CA THR A 305 -14.63 -13.50 3.70
C THR A 305 -13.90 -12.17 3.42
N PRO A 306 -13.98 -11.62 2.18
CA PRO A 306 -13.28 -10.35 1.94
C PRO A 306 -13.67 -9.24 2.93
N ALA A 307 -14.95 -9.13 3.26
CA ALA A 307 -15.45 -8.11 4.18
C ALA A 307 -14.97 -8.32 5.62
N LEU A 308 -14.91 -9.59 6.04
CA LEU A 308 -14.42 -9.96 7.37
C LEU A 308 -12.94 -9.63 7.55
N MET A 309 -12.17 -9.81 6.48
CA MET A 309 -10.73 -9.54 6.52
C MET A 309 -10.44 -8.03 6.52
N ARG A 310 -11.26 -7.26 5.80
CA ARG A 310 -11.15 -5.80 5.83
C ARG A 310 -11.47 -5.27 7.23
N ILE A 311 -12.53 -5.82 7.82
CA ILE A 311 -12.94 -5.47 9.18
C ILE A 311 -11.81 -5.74 10.19
N ALA A 312 -11.22 -6.93 10.10
CA ALA A 312 -10.10 -7.32 10.93
C ALA A 312 -8.84 -6.46 10.73
N GLU A 313 -8.46 -6.22 9.47
CA GLU A 313 -7.25 -5.44 9.19
C GLU A 313 -7.39 -3.99 9.62
N SER A 314 -8.56 -3.39 9.38
CA SER A 314 -8.82 -2.04 9.86
C SER A 314 -8.87 -2.00 11.39
N THR A 315 -9.36 -3.07 12.00
CA THR A 315 -9.35 -3.19 13.46
C THR A 315 -7.91 -3.23 13.99
N HIS A 316 -7.08 -4.06 13.38
CA HIS A 316 -5.65 -4.13 13.73
C HIS A 316 -4.92 -2.81 13.50
N GLN A 317 -5.15 -2.19 12.34
CA GLN A 317 -4.49 -0.94 12.02
C GLN A 317 -4.83 0.19 12.99
N VAL A 318 -6.11 0.37 13.32
CA VAL A 318 -6.43 1.42 14.29
C VAL A 318 -6.09 1.07 15.75
N ALA A 319 -6.05 -0.23 16.08
CA ALA A 319 -5.54 -0.69 17.37
C ALA A 319 -4.05 -0.36 17.53
N ALA A 320 -3.29 -0.50 16.43
CA ALA A 320 -1.88 -0.14 16.42
C ALA A 320 -1.67 1.36 16.50
N ALA A 321 -2.56 2.11 15.83
CA ALA A 321 -2.57 3.56 15.91
C ALA A 321 -2.90 4.03 17.33
N ARG A 322 -3.93 3.42 17.93
CA ARG A 322 -4.29 3.70 19.32
C ARG A 322 -3.13 3.38 20.26
N ALA A 323 -2.50 2.22 20.09
CA ALA A 323 -1.36 1.82 20.91
C ALA A 323 -0.21 2.82 20.81
N LEU A 324 0.11 3.27 19.60
CA LEU A 324 1.16 4.29 19.39
C LEU A 324 0.79 5.62 20.05
N LEU A 325 -0.48 6.03 19.91
CA LEU A 325 -0.95 7.26 20.55
C LEU A 325 -0.94 7.18 22.07
N GLU A 326 -1.40 6.05 22.62
CA GLU A 326 -1.41 5.84 24.06
C GLU A 326 -0.01 5.89 24.67
N LYS A 327 0.95 5.25 24.00
CA LYS A 327 2.35 5.28 24.42
C LYS A 327 2.91 6.70 24.36
N THR A 328 2.58 7.43 23.30
CA THR A 328 3.01 8.82 23.15
C THR A 328 2.39 9.75 24.20
N TRP A 329 1.08 9.61 24.46
CA TRP A 329 0.41 10.38 25.51
C TRP A 329 0.98 10.13 26.91
N GLU A 330 1.32 8.88 27.18
CA GLU A 330 1.96 8.46 28.42
C GLU A 330 3.33 9.11 28.58
N ASP A 331 4.09 9.16 27.50
CA ASP A 331 5.37 9.87 27.47
C ASP A 331 5.22 11.37 27.80
N HIS A 332 4.18 12.01 27.25
CA HIS A 332 3.83 13.40 27.61
C HIS A 332 3.49 13.52 29.09
N ARG A 333 2.66 12.59 29.59
CA ARG A 333 2.20 12.58 30.99
C ARG A 333 3.39 12.49 31.97
N ILE A 334 4.27 11.53 31.72
CA ILE A 334 5.51 11.35 32.49
C ILE A 334 6.41 12.59 32.49
N HIS A 335 6.62 13.21 31.33
CA HIS A 335 7.45 14.40 31.23
C HIS A 335 6.87 15.58 32.04
N GLY A 336 5.55 15.76 31.94
CA GLY A 336 4.85 16.80 32.69
C GLY A 336 4.86 16.58 34.19
N LEU A 337 4.73 15.31 34.60
CA LEU A 337 4.83 14.93 36.01
C LEU A 337 6.16 15.33 36.64
N ASN A 338 7.23 15.11 35.89
CA ASN A 338 8.58 15.36 36.35
C ASN A 338 9.02 16.79 36.08
N HIS A 339 8.16 17.60 35.46
CA HIS A 339 8.51 18.98 35.06
C HIS A 339 9.69 18.97 34.09
N GLN A 340 9.77 17.92 33.28
CA GLN A 340 10.90 17.67 32.41
C GLN A 340 10.57 18.06 30.98
N TYR A 341 11.31 19.04 30.46
CA TYR A 341 11.17 19.43 29.07
C TYR A 341 11.88 18.39 28.20
N PRO A 342 11.20 17.92 27.15
CA PRO A 342 11.73 16.82 26.33
C PRO A 342 12.99 17.21 25.57
N ASN A 343 13.88 16.25 25.35
CA ASN A 343 15.03 16.47 24.47
C ASN A 343 14.60 16.49 22.99
N LYS A 344 15.57 16.72 22.09
CA LYS A 344 15.29 16.87 20.65
C LYS A 344 14.63 15.64 20.05
N GLU A 345 15.14 14.45 20.41
CA GLU A 345 14.62 13.20 19.88
C GLU A 345 13.15 12.96 20.28
N THR A 346 12.82 13.09 21.57
CA THR A 346 11.42 12.86 21.98
C THR A 346 10.44 13.91 21.44
N LEU A 347 10.91 15.15 21.35
CA LEU A 347 10.16 16.22 20.74
C LEU A 347 9.77 15.91 19.29
N ALA A 348 10.74 15.39 18.51
CA ALA A 348 10.49 14.98 17.13
C ALA A 348 9.46 13.85 17.04
N PHE A 349 9.50 12.91 17.99
CA PHE A 349 8.49 11.85 18.07
C PHE A 349 7.10 12.38 18.46
N TRP A 350 7.05 13.26 19.46
CA TRP A 350 5.82 13.93 19.88
C TRP A 350 5.16 14.69 18.73
N ARG A 351 5.99 15.40 17.97
CA ARG A 351 5.56 16.18 16.82
C ARG A 351 4.96 15.31 15.71
N THR A 352 5.57 14.14 15.49
CA THR A 352 5.34 13.38 14.28
C THR A 352 4.50 12.11 14.44
N ASN A 353 4.58 11.47 15.62
CA ASN A 353 3.86 10.19 15.84
C ASN A 353 2.36 10.34 15.54
N GLN A 354 1.78 11.46 15.96
CA GLN A 354 0.35 11.71 15.77
C GLN A 354 -0.03 11.75 14.29
N ALA A 355 0.87 12.25 13.46
CA ALA A 355 0.63 12.32 12.02
C ALA A 355 0.68 10.92 11.40
N TYR A 356 1.58 10.08 11.89
CA TYR A 356 1.61 8.69 11.43
C TYR A 356 0.33 7.95 11.82
N ALA A 357 -0.11 8.16 13.06
CA ALA A 357 -1.37 7.62 13.55
C ALA A 357 -2.59 8.05 12.71
N VAL A 358 -2.63 9.33 12.33
CA VAL A 358 -3.69 9.87 11.48
C VAL A 358 -3.68 9.15 10.12
N LYS A 359 -2.48 8.97 9.57
CA LYS A 359 -2.28 8.27 8.30
C LYS A 359 -2.80 6.81 8.37
N MET A 360 -2.55 6.13 9.48
CA MET A 360 -3.03 4.77 9.70
C MET A 360 -4.56 4.73 9.81
N CYS A 361 -5.12 5.71 10.51
CA CYS A 361 -6.56 5.81 10.72
C CYS A 361 -7.32 6.04 9.42
N ILE A 362 -6.77 6.89 8.55
CA ILE A 362 -7.36 7.14 7.24
C ILE A 362 -7.29 5.91 6.33
N GLU A 363 -6.17 5.19 6.35
CA GLU A 363 -6.06 3.91 5.66
C GLU A 363 -7.11 2.91 6.09
N ALA A 364 -7.34 2.83 7.40
CA ALA A 364 -8.30 1.91 8.01
C ALA A 364 -9.74 2.26 7.63
N VAL A 365 -10.06 3.55 7.65
CA VAL A 365 -11.34 4.08 7.17
C VAL A 365 -11.53 3.82 5.67
N ASP A 366 -10.48 4.03 4.88
CA ASP A 366 -10.53 3.86 3.43
C ASP A 366 -10.73 2.41 3.03
N ARG A 367 -10.08 1.49 3.77
CA ARG A 367 -10.23 0.06 3.52
C ARG A 367 -11.69 -0.39 3.65
N LEU A 368 -12.43 0.23 4.57
CA LEU A 368 -13.82 -0.09 4.79
C LEU A 368 -14.75 0.64 3.82
N MET A 369 -14.49 1.92 3.57
CA MET A 369 -15.26 2.68 2.60
C MET A 369 -15.21 2.05 1.19
N ALA A 370 -14.07 1.48 0.84
CA ALA A 370 -13.88 0.85 -0.47
C ALA A 370 -14.78 -0.37 -0.66
N ALA A 371 -15.24 -0.95 0.44
CA ALA A 371 -16.08 -2.13 0.40
C ALA A 371 -17.53 -1.84 0.84
N ALA A 372 -17.85 -0.56 1.01
CA ALA A 372 -19.13 -0.15 1.61
C ALA A 372 -20.31 -0.01 0.63
N GLY A 373 -20.03 0.04 -0.66
CA GLY A 373 -21.10 0.12 -1.67
C GLY A 373 -21.63 1.52 -1.89
N ALA A 374 -22.47 1.67 -2.91
CA ALA A 374 -22.99 2.97 -3.34
C ALA A 374 -23.88 3.67 -2.31
N THR A 375 -24.61 2.90 -1.50
CA THR A 375 -25.50 3.49 -0.49
C THR A 375 -24.75 4.31 0.56
N SER A 376 -23.45 4.03 0.71
CA SER A 376 -22.61 4.70 1.70
C SER A 376 -22.20 6.12 1.32
N PHE A 377 -22.40 6.48 0.06
CA PHE A 377 -22.13 7.83 -0.42
C PHE A 377 -23.40 8.70 -0.50
N MET A 378 -24.52 8.14 -0.04
CA MET A 378 -25.77 8.90 0.09
C MET A 378 -25.73 9.75 1.35
N ASP A 379 -26.41 10.90 1.31
CA ASP A 379 -26.49 11.82 2.44
C ASP A 379 -27.05 11.17 3.71
N ASN A 380 -27.89 10.17 3.53
CA ASN A 380 -28.53 9.49 4.67
C ASN A 380 -27.65 8.42 5.33
N SER A 381 -26.43 8.27 4.83
CA SER A 381 -25.47 7.34 5.42
C SER A 381 -24.41 8.07 6.25
N GLU A 382 -24.14 7.52 7.42
CA GLU A 382 -23.13 8.03 8.34
C GLU A 382 -21.71 7.81 7.82
N LEU A 383 -21.51 6.72 7.08
CA LEU A 383 -20.19 6.31 6.58
C LEU A 383 -19.52 7.42 5.79
N GLN A 384 -20.31 8.02 4.91
CA GLN A 384 -19.91 9.15 4.08
C GLN A 384 -19.37 10.33 4.90
N ARG A 385 -20.02 10.63 6.04
CA ARG A 385 -19.58 11.69 6.94
C ARG A 385 -18.26 11.33 7.60
N LEU A 386 -18.14 10.07 8.04
CA LEU A 386 -16.95 9.56 8.71
C LEU A 386 -15.77 9.57 7.76
N PHE A 387 -16.03 9.15 6.52
CA PHE A 387 -15.05 9.14 5.44
C PHE A 387 -14.48 10.53 5.15
N ARG A 388 -15.36 11.52 4.96
CA ARG A 388 -14.94 12.91 4.70
C ARG A 388 -14.16 13.51 5.87
N ASP A 389 -14.69 13.34 7.08
CA ASP A 389 -14.10 13.90 8.28
C ASP A 389 -12.72 13.30 8.57
N ALA A 390 -12.59 12.00 8.36
CA ALA A 390 -11.32 11.29 8.50
C ALA A 390 -10.23 11.87 7.59
N HIS A 391 -10.55 12.06 6.31
CA HIS A 391 -9.60 12.64 5.37
C HIS A 391 -9.16 14.07 5.73
N MET A 392 -10.11 14.86 6.23
CA MET A 392 -9.83 16.20 6.73
C MET A 392 -8.82 16.21 7.90
N THR A 393 -8.82 15.19 8.74
CA THR A 393 -7.87 15.13 9.84
C THR A 393 -6.42 15.04 9.33
N GLY A 394 -6.25 14.49 8.12
CA GLY A 394 -4.96 14.41 7.47
C GLY A 394 -4.59 15.64 6.66
N ALA A 395 -5.47 16.63 6.65
CA ALA A 395 -5.33 17.79 5.79
C ALA A 395 -4.80 19.02 6.52
N HIS A 396 -4.72 18.94 7.85
CA HIS A 396 -4.24 20.04 8.66
C HIS A 396 -2.73 20.16 8.51
N ALA A 397 -2.21 21.37 8.64
CA ALA A 397 -0.78 21.64 8.48
C ALA A 397 0.09 20.86 9.47
N TYR A 398 -0.48 20.59 10.64
CA TYR A 398 0.21 19.86 11.70
C TYR A 398 0.21 18.35 11.47
N THR A 399 -0.72 17.85 10.66
CA THR A 399 -0.82 16.40 10.42
C THR A 399 -0.29 15.97 9.04
N ASP A 400 0.19 16.92 8.26
CA ASP A 400 0.84 16.64 6.97
C ASP A 400 1.98 15.66 7.24
N TYR A 401 1.87 14.44 6.70
CA TYR A 401 2.87 13.42 6.99
C TYR A 401 4.17 13.54 6.18
N ASP A 402 4.10 14.18 5.01
CA ASP A 402 5.31 14.49 4.24
C ASP A 402 6.21 15.41 5.05
N VAL A 403 5.61 16.44 5.65
CA VAL A 403 6.32 17.34 6.56
C VAL A 403 6.89 16.58 7.76
N CYS A 404 6.05 15.75 8.39
CA CYS A 404 6.45 15.01 9.59
C CYS A 404 7.54 13.97 9.34
N ALA A 405 7.47 13.31 8.20
CA ALA A 405 8.52 12.37 7.81
C ALA A 405 9.90 13.03 7.62
N GLN A 406 9.90 14.24 7.06
CA GLN A 406 11.12 15.02 6.89
C GLN A 406 11.67 15.50 8.22
N ILE A 407 10.78 15.95 9.11
CA ILE A 407 11.16 16.42 10.44
C ILE A 407 11.85 15.32 11.24
N LEU A 408 11.19 14.16 11.34
CA LEU A 408 11.74 13.02 12.07
C LEU A 408 12.99 12.49 11.41
N GLY A 409 12.94 12.29 10.08
CA GLY A 409 14.08 11.81 9.32
C GLY A 409 15.35 12.61 9.55
N ARG A 410 15.23 13.93 9.46
CA ARG A 410 16.36 14.85 9.71
C ARG A 410 16.92 14.72 11.13
N GLU A 411 16.03 14.66 12.12
CA GLU A 411 16.43 14.48 13.51
C GLU A 411 17.15 13.16 13.74
N LEU A 412 16.59 12.06 13.20
CA LEU A 412 17.18 10.74 13.35
C LEU A 412 18.58 10.64 12.75
N MET A 413 18.84 11.48 11.75
CA MET A 413 20.12 11.45 11.03
C MET A 413 21.09 12.51 11.53
N GLY A 414 20.71 13.20 12.60
CA GLY A 414 21.56 14.19 13.24
C GLY A 414 21.71 15.51 12.48
N MET A 415 20.73 15.80 11.62
CA MET A 415 20.77 17.00 10.81
C MET A 415 20.07 18.15 11.50
N GLU A 416 20.47 19.37 11.15
CA GLU A 416 19.80 20.57 11.63
C GLU A 416 18.38 20.65 11.07
N PRO A 417 17.42 21.16 11.86
CA PRO A 417 16.05 21.34 11.38
C PRO A 417 15.97 22.17 10.09
N ASP A 418 15.01 21.82 9.25
CA ASP A 418 14.70 22.55 8.04
C ASP A 418 13.78 23.70 8.44
N PRO A 419 14.22 24.97 8.26
CA PRO A 419 13.40 26.13 8.65
C PRO A 419 12.16 26.30 7.75
N THR A 420 12.18 25.66 6.60
CA THR A 420 11.08 25.63 5.63
C THR A 420 9.79 24.98 6.15
N MET A 421 9.90 24.22 7.24
CA MET A 421 8.75 23.59 7.87
C MET A 421 8.95 23.54 9.38
N VAL A 422 7.89 23.24 10.10
CA VAL A 422 7.92 23.28 11.56
C VAL A 422 6.81 22.39 12.14
CA LEU B 25 9.79 6.54 27.11
C LEU B 25 10.71 6.37 25.90
N VAL B 26 10.84 5.13 25.41
CA VAL B 26 11.66 4.83 24.23
C VAL B 26 10.77 4.28 23.11
N TYR B 27 10.87 4.84 21.92
CA TYR B 27 10.03 4.41 20.79
C TYR B 27 10.70 3.37 19.89
N THR B 28 12.03 3.36 19.89
CA THR B 28 12.83 2.69 18.87
C THR B 28 13.41 1.35 19.32
N HIS B 29 13.25 1.04 20.60
CA HIS B 29 13.77 -0.19 21.20
C HIS B 29 13.23 -0.31 22.63
N ALA B 30 13.67 -1.34 23.33
CA ALA B 30 13.21 -1.60 24.69
C ALA B 30 13.89 -0.71 25.71
N GLN B 31 13.10 -0.23 26.67
CA GLN B 31 13.62 0.36 27.89
C GLN B 31 14.18 -0.78 28.74
N THR B 32 15.41 -0.60 29.22
CA THR B 32 16.00 -1.57 30.14
C THR B 32 15.32 -1.46 31.51
N PRO B 33 14.89 -2.60 32.09
CA PRO B 33 14.21 -2.61 33.40
C PRO B 33 15.12 -2.06 34.52
N ASP B 34 14.60 -1.22 35.41
CA ASP B 34 15.45 -0.70 36.49
C ASP B 34 15.37 -1.54 37.76
N VAL B 35 16.35 -2.43 37.92
CA VAL B 35 16.46 -3.34 39.07
C VAL B 35 17.84 -3.21 39.70
N SER B 36 17.97 -3.59 40.97
CA SER B 36 19.29 -3.69 41.57
C SER B 36 19.89 -5.04 41.15
N GLY B 37 21.16 -5.01 40.76
CA GLY B 37 21.74 -6.11 40.02
C GLY B 37 21.49 -5.91 38.54
N VAL B 38 21.71 -6.96 37.75
CA VAL B 38 21.60 -6.88 36.30
C VAL B 38 20.32 -7.58 35.81
N SER B 39 19.56 -6.92 34.95
CA SER B 39 18.39 -7.53 34.31
C SER B 39 18.86 -8.48 33.20
N MET B 40 17.99 -9.40 32.81
CA MET B 40 18.28 -10.30 31.69
C MET B 40 18.59 -9.53 30.41
N LEU B 41 17.86 -8.43 30.19
CA LEU B 41 18.06 -7.60 29.00
C LEU B 41 19.47 -7.02 28.93
N GLU B 42 19.96 -6.51 30.05
CA GLU B 42 21.34 -5.99 30.12
C GLU B 42 22.36 -7.09 29.82
N LYS B 43 22.16 -8.27 30.40
CA LYS B 43 23.03 -9.42 30.14
C LYS B 43 23.02 -9.84 28.67
N ILE B 44 21.85 -9.81 28.03
CA ILE B 44 21.74 -10.01 26.58
C ILE B 44 22.57 -8.97 25.83
N GLN B 45 22.44 -7.70 26.22
CA GLN B 45 23.16 -6.60 25.58
C GLN B 45 24.68 -6.72 25.69
N GLN B 46 25.16 -7.26 26.81
CA GLN B 46 26.59 -7.52 27.02
C GLN B 46 27.16 -8.57 26.07
N ILE B 47 26.39 -9.63 25.80
CA ILE B 47 26.84 -10.73 24.93
C ILE B 47 26.49 -10.53 23.46
N LEU B 48 25.69 -9.50 23.17
CA LEU B 48 25.18 -9.25 21.82
C LEU B 48 26.26 -9.10 20.73
N PRO B 49 27.34 -8.33 21.00
CA PRO B 49 28.42 -8.24 20.00
C PRO B 49 29.03 -9.58 19.60
N GLN B 50 29.13 -10.52 20.55
CA GLN B 50 29.61 -11.87 20.27
C GLN B 50 28.64 -12.63 19.36
N ILE B 51 27.35 -12.54 19.66
CA ILE B 51 26.30 -13.17 18.85
C ILE B 51 26.31 -12.57 17.43
N ALA B 52 26.46 -11.25 17.35
CA ALA B 52 26.49 -10.54 16.08
C ALA B 52 27.67 -10.91 15.20
N LYS B 53 28.83 -11.08 15.81
CA LYS B 53 30.04 -11.47 15.08
C LYS B 53 30.00 -12.91 14.59
N ASN B 54 29.25 -13.76 15.29
CA ASN B 54 29.07 -15.16 14.91
C ASN B 54 28.03 -15.39 13.82
N ALA B 55 27.26 -14.36 13.49
CA ALA B 55 26.08 -14.49 12.62
C ALA B 55 26.39 -15.00 11.21
N GLU B 56 27.53 -14.61 10.66
CA GLU B 56 27.91 -15.03 9.31
C GLU B 56 28.30 -16.51 9.25
N SER B 57 29.04 -16.98 10.26
CA SER B 57 29.41 -18.38 10.35
C SER B 57 28.24 -19.23 10.82
N ALA B 58 27.34 -18.63 11.62
CA ALA B 58 26.10 -19.28 12.04
C ALA B 58 25.22 -19.60 10.82
N GLU B 59 25.16 -18.64 9.91
CA GLU B 59 24.47 -18.75 8.63
C GLU B 59 24.99 -19.94 7.80
N GLN B 60 26.31 -20.11 7.75
CA GLN B 60 26.94 -21.18 6.99
C GLN B 60 26.87 -22.53 7.68
N LEU B 61 26.86 -22.51 9.01
CA LEU B 61 26.72 -23.70 9.84
C LEU B 61 25.32 -24.33 9.77
N ARG B 62 24.31 -23.50 9.47
CA ARG B 62 22.89 -23.91 9.38
C ARG B 62 22.34 -24.45 10.70
N ARG B 63 22.91 -23.97 11.80
CA ARG B 63 22.42 -24.25 13.14
C ARG B 63 23.06 -23.22 14.05
N VAL B 64 22.56 -23.11 15.28
CA VAL B 64 23.11 -22.15 16.24
C VAL B 64 24.50 -22.64 16.68
N PRO B 65 25.53 -21.77 16.57
CA PRO B 65 26.87 -22.11 17.05
C PRO B 65 26.87 -22.44 18.55
N ASP B 66 27.69 -23.41 18.94
CA ASP B 66 27.80 -23.83 20.33
C ASP B 66 28.11 -22.67 21.27
N GLU B 67 28.94 -21.74 20.81
CA GLU B 67 29.27 -20.54 21.58
C GLU B 67 28.03 -19.69 21.93
N ASN B 68 27.13 -19.52 20.96
CA ASN B 68 25.87 -18.81 21.18
C ASN B 68 25.01 -19.44 22.28
N ILE B 69 24.80 -20.76 22.18
CA ILE B 69 24.03 -21.52 23.16
C ILE B 69 24.67 -21.42 24.54
N LYS B 70 25.98 -21.57 24.58
CA LYS B 70 26.77 -21.45 25.80
C LYS B 70 26.63 -20.09 26.47
N LEU B 71 26.74 -19.02 25.68
CA LEU B 71 26.58 -17.64 26.20
C LEU B 71 25.17 -17.36 26.72
N LEU B 72 24.17 -17.83 25.98
CA LEU B 72 22.77 -17.61 26.35
C LEU B 72 22.35 -18.44 27.56
N LYS B 73 22.85 -19.68 27.65
CA LYS B 73 22.60 -20.51 28.83
C LYS B 73 23.35 -20.01 30.06
N GLU B 74 24.55 -19.44 29.84
CA GLU B 74 25.37 -18.86 30.89
C GLU B 74 24.68 -17.70 31.61
N ILE B 75 24.00 -16.84 30.84
CA ILE B 75 23.22 -15.75 31.44
C ILE B 75 21.88 -16.25 31.99
N GLY B 76 21.51 -17.47 31.61
CA GLY B 76 20.35 -18.14 32.17
C GLY B 76 19.03 -17.92 31.47
N LEU B 77 19.06 -17.51 30.20
CA LEU B 77 17.84 -17.14 29.47
C LEU B 77 16.90 -18.33 29.24
N HIS B 78 17.48 -19.51 29.02
CA HIS B 78 16.72 -20.74 28.79
C HIS B 78 15.77 -21.08 29.95
N ARG B 79 16.05 -20.53 31.12
CA ARG B 79 15.26 -20.81 32.32
C ARG B 79 14.18 -19.76 32.58
N ALA B 80 13.91 -18.93 31.57
CA ALA B 80 12.90 -17.88 31.60
C ALA B 80 11.51 -18.34 32.04
N PHE B 81 11.03 -19.45 31.48
CA PHE B 81 9.69 -19.93 31.76
C PHE B 81 9.67 -21.26 32.48
N GLN B 82 10.84 -21.69 32.96
CA GLN B 82 10.96 -22.87 33.80
C GLN B 82 10.43 -22.51 35.19
N PRO B 83 9.67 -23.42 35.82
CA PRO B 83 9.17 -23.18 37.18
C PRO B 83 10.30 -22.90 38.17
N LYS B 84 10.04 -22.01 39.12
CA LYS B 84 11.00 -21.63 40.15
C LYS B 84 11.50 -22.80 41.00
N VAL B 85 10.63 -23.80 41.23
CA VAL B 85 11.00 -24.99 42.02
C VAL B 85 12.21 -25.72 41.43
N TYR B 86 12.37 -25.67 40.10
CA TYR B 86 13.50 -26.30 39.41
C TYR B 86 14.67 -25.36 39.17
N GLY B 87 14.59 -24.14 39.72
CA GLY B 87 15.64 -23.14 39.55
C GLY B 87 15.37 -22.18 38.41
N GLY B 88 14.11 -22.12 37.98
CA GLY B 88 13.70 -21.24 36.90
C GLY B 88 13.46 -19.80 37.34
N LEU B 89 13.33 -18.92 36.37
CA LEU B 89 13.20 -17.48 36.62
C LEU B 89 11.75 -17.05 36.72
N GLU B 90 10.90 -17.70 35.92
CA GLU B 90 9.52 -17.27 35.69
C GLU B 90 9.43 -15.79 35.30
N MET B 91 10.16 -15.46 34.23
CA MET B 91 10.13 -14.12 33.65
C MET B 91 8.73 -13.76 33.17
N SER B 92 8.40 -12.47 33.16
CA SER B 92 7.16 -12.02 32.57
C SER B 92 7.30 -12.14 31.05
N LEU B 93 6.19 -12.31 30.34
CA LEU B 93 6.24 -12.32 28.88
C LEU B 93 6.90 -11.08 28.26
N PRO B 94 6.50 -9.86 28.69
CA PRO B 94 7.14 -8.66 28.12
C PRO B 94 8.66 -8.65 28.23
N ASP B 95 9.18 -9.05 29.39
CA ASP B 95 10.62 -9.01 29.65
C ASP B 95 11.36 -10.03 28.79
N PHE B 96 10.80 -11.23 28.72
CA PHE B 96 11.35 -12.27 27.86
C PHE B 96 11.33 -11.87 26.39
N ALA B 97 10.16 -11.41 25.91
CA ALA B 97 9.98 -11.02 24.51
C ALA B 97 10.97 -9.93 24.08
N ASN B 98 11.23 -8.96 24.96
CA ASN B 98 12.22 -7.91 24.69
C ASN B 98 13.66 -8.44 24.59
N CYS B 99 13.96 -9.52 25.31
CA CYS B 99 15.26 -10.19 25.19
C CYS B 99 15.41 -10.86 23.83
N ILE B 100 14.32 -11.45 23.34
CA ILE B 100 14.31 -12.10 22.03
C ILE B 100 14.39 -11.07 20.89
N VAL B 101 13.71 -9.93 21.06
CA VAL B 101 13.82 -8.78 20.14
C VAL B 101 15.27 -8.31 20.01
N THR B 102 15.92 -8.07 21.13
CA THR B 102 17.29 -7.59 21.15
C THR B 102 18.24 -8.62 20.54
N LEU B 103 18.09 -9.88 20.93
CA LEU B 103 18.85 -10.99 20.36
C LEU B 103 18.72 -11.12 18.84
N ALA B 104 17.49 -11.00 18.32
CA ALA B 104 17.21 -11.09 16.88
C ALA B 104 17.91 -10.04 16.03
N GLY B 105 18.27 -8.90 16.65
CA GLY B 105 19.06 -7.86 16.00
C GLY B 105 20.48 -8.32 15.64
N ALA B 106 21.00 -9.28 16.41
CA ALA B 106 22.35 -9.81 16.18
C ALA B 106 22.33 -11.03 15.27
N CYS B 107 21.40 -11.94 15.51
CA CYS B 107 21.27 -13.17 14.75
C CYS B 107 19.84 -13.65 14.88
N ALA B 108 19.09 -13.57 13.77
CA ALA B 108 17.66 -13.87 13.79
C ALA B 108 17.39 -15.37 14.02
N GLY B 109 18.18 -16.22 13.37
CA GLY B 109 18.06 -17.67 13.53
C GLY B 109 18.36 -18.14 14.95
N THR B 110 19.38 -17.55 15.56
CA THR B 110 19.68 -17.81 16.98
C THR B 110 18.51 -17.42 17.89
N ALA B 111 18.00 -16.20 17.71
CA ALA B 111 16.86 -15.72 18.47
C ALA B 111 15.62 -16.59 18.27
N TRP B 112 15.34 -16.94 17.01
CA TRP B 112 14.19 -17.76 16.65
C TRP B 112 14.27 -19.17 17.27
N ALA B 113 15.41 -19.83 17.11
CA ALA B 113 15.60 -21.16 17.68
C ALA B 113 15.63 -21.12 19.20
N PHE B 114 16.35 -20.16 19.77
CA PHE B 114 16.49 -20.07 21.23
C PHE B 114 15.19 -19.66 21.93
N SER B 115 14.44 -18.76 21.31
CA SER B 115 13.12 -18.39 21.78
C SER B 115 12.25 -19.63 22.01
N LEU B 116 12.21 -20.51 21.02
CA LEU B 116 11.45 -21.75 21.11
C LEU B 116 11.98 -22.71 22.18
N LEU B 117 13.30 -22.83 22.29
CA LEU B 117 13.88 -23.62 23.38
C LEU B 117 13.44 -23.10 24.74
N CYS B 118 13.25 -21.78 24.83
CA CYS B 118 12.76 -21.13 26.03
C CYS B 118 11.25 -21.30 26.25
N THR B 119 10.45 -21.08 25.21
CA THR B 119 8.99 -21.09 25.38
C THR B 119 8.45 -22.49 25.61
N HIS B 120 9.19 -23.51 25.18
CA HIS B 120 8.76 -24.89 25.37
C HIS B 120 8.67 -25.25 26.84
N SER B 121 9.56 -24.68 27.65
CA SER B 121 9.55 -24.89 29.11
C SER B 121 8.26 -24.42 29.79
N HIS B 122 7.65 -23.35 29.24
CA HIS B 122 6.36 -22.87 29.72
C HIS B 122 5.27 -23.93 29.54
N GLN B 123 5.34 -24.61 28.41
CA GLN B 123 4.43 -25.69 28.03
C GLN B 123 4.64 -26.92 28.93
N ILE B 124 5.90 -27.37 29.01
CA ILE B 124 6.31 -28.49 29.85
C ILE B 124 5.84 -28.31 31.30
N ALA B 125 5.80 -27.07 31.76
CA ALA B 125 5.31 -26.72 33.11
C ALA B 125 3.83 -27.03 33.32
N MET B 126 3.12 -27.34 32.24
CA MET B 126 1.70 -27.71 32.31
C MET B 126 1.47 -29.22 32.21
N PHE B 127 2.54 -29.96 31.93
CA PHE B 127 2.52 -31.43 31.99
C PHE B 127 2.58 -31.89 33.46
N SER B 128 2.45 -33.20 33.67
CA SER B 128 2.50 -33.79 35.01
C SER B 128 3.82 -33.48 35.74
N LYS B 129 3.74 -33.40 37.06
CA LYS B 129 4.92 -33.23 37.92
C LYS B 129 5.98 -34.29 37.61
N GLN B 130 5.52 -35.50 37.31
CA GLN B 130 6.39 -36.64 37.06
C GLN B 130 7.28 -36.44 35.82
N LEU B 131 6.69 -35.92 34.74
CA LEU B 131 7.47 -35.57 33.55
C LEU B 131 8.47 -34.45 33.81
N GLN B 132 8.03 -33.40 34.51
CA GLN B 132 8.89 -32.26 34.85
C GLN B 132 10.07 -32.67 35.74
N ASP B 133 9.77 -33.45 36.78
CA ASP B 133 10.79 -34.03 37.66
C ASP B 133 11.81 -34.81 36.83
N GLU B 134 11.28 -35.63 35.93
CA GLU B 134 12.07 -36.48 35.05
C GLU B 134 13.00 -35.69 34.13
N ILE B 135 12.51 -34.53 33.65
CA ILE B 135 13.32 -33.65 32.81
C ILE B 135 14.33 -32.81 33.62
N TRP B 136 13.84 -32.17 34.68
CA TRP B 136 14.62 -31.11 35.32
C TRP B 136 15.35 -31.42 36.63
N LEU B 137 14.95 -32.48 37.34
CA LEU B 137 15.72 -32.92 38.51
C LEU B 137 17.02 -33.56 38.03
N LYS B 138 16.90 -34.34 36.95
CA LYS B 138 18.02 -34.92 36.21
C LYS B 138 18.97 -33.81 35.72
N ASP B 139 18.44 -32.86 34.95
CA ASP B 139 19.21 -31.81 34.34
C ASP B 139 18.39 -30.51 34.34
N PRO B 140 18.71 -29.58 35.26
CA PRO B 140 18.02 -28.29 35.38
C PRO B 140 18.13 -27.41 34.13
N ASP B 141 19.15 -27.67 33.30
CA ASP B 141 19.42 -26.87 32.11
C ASP B 141 18.87 -27.49 30.83
N ALA B 142 18.13 -28.58 30.97
CA ALA B 142 17.57 -29.31 29.83
C ALA B 142 16.44 -28.54 29.16
N THR B 143 16.41 -28.59 27.83
CA THR B 143 15.37 -27.92 27.04
C THR B 143 14.78 -28.87 26.00
N ALA B 144 13.62 -28.50 25.47
CA ALA B 144 12.99 -29.21 24.38
C ALA B 144 12.96 -28.37 23.10
N SER B 145 13.04 -29.04 21.96
CA SER B 145 12.64 -28.44 20.69
C SER B 145 11.26 -29.00 20.37
N SER B 146 10.71 -28.67 19.21
CA SER B 146 9.37 -29.15 18.86
C SER B 146 9.12 -29.23 17.37
N SER B 147 8.06 -29.97 17.06
CA SER B 147 7.49 -30.05 15.73
C SER B 147 6.04 -30.41 15.99
N ILE B 148 5.16 -29.42 15.83
CA ILE B 148 3.82 -29.49 16.42
C ILE B 148 2.70 -29.82 15.44
N ALA B 149 2.99 -29.77 14.14
CA ALA B 149 2.01 -30.12 13.13
C ALA B 149 1.78 -31.64 13.17
N PRO B 150 0.51 -32.07 13.32
CA PRO B 150 0.17 -33.47 13.59
C PRO B 150 0.26 -34.39 12.36
N PHE B 151 1.47 -34.58 11.85
CA PHE B 151 1.69 -35.44 10.68
C PHE B 151 1.94 -36.90 11.02
N GLY B 152 2.25 -37.18 12.29
CA GLY B 152 2.58 -38.53 12.72
C GLY B 152 1.40 -39.48 12.73
N LYS B 153 1.68 -40.76 12.51
CA LYS B 153 0.66 -41.80 12.61
C LYS B 153 0.68 -42.41 14.01
N VAL B 154 -0.49 -42.53 14.61
CA VAL B 154 -0.62 -42.93 16.00
C VAL B 154 -1.32 -44.30 16.15
N GLU B 155 -0.67 -45.19 16.88
CA GLU B 155 -1.27 -46.45 17.28
C GLU B 155 -1.56 -46.42 18.79
N GLU B 156 -2.82 -46.57 19.15
CA GLU B 156 -3.21 -46.72 20.54
C GLU B 156 -2.80 -48.11 21.06
N VAL B 157 -1.79 -48.13 21.92
CA VAL B 157 -1.42 -49.33 22.66
C VAL B 157 -1.84 -49.06 24.11
N GLU B 158 -1.51 -49.97 25.03
CA GLU B 158 -1.90 -49.70 26.41
C GLU B 158 -0.81 -48.99 27.24
N GLY B 159 -1.25 -48.02 28.03
CA GLY B 159 -0.35 -47.16 28.78
C GLY B 159 0.23 -46.03 27.94
N GLY B 160 -0.30 -45.83 26.73
CA GLY B 160 0.17 -44.78 25.84
C GLY B 160 -0.08 -44.98 24.37
N ILE B 161 0.81 -44.46 23.54
CA ILE B 161 0.73 -44.60 22.08
C ILE B 161 2.06 -44.99 21.45
N ILE B 162 1.99 -45.47 20.21
CA ILE B 162 3.17 -45.62 19.37
C ILE B 162 3.05 -44.59 18.25
N LEU B 163 4.10 -43.80 18.06
CA LEU B 163 4.10 -42.75 17.06
C LEU B 163 5.16 -42.96 15.99
N ASN B 164 4.74 -42.80 14.73
CA ASN B 164 5.64 -42.84 13.58
C ASN B 164 5.46 -41.58 12.76
N GLY B 165 6.57 -41.05 12.25
CA GLY B 165 6.48 -39.89 11.38
C GLY B 165 7.74 -39.09 11.24
N ASP B 166 7.78 -38.32 10.16
CA ASP B 166 8.81 -37.32 9.94
C ASP B 166 8.29 -36.00 10.47
N TYR B 167 8.98 -35.47 11.47
CA TYR B 167 8.56 -34.25 12.12
C TYR B 167 9.49 -33.07 11.79
N GLY B 168 9.13 -32.35 10.74
CA GLY B 168 9.97 -31.28 10.20
C GLY B 168 10.02 -29.99 10.99
N TRP B 169 10.98 -29.14 10.62
CA TRP B 169 11.17 -27.79 11.15
C TRP B 169 11.24 -27.68 12.66
N SER B 170 12.21 -28.38 13.25
CA SER B 170 12.42 -28.33 14.68
C SER B 170 13.60 -27.41 14.98
N SER B 171 13.32 -26.12 15.11
CA SER B 171 14.34 -25.11 15.38
C SER B 171 15.07 -25.43 16.69
N GLY B 172 16.39 -25.34 16.66
CA GLY B 172 17.22 -25.59 17.83
C GLY B 172 17.35 -27.04 18.25
N CYS B 173 16.90 -27.97 17.41
CA CYS B 173 16.83 -29.39 17.76
C CYS B 173 18.17 -30.06 18.08
N ASP B 174 19.25 -29.59 17.46
CA ASP B 174 20.60 -30.10 17.75
C ASP B 174 21.04 -29.81 19.18
N HIS B 175 20.41 -28.82 19.81
CA HIS B 175 20.81 -28.35 21.14
C HIS B 175 19.84 -28.74 22.26
N ALA B 176 18.76 -29.44 21.90
CA ALA B 176 17.74 -29.83 22.88
C ALA B 176 17.93 -31.29 23.33
N GLU B 177 17.52 -31.58 24.56
CA GLU B 177 17.58 -32.94 25.12
C GLU B 177 16.25 -33.68 24.94
N TYR B 178 15.21 -32.94 24.59
CA TYR B 178 13.87 -33.51 24.39
C TYR B 178 13.18 -32.83 23.21
N ALA B 179 12.11 -33.44 22.73
CA ALA B 179 11.28 -32.85 21.70
C ALA B 179 9.82 -32.94 22.09
N ILE B 180 9.08 -31.86 21.84
CA ILE B 180 7.63 -31.89 21.93
C ILE B 180 7.06 -32.10 20.53
N VAL B 181 6.20 -33.09 20.43
CA VAL B 181 5.72 -33.57 19.16
C VAL B 181 4.19 -33.52 19.17
N GLY B 182 3.61 -33.01 18.08
CA GLY B 182 2.16 -32.92 17.95
C GLY B 182 1.55 -34.07 17.17
N PHE B 183 0.41 -34.56 17.63
CA PHE B 183 -0.31 -35.65 16.94
C PHE B 183 -1.80 -35.62 17.29
N ASN B 184 -2.61 -36.21 16.41
CA ASN B 184 -4.03 -36.40 16.67
C ASN B 184 -4.34 -37.77 17.23
N ARG B 185 -5.01 -37.81 18.38
CA ARG B 185 -5.62 -39.03 18.88
C ARG B 185 -7.10 -38.94 18.56
N PHE B 186 -7.85 -40.01 18.79
CA PHE B 186 -9.25 -40.01 18.40
C PHE B 186 -10.24 -40.35 19.51
N ASP B 187 -11.42 -39.76 19.38
CA ASP B 187 -12.54 -39.99 20.27
C ASP B 187 -13.24 -41.32 20.07
N ALA B 188 -13.89 -41.80 21.17
CA ALA B 188 -15.11 -42.77 20.93
C ALA B 188 -15.87 -42.43 19.63
N ASP B 189 -16.02 -41.13 19.34
CA ASP B 189 -16.76 -40.66 18.16
C ASP B 189 -15.92 -40.58 16.89
N GLY B 190 -14.60 -40.77 17.03
CA GLY B 190 -13.67 -40.58 15.91
C GLY B 190 -13.20 -39.14 15.74
N ASN B 191 -13.55 -38.27 16.69
CA ASN B 191 -13.12 -36.87 16.70
C ASN B 191 -11.64 -36.72 16.98
N LYS B 192 -11.02 -35.69 16.38
CA LYS B 192 -9.60 -35.42 16.61
C LYS B 192 -9.36 -34.87 18.01
N ILE B 193 -8.39 -35.44 18.70
CA ILE B 193 -7.90 -34.90 19.97
C ILE B 193 -6.44 -34.51 19.78
N TYR B 194 -6.23 -33.23 19.49
CA TYR B 194 -4.89 -32.70 19.25
C TYR B 194 -4.06 -32.73 20.54
N SER B 195 -2.96 -33.46 20.50
CA SER B 195 -2.18 -33.77 21.70
C SER B 195 -0.69 -33.53 21.50
N PHE B 196 0.02 -33.34 22.60
CA PHE B 196 1.47 -33.20 22.58
C PHE B 196 2.14 -34.31 23.38
N GLY B 197 3.26 -34.80 22.86
CA GLY B 197 4.06 -35.80 23.57
C GLY B 197 5.47 -35.29 23.73
N VAL B 198 6.02 -35.44 24.94
CA VAL B 198 7.42 -35.12 25.19
C VAL B 198 8.27 -36.40 25.18
N ILE B 199 9.26 -36.43 24.29
CA ILE B 199 10.10 -37.61 24.07
C ILE B 199 11.60 -37.25 24.22
N PRO B 200 12.42 -38.18 24.73
CA PRO B 200 13.85 -37.90 24.86
C PRO B 200 14.63 -37.97 23.55
N ARG B 201 15.75 -37.27 23.50
CA ARG B 201 16.67 -37.22 22.35
C ARG B 201 17.01 -38.62 21.80
N SER B 202 17.09 -39.61 22.67
CA SER B 202 17.40 -41.00 22.29
C SER B 202 16.30 -41.70 21.49
N ASP B 203 15.09 -41.13 21.49
CA ASP B 203 13.94 -41.75 20.81
C ASP B 203 13.74 -41.30 19.36
N TYR B 204 14.55 -40.37 18.88
CA TYR B 204 14.44 -39.89 17.51
C TYR B 204 15.79 -39.58 16.87
N GLU B 205 15.79 -39.57 15.54
CA GLU B 205 16.97 -39.20 14.75
C GLU B 205 16.76 -37.79 14.18
N ILE B 206 17.79 -36.95 14.29
CA ILE B 206 17.75 -35.65 13.62
C ILE B 206 18.29 -35.83 12.20
N VAL B 207 17.39 -35.69 11.23
CA VAL B 207 17.75 -35.75 9.82
C VAL B 207 18.04 -34.34 9.33
N ASP B 208 19.25 -34.12 8.80
CA ASP B 208 19.66 -32.80 8.37
C ASP B 208 19.22 -32.48 6.94
N ASN B 209 18.00 -31.96 6.83
CA ASN B 209 17.44 -31.52 5.56
C ASN B 209 17.20 -30.00 5.54
N TRP B 210 17.84 -29.30 6.48
CA TRP B 210 17.63 -27.87 6.67
C TRP B 210 18.44 -27.03 5.67
N TYR B 211 17.86 -26.82 4.49
CA TYR B 211 18.48 -26.01 3.45
C TYR B 211 17.48 -24.95 3.03
N ALA B 212 17.60 -23.79 3.68
CA ALA B 212 16.61 -22.72 3.56
C ALA B 212 17.26 -21.39 3.19
N GLN B 213 16.43 -20.42 2.84
CA GLN B 213 16.89 -19.12 2.38
C GLN B 213 16.73 -18.02 3.43
N ALA B 214 16.38 -18.41 4.65
CA ALA B 214 16.20 -17.48 5.74
C ALA B 214 16.37 -18.22 7.06
N ILE B 215 16.59 -17.45 8.14
CA ILE B 215 16.89 -18.01 9.47
C ILE B 215 17.67 -19.33 9.40
N LYS B 216 18.72 -19.33 8.59
CA LYS B 216 19.52 -20.52 8.32
C LYS B 216 20.11 -21.10 9.60
N SER B 217 20.55 -20.20 10.48
CA SER B 217 21.17 -20.60 11.74
C SER B 217 20.20 -21.13 12.78
N SER B 218 18.92 -21.23 12.44
CA SER B 218 17.94 -21.77 13.39
C SER B 218 18.09 -23.29 13.55
N GLY B 219 18.69 -23.93 12.54
CA GLY B 219 18.89 -25.38 12.53
C GLY B 219 17.56 -26.12 12.63
N SER B 220 16.62 -25.72 11.79
CA SER B 220 15.26 -26.25 11.82
C SER B 220 15.15 -27.57 11.07
N LYS B 221 15.94 -28.54 11.54
CA LYS B 221 16.05 -29.85 10.91
C LYS B 221 14.85 -30.73 11.28
N MET B 222 14.79 -31.90 10.67
CA MET B 222 13.65 -32.79 10.84
C MET B 222 13.92 -33.86 11.89
N LEU B 223 12.86 -34.23 12.62
CA LEU B 223 12.94 -35.32 13.60
C LEU B 223 12.28 -36.58 13.07
N LYS B 224 13.05 -37.66 12.97
CA LYS B 224 12.52 -38.94 12.47
C LYS B 224 12.13 -39.85 13.63
N LEU B 225 10.85 -40.19 13.67
CA LEU B 225 10.30 -41.03 14.73
C LEU B 225 9.89 -42.39 14.16
N VAL B 226 10.57 -43.44 14.63
CA VAL B 226 10.29 -44.81 14.22
C VAL B 226 9.78 -45.59 15.44
N ASN B 227 8.50 -45.97 15.40
CA ASN B 227 7.84 -46.72 16.47
C ASN B 227 8.20 -46.21 17.87
N VAL B 228 7.98 -44.92 18.10
CA VAL B 228 8.29 -44.29 19.36
C VAL B 228 7.14 -44.50 20.33
N PHE B 229 7.43 -45.16 21.45
CA PHE B 229 6.42 -45.31 22.49
C PHE B 229 6.41 -44.08 23.39
N ILE B 230 5.25 -43.47 23.49
CA ILE B 230 5.03 -42.37 24.43
C ILE B 230 4.04 -42.79 25.49
N PRO B 231 4.49 -42.89 26.76
CA PRO B 231 3.60 -43.21 27.86
C PRO B 231 2.64 -42.06 28.18
N GLU B 232 1.45 -42.42 28.66
CA GLU B 232 0.34 -41.49 28.93
C GLU B 232 0.73 -40.24 29.75
N TYR B 233 1.62 -40.42 30.72
CA TYR B 233 2.03 -39.31 31.59
C TYR B 233 2.91 -38.27 30.87
N ARG B 234 3.31 -38.58 29.64
CA ARG B 234 4.10 -37.66 28.82
C ARG B 234 3.28 -37.10 27.65
N ILE B 235 1.96 -37.28 27.73
CA ILE B 235 1.02 -36.78 26.73
C ILE B 235 0.03 -35.80 27.38
N SER B 236 -0.09 -34.61 26.80
CA SER B 236 -1.10 -33.64 27.21
C SER B 236 -1.95 -33.20 26.02
N LYS B 237 -3.24 -32.96 26.29
CA LYS B 237 -4.16 -32.41 25.30
C LYS B 237 -3.89 -30.92 25.14
N ALA B 238 -3.85 -30.46 23.88
CA ALA B 238 -3.62 -29.05 23.59
C ALA B 238 -4.69 -28.15 24.23
N LYS B 239 -5.95 -28.56 24.09
CA LYS B 239 -7.08 -27.83 24.65
C LYS B 239 -7.00 -27.71 26.17
N ASP B 240 -6.51 -28.77 26.83
CA ASP B 240 -6.28 -28.75 28.28
C ASP B 240 -5.29 -27.68 28.70
N MET B 241 -4.27 -27.47 27.86
CA MET B 241 -3.21 -26.50 28.13
C MET B 241 -3.60 -25.10 27.67
N MET B 242 -4.72 -25.00 26.95
CA MET B 242 -5.33 -23.73 26.61
C MET B 242 -6.26 -23.28 27.71
N GLU B 243 -6.82 -24.23 28.45
CA GLU B 243 -7.94 -23.98 29.36
C GLU B 243 -7.69 -24.24 30.84
N GLY B 244 -6.43 -24.50 31.19
CA GLY B 244 -6.05 -24.80 32.58
C GLY B 244 -6.67 -26.09 33.10
N LYS B 245 -6.55 -27.15 32.31
CA LYS B 245 -7.13 -28.45 32.65
C LYS B 245 -6.15 -29.60 32.51
N SER B 246 -4.88 -29.27 32.24
CA SER B 246 -3.86 -30.30 32.07
C SER B 246 -3.36 -30.82 33.43
N ALA B 247 -2.54 -31.88 33.39
CA ALA B 247 -2.07 -32.56 34.60
C ALA B 247 -1.27 -31.65 35.55
N GLY B 248 -0.57 -30.68 34.97
CA GLY B 248 0.25 -29.76 35.75
C GLY B 248 -0.42 -28.49 36.25
N PHE B 249 -1.70 -28.32 35.95
CA PHE B 249 -2.46 -27.16 36.46
C PHE B 249 -2.47 -27.16 37.99
N GLY B 250 -2.21 -26.00 38.58
CA GLY B 250 -2.26 -25.82 40.02
C GLY B 250 -1.00 -26.22 40.78
N LEU B 251 0.03 -26.64 40.05
CA LEU B 251 1.30 -27.06 40.64
C LEU B 251 2.05 -25.89 41.28
N TYR B 252 1.91 -24.71 40.67
CA TYR B 252 2.66 -23.52 41.08
C TYR B 252 1.70 -22.37 41.39
N PRO B 253 1.11 -22.38 42.60
CA PRO B 253 0.01 -21.48 42.96
C PRO B 253 0.42 -20.00 43.10
N ASP B 254 1.72 -19.75 43.23
CA ASP B 254 2.25 -18.39 43.32
C ASP B 254 2.73 -17.86 41.96
N SER B 255 2.65 -18.70 40.93
CA SER B 255 3.14 -18.33 39.59
C SER B 255 2.32 -17.24 38.91
N LYS B 256 3.02 -16.27 38.35
CA LYS B 256 2.41 -15.19 37.59
C LYS B 256 2.33 -15.52 36.09
N ILE B 257 2.79 -16.70 35.69
CA ILE B 257 2.85 -17.06 34.27
C ILE B 257 2.18 -18.38 33.85
N PHE B 258 1.98 -19.31 34.77
CA PHE B 258 1.49 -20.65 34.36
C PHE B 258 -0.04 -20.81 34.29
N TYR B 259 -0.76 -19.88 34.90
CA TYR B 259 -2.23 -19.87 34.83
C TYR B 259 -2.68 -19.05 33.63
N THR B 260 -2.47 -19.61 32.44
CA THR B 260 -2.63 -18.91 31.18
C THR B 260 -2.59 -19.96 30.06
N PRO B 261 -3.23 -19.69 28.90
CA PRO B 261 -3.09 -20.55 27.72
C PRO B 261 -1.64 -20.74 27.28
N TYR B 262 -1.28 -21.96 26.90
CA TYR B 262 0.10 -22.27 26.50
C TYR B 262 0.50 -21.56 25.20
N ARG B 263 -0.41 -21.54 24.24
CA ARG B 263 -0.07 -21.22 22.84
C ARG B 263 0.47 -19.80 22.63
N PRO B 264 -0.16 -18.78 23.27
CA PRO B 264 0.36 -17.41 23.17
C PRO B 264 1.81 -17.24 23.68
N TYR B 265 2.22 -18.02 24.67
CA TYR B 265 3.63 -18.02 25.08
C TYR B 265 4.50 -18.81 24.11
N PHE B 266 4.04 -19.99 23.72
CA PHE B 266 4.75 -20.81 22.74
C PHE B 266 5.18 -19.98 21.53
N ALA B 267 4.22 -19.24 20.98
CA ALA B 267 4.37 -18.60 19.69
C ALA B 267 4.78 -17.12 19.77
N SER B 268 5.09 -16.65 20.97
CA SER B 268 5.41 -15.24 21.22
C SER B 268 6.71 -14.77 20.58
N GLY B 269 7.59 -15.70 20.25
CA GLY B 269 8.92 -15.36 19.74
C GLY B 269 8.98 -14.98 18.28
N PHE B 270 8.00 -15.42 17.49
CA PHE B 270 8.00 -15.17 16.04
C PHE B 270 7.97 -13.69 15.74
N SER B 271 7.04 -12.97 16.37
CA SER B 271 6.90 -11.53 16.18
C SER B 271 7.99 -10.73 16.89
N ALA B 272 8.46 -11.22 18.03
CA ALA B 272 9.62 -10.65 18.72
C ALA B 272 10.86 -10.64 17.80
N VAL B 273 11.13 -11.76 17.15
CA VAL B 273 12.21 -11.85 16.15
C VAL B 273 12.01 -10.84 15.00
N SER B 274 10.78 -10.75 14.50
CA SER B 274 10.41 -9.83 13.42
C SER B 274 10.70 -8.39 13.84
N LEU B 275 10.29 -8.03 15.05
CA LEU B 275 10.53 -6.68 15.56
C LEU B 275 12.01 -6.36 15.67
N GLY B 276 12.78 -7.32 16.15
CA GLY B 276 14.23 -7.15 16.34
C GLY B 276 15.00 -7.00 15.05
N ILE B 277 14.59 -7.76 14.05
CA ILE B 277 15.13 -7.64 12.69
C ILE B 277 14.84 -6.24 12.14
N ALA B 278 13.59 -5.81 12.28
CA ALA B 278 13.14 -4.53 11.74
C ALA B 278 13.84 -3.34 12.40
N GLU B 279 13.98 -3.38 13.73
CA GLU B 279 14.71 -2.35 14.45
C GLU B 279 16.20 -2.33 14.09
N ARG B 280 16.78 -3.51 13.86
CA ARG B 280 18.17 -3.58 13.38
C ARG B 280 18.30 -3.06 11.93
N MET B 281 17.36 -3.43 11.07
CA MET B 281 17.34 -2.97 9.68
C MET B 281 17.38 -1.45 9.59
N ILE B 282 16.63 -0.77 10.46
CA ILE B 282 16.64 0.68 10.49
C ILE B 282 18.04 1.20 10.82
N GLU B 283 18.64 0.63 11.88
CA GLU B 283 19.99 1.02 12.30
C GLU B 283 21.04 0.73 11.22
N ALA B 284 21.00 -0.47 10.67
CA ALA B 284 21.92 -0.88 9.62
C ALA B 284 21.78 -0.01 8.38
N PHE B 285 20.55 0.33 8.00
CA PHE B 285 20.31 1.18 6.84
C PHE B 285 20.82 2.60 7.07
N LYS B 286 20.60 3.12 8.28
CA LYS B 286 21.10 4.44 8.66
C LYS B 286 22.63 4.50 8.59
N GLU B 287 23.30 3.42 9.02
CA GLU B 287 24.76 3.32 9.01
C GLU B 287 25.31 3.37 7.59
N LYS B 288 24.72 2.58 6.70
CA LYS B 288 25.13 2.52 5.30
C LYS B 288 24.82 3.81 4.54
N GLN B 289 23.74 4.48 4.94
CA GLN B 289 23.26 5.65 4.23
C GLN B 289 24.15 6.89 4.37
N ARG B 290 24.73 7.07 5.55
CA ARG B 290 25.54 8.27 5.85
C ARG B 290 26.50 8.65 4.71
N ASN B 291 27.22 7.66 4.21
CA ASN B 291 28.30 7.87 3.24
C ASN B 291 27.96 7.49 1.78
N ARG B 292 26.68 7.22 1.53
CA ARG B 292 26.17 6.79 0.22
C ARG B 292 26.45 7.77 -0.92
N VAL B 293 27.10 7.28 -1.97
CA VAL B 293 27.36 8.07 -3.18
C VAL B 293 26.71 7.45 -4.43
N ARG B 294 26.21 8.30 -5.32
CA ARG B 294 25.67 7.86 -6.61
C ARG B 294 26.80 7.36 -7.49
N ALA B 295 26.59 6.21 -8.14
CA ALA B 295 27.56 5.64 -9.07
C ALA B 295 27.66 6.50 -10.33
N TYR B 296 26.52 6.93 -10.86
CA TYR B 296 26.45 7.65 -12.13
C TYR B 296 26.90 9.12 -12.05
N THR B 297 26.72 9.74 -10.89
CA THR B 297 26.98 11.18 -10.74
C THR B 297 28.09 11.54 -9.73
N GLY B 298 28.42 10.59 -8.85
CA GLY B 298 29.48 10.79 -7.86
C GLY B 298 29.17 11.76 -6.74
N ALA B 299 27.88 12.05 -6.56
CA ALA B 299 27.41 12.98 -5.52
C ALA B 299 27.11 12.24 -4.22
N ASN B 300 27.49 12.84 -3.10
CA ASN B 300 27.09 12.35 -1.78
C ASN B 300 25.59 12.56 -1.64
N VAL B 301 24.89 11.46 -1.35
CA VAL B 301 23.46 11.37 -1.53
C VAL B 301 22.77 10.74 -0.31
N GLY B 302 23.58 10.37 0.68
CA GLY B 302 23.09 9.72 1.90
C GLY B 302 21.99 10.45 2.65
N LEU B 303 22.06 11.78 2.66
CA LEU B 303 21.09 12.59 3.40
C LEU B 303 20.04 13.23 2.47
N ALA B 304 19.77 12.62 1.33
CA ALA B 304 18.73 13.11 0.41
C ALA B 304 17.34 12.88 1.01
N THR B 305 16.40 13.76 0.65
CA THR B 305 15.04 13.76 1.19
C THR B 305 14.28 12.41 1.08
N PRO B 306 14.25 11.79 -0.11
CA PRO B 306 13.52 10.52 -0.19
C PRO B 306 14.00 9.46 0.81
N ALA B 307 15.31 9.36 1.02
CA ALA B 307 15.89 8.39 1.95
C ALA B 307 15.58 8.72 3.41
N LEU B 308 15.59 10.01 3.75
CA LEU B 308 15.24 10.49 5.09
C LEU B 308 13.79 10.16 5.45
N MET B 309 12.89 10.31 4.48
CA MET B 309 11.48 10.03 4.68
C MET B 309 11.17 8.55 4.82
N ARG B 310 11.91 7.71 4.08
CA ARG B 310 11.79 6.25 4.23
C ARG B 310 12.27 5.82 5.61
N ILE B 311 13.39 6.39 6.05
CA ILE B 311 13.93 6.13 7.38
C ILE B 311 12.91 6.49 8.46
N ALA B 312 12.31 7.68 8.32
CA ALA B 312 11.28 8.14 9.26
C ALA B 312 10.03 7.27 9.26
N GLU B 313 9.50 6.97 8.07
CA GLU B 313 8.28 6.15 7.97
C GLU B 313 8.46 4.72 8.48
N SER B 314 9.60 4.11 8.16
CA SER B 314 9.93 2.80 8.71
C SER B 314 10.14 2.86 10.22
N THR B 315 10.71 3.95 10.72
CA THR B 315 10.83 4.17 12.16
C THR B 315 9.45 4.26 12.80
N HIS B 316 8.58 5.09 12.23
CA HIS B 316 7.19 5.18 12.72
C HIS B 316 6.45 3.85 12.69
N GLN B 317 6.55 3.15 11.56
CA GLN B 317 5.86 1.87 11.42
C GLN B 317 6.31 0.80 12.41
N VAL B 318 7.62 0.64 12.63
CA VAL B 318 8.04 -0.32 13.64
C VAL B 318 7.84 0.14 15.09
N ALA B 319 7.82 1.46 15.32
CA ALA B 319 7.45 2.02 16.62
C ALA B 319 6.00 1.71 16.96
N ALA B 320 5.12 1.79 15.96
CA ALA B 320 3.71 1.43 16.14
C ALA B 320 3.54 -0.08 16.31
N ALA B 321 4.37 -0.86 15.62
CA ALA B 321 4.37 -2.32 15.79
C ALA B 321 4.87 -2.69 17.19
N ARG B 322 5.92 -2.01 17.64
CA ARG B 322 6.43 -2.19 18.99
C ARG B 322 5.37 -1.84 20.04
N ALA B 323 4.76 -0.66 19.91
CA ALA B 323 3.68 -0.22 20.79
C ALA B 323 2.52 -1.23 20.86
N LEU B 324 2.08 -1.73 19.71
CA LEU B 324 1.04 -2.75 19.68
C LEU B 324 1.47 -4.04 20.40
N LEU B 325 2.71 -4.47 20.16
CA LEU B 325 3.25 -5.67 20.81
C LEU B 325 3.39 -5.48 22.32
N GLU B 326 3.94 -4.33 22.74
CA GLU B 326 4.10 -4.00 24.16
C GLU B 326 2.76 -4.00 24.92
N LYS B 327 1.73 -3.42 24.30
CA LYS B 327 0.39 -3.41 24.88
C LYS B 327 -0.17 -4.82 24.99
N THR B 328 0.04 -5.62 23.95
CA THR B 328 -0.41 -7.01 23.93
C THR B 328 0.31 -7.87 24.96
N TRP B 329 1.64 -7.69 25.10
CA TRP B 329 2.43 -8.40 26.11
C TRP B 329 2.02 -8.02 27.54
N GLU B 330 1.71 -6.75 27.74
CA GLU B 330 1.20 -6.24 29.02
C GLU B 330 -0.13 -6.88 29.39
N ASP B 331 -1.02 -7.00 28.40
CA ASP B 331 -2.30 -7.71 28.56
C ASP B 331 -2.10 -9.18 28.98
N HIS B 332 -1.13 -9.87 28.37
CA HIS B 332 -0.76 -11.23 28.77
C HIS B 332 -0.27 -11.26 30.21
N ARG B 333 0.61 -10.30 30.56
CA ARG B 333 1.22 -10.20 31.89
C ARG B 333 0.16 -10.04 32.98
N ILE B 334 -0.75 -9.08 32.76
CA ILE B 334 -1.89 -8.83 33.64
C ILE B 334 -2.80 -10.05 33.83
N HIS B 335 -3.15 -10.72 32.73
CA HIS B 335 -3.96 -11.95 32.81
C HIS B 335 -3.30 -13.04 33.64
N GLY B 336 -1.99 -13.24 33.41
CA GLY B 336 -1.23 -14.25 34.14
C GLY B 336 -1.09 -13.94 35.63
N LEU B 337 -0.92 -12.66 35.95
CA LEU B 337 -0.85 -12.18 37.32
C LEU B 337 -2.11 -12.52 38.11
N ASN B 338 -3.26 -12.31 37.47
CA ASN B 338 -4.56 -12.54 38.07
C ASN B 338 -5.05 -13.98 37.97
N HIS B 339 -4.23 -14.85 37.36
CA HIS B 339 -4.62 -16.24 37.08
C HIS B 339 -5.90 -16.29 36.24
N GLN B 340 -6.06 -15.30 35.37
CA GLN B 340 -7.28 -15.10 34.60
C GLN B 340 -7.11 -15.59 33.17
N TYR B 341 -7.88 -16.60 32.80
CA TYR B 341 -7.88 -17.09 31.44
C TYR B 341 -8.69 -16.12 30.57
N PRO B 342 -8.14 -15.74 29.41
CA PRO B 342 -8.75 -14.70 28.58
C PRO B 342 -10.09 -15.12 27.99
N ASN B 343 -10.99 -14.17 27.81
CA ASN B 343 -12.23 -14.42 27.08
C ASN B 343 -11.97 -14.54 25.57
N LYS B 344 -13.02 -14.84 24.80
CA LYS B 344 -12.90 -15.08 23.36
C LYS B 344 -12.31 -13.89 22.59
N GLU B 345 -12.78 -12.69 22.91
CA GLU B 345 -12.30 -11.47 22.25
C GLU B 345 -10.81 -11.21 22.46
N THR B 346 -10.33 -11.27 23.71
CA THR B 346 -8.90 -11.04 23.95
C THR B 346 -8.00 -12.15 23.39
N LEU B 347 -8.50 -13.37 23.41
CA LEU B 347 -7.81 -14.51 22.83
C LEU B 347 -7.59 -14.31 21.32
N ALA B 348 -8.63 -13.85 20.62
CA ALA B 348 -8.51 -13.53 19.19
C ALA B 348 -7.49 -12.42 18.92
N PHE B 349 -7.43 -11.41 19.80
CA PHE B 349 -6.42 -10.35 19.69
C PHE B 349 -5.00 -10.84 19.98
N TRP B 350 -4.84 -11.66 21.02
CA TRP B 350 -3.55 -12.28 21.35
C TRP B 350 -3.03 -13.15 20.21
N ARG B 351 -3.94 -13.91 19.60
CA ARG B 351 -3.64 -14.76 18.46
C ARG B 351 -3.16 -13.96 17.23
N THR B 352 -3.79 -12.82 16.99
CA THR B 352 -3.69 -12.16 15.70
C THR B 352 -2.84 -10.89 15.68
N ASN B 353 -2.79 -10.17 16.81
CA ASN B 353 -2.04 -8.89 16.87
C ASN B 353 -0.58 -9.04 16.42
N GLN B 354 0.05 -10.13 16.88
CA GLN B 354 1.44 -10.42 16.55
C GLN B 354 1.67 -10.60 15.04
N ALA B 355 0.66 -11.12 14.34
CA ALA B 355 0.74 -11.31 12.90
C ALA B 355 0.63 -9.98 12.18
N TYR B 356 -0.22 -9.08 12.69
CA TYR B 356 -0.28 -7.72 12.14
C TYR B 356 1.06 -6.99 12.34
N ALA B 357 1.62 -7.10 13.55
CA ALA B 357 2.93 -6.51 13.86
C ALA B 357 4.05 -7.02 12.93
N VAL B 358 4.05 -8.33 12.66
CA VAL B 358 4.99 -8.94 11.70
C VAL B 358 4.83 -8.32 10.31
N LYS B 359 3.58 -8.17 9.87
CA LYS B 359 3.26 -7.54 8.59
C LYS B 359 3.76 -6.10 8.49
N MET B 360 3.64 -5.34 9.59
CA MET B 360 4.14 -3.96 9.65
C MET B 360 5.67 -3.92 9.57
N CYS B 361 6.31 -4.85 10.29
CA CYS B 361 7.75 -4.94 10.36
C CYS B 361 8.38 -5.27 9.01
N ILE B 362 7.74 -6.16 8.26
CA ILE B 362 8.19 -6.52 6.92
C ILE B 362 8.03 -5.36 5.94
N GLU B 363 6.92 -4.65 6.03
CA GLU B 363 6.72 -3.41 5.25
C GLU B 363 7.82 -2.40 5.52
N ALA B 364 8.17 -2.24 6.79
CA ALA B 364 9.18 -1.29 7.23
C ALA B 364 10.58 -1.67 6.74
N VAL B 365 10.90 -2.95 6.79
CA VAL B 365 12.13 -3.52 6.22
C VAL B 365 12.16 -3.34 4.68
N ASP B 366 11.03 -3.61 4.03
CA ASP B 366 10.93 -3.54 2.56
C ASP B 366 11.07 -2.12 2.04
N ARG B 367 10.53 -1.16 2.79
CA ARG B 367 10.64 0.26 2.43
C ARG B 367 12.12 0.68 2.36
N LEU B 368 12.93 0.12 3.24
CA LEU B 368 14.36 0.44 3.28
C LEU B 368 15.17 -0.37 2.28
N MET B 369 14.85 -1.65 2.15
CA MET B 369 15.52 -2.50 1.15
C MET B 369 15.31 -1.97 -0.27
N ALA B 370 14.13 -1.41 -0.53
CA ALA B 370 13.81 -0.85 -1.86
C ALA B 370 14.69 0.34 -2.22
N ALA B 371 15.27 1.00 -1.22
CA ALA B 371 16.13 2.17 -1.44
C ALA B 371 17.62 1.89 -1.18
N ALA B 372 17.96 0.62 -0.95
CA ALA B 372 19.27 0.24 -0.45
C ALA B 372 20.34 0.02 -1.53
N GLY B 373 19.93 -0.11 -2.78
CA GLY B 373 20.88 -0.27 -3.88
C GLY B 373 21.38 -1.70 -4.07
N ALA B 374 22.12 -1.92 -5.14
CA ALA B 374 22.57 -3.24 -5.54
C ALA B 374 23.57 -3.88 -4.58
N THR B 375 24.39 -3.05 -3.90
CA THR B 375 25.39 -3.58 -2.95
C THR B 375 24.75 -4.31 -1.78
N SER B 376 23.48 -4.03 -1.51
CA SER B 376 22.74 -4.62 -0.39
C SER B 376 22.30 -6.06 -0.62
N PHE B 377 22.37 -6.50 -1.87
CA PHE B 377 22.04 -7.89 -2.22
C PHE B 377 23.29 -8.77 -2.36
N MET B 378 24.45 -8.20 -2.07
CA MET B 378 25.70 -8.96 -2.03
C MET B 378 25.80 -9.72 -0.71
N ASP B 379 26.46 -10.87 -0.74
CA ASP B 379 26.67 -11.71 0.45
C ASP B 379 27.37 -10.97 1.59
N ASN B 380 28.21 -10.00 1.25
CA ASN B 380 28.96 -9.24 2.26
C ASN B 380 28.17 -8.11 2.92
N SER B 381 26.89 -7.98 2.55
CA SER B 381 26.00 -7.01 3.17
C SER B 381 25.06 -7.67 4.17
N GLU B 382 24.90 -7.04 5.33
CA GLU B 382 23.99 -7.48 6.38
C GLU B 382 22.52 -7.28 6.00
N LEU B 383 22.25 -6.24 5.22
CA LEU B 383 20.88 -5.85 4.83
C LEU B 383 20.11 -7.00 4.19
N GLN B 384 20.78 -7.67 3.27
CA GLN B 384 20.31 -8.85 2.58
C GLN B 384 19.85 -9.97 3.54
N ARG B 385 20.62 -10.18 4.63
CA ARG B 385 20.30 -11.19 5.64
C ARG B 385 19.05 -10.78 6.44
N LEU B 386 18.98 -9.49 6.78
CA LEU B 386 17.88 -8.93 7.53
C LEU B 386 16.60 -8.97 6.70
N PHE B 387 16.73 -8.65 5.42
CA PHE B 387 15.62 -8.70 4.47
C PHE B 387 15.03 -10.12 4.35
N ARG B 388 15.87 -11.12 4.14
CA ARG B 388 15.41 -12.51 4.00
C ARG B 388 14.80 -13.05 5.29
N ASP B 389 15.47 -12.80 6.41
CA ASP B 389 15.00 -13.25 7.71
C ASP B 389 13.65 -12.62 8.10
N ALA B 390 13.49 -11.33 7.77
CA ALA B 390 12.24 -10.60 8.03
C ALA B 390 11.07 -11.25 7.31
N HIS B 391 11.25 -11.53 6.01
CA HIS B 391 10.19 -12.16 5.21
C HIS B 391 9.80 -13.55 5.71
N MET B 392 10.77 -14.31 6.17
CA MET B 392 10.56 -15.63 6.78
C MET B 392 9.70 -15.55 8.05
N THR B 393 9.82 -14.48 8.82
CA THR B 393 8.97 -14.32 10.01
C THR B 393 7.48 -14.26 9.66
N GLY B 394 7.18 -13.80 8.44
CA GLY B 394 5.81 -13.76 7.94
C GLY B 394 5.34 -15.02 7.26
N ALA B 395 6.22 -16.02 7.20
CA ALA B 395 5.99 -17.26 6.45
C ALA B 395 5.56 -18.43 7.33
N HIS B 396 5.66 -18.26 8.64
CA HIS B 396 5.23 -19.28 9.58
C HIS B 396 3.71 -19.39 9.60
N ALA B 397 3.20 -20.59 9.84
CA ALA B 397 1.76 -20.85 9.87
C ALA B 397 1.02 -19.99 10.90
N TYR B 398 1.71 -19.65 11.99
CA TYR B 398 1.13 -18.85 13.06
C TYR B 398 1.10 -17.34 12.75
N THR B 399 1.90 -16.91 11.79
CA THR B 399 1.99 -15.47 11.43
C THR B 399 1.33 -15.14 10.09
N ASP B 400 0.78 -16.15 9.42
CA ASP B 400 0.01 -15.95 8.20
C ASP B 400 -1.10 -14.94 8.51
N TYR B 401 -1.06 -13.77 7.87
CA TYR B 401 -2.02 -12.72 8.20
C TYR B 401 -3.40 -12.92 7.57
N ASP B 402 -3.47 -13.60 6.43
CA ASP B 402 -4.76 -13.97 5.82
C ASP B 402 -5.58 -14.83 6.78
N VAL B 403 -4.90 -15.79 7.41
CA VAL B 403 -5.51 -16.64 8.43
C VAL B 403 -5.92 -15.80 9.65
N CYS B 404 -5.02 -14.95 10.12
CA CYS B 404 -5.30 -14.11 11.30
C CYS B 404 -6.42 -13.11 11.08
N ALA B 405 -6.47 -12.50 9.91
CA ALA B 405 -7.55 -11.57 9.56
C ALA B 405 -8.93 -12.26 9.57
N GLN B 406 -8.99 -13.50 9.10
CA GLN B 406 -10.23 -14.27 9.11
C GLN B 406 -10.63 -14.66 10.53
N ILE B 407 -9.65 -15.05 11.35
CA ILE B 407 -9.90 -15.44 12.74
C ILE B 407 -10.49 -14.27 13.53
N LEU B 408 -9.82 -13.11 13.48
CA LEU B 408 -10.30 -11.92 14.18
C LEU B 408 -11.62 -11.43 13.61
N GLY B 409 -11.70 -11.32 12.28
CA GLY B 409 -12.92 -10.88 11.61
C GLY B 409 -14.16 -11.65 12.03
N ARG B 410 -14.06 -12.97 12.04
CA ARG B 410 -15.15 -13.85 12.47
C ARG B 410 -15.55 -13.62 13.93
N GLU B 411 -14.56 -13.49 14.80
CA GLU B 411 -14.79 -13.22 16.22
C GLU B 411 -15.47 -11.86 16.43
N LEU B 412 -14.98 -10.84 15.75
CA LEU B 412 -15.55 -9.48 15.86
C LEU B 412 -17.01 -9.42 15.41
N MET B 413 -17.37 -10.33 14.50
CA MET B 413 -18.71 -10.35 13.92
C MET B 413 -19.62 -11.37 14.61
N GLY B 414 -19.13 -11.98 15.68
CA GLY B 414 -19.91 -12.90 16.50
C GLY B 414 -20.13 -14.26 15.85
N MET B 415 -19.27 -14.61 14.89
CA MET B 415 -19.39 -15.87 14.18
C MET B 415 -18.62 -16.98 14.89
N GLU B 416 -19.06 -18.22 14.67
CA GLU B 416 -18.34 -19.38 15.16
C GLU B 416 -17.00 -19.52 14.43
N PRO B 417 -15.96 -19.97 15.15
CA PRO B 417 -14.65 -20.20 14.54
C PRO B 417 -14.71 -21.13 13.33
N ASP B 418 -13.86 -20.84 12.35
CA ASP B 418 -13.68 -21.66 11.17
C ASP B 418 -12.71 -22.78 11.56
N PRO B 419 -13.18 -24.05 11.52
CA PRO B 419 -12.32 -25.18 11.90
C PRO B 419 -11.18 -25.42 10.90
N THR B 420 -11.34 -24.87 9.69
CA THR B 420 -10.36 -24.93 8.60
C THR B 420 -8.99 -24.27 8.95
N MET B 421 -8.99 -23.44 9.99
CA MET B 421 -7.78 -22.76 10.44
C MET B 421 -7.82 -22.60 11.95
N VAL B 422 -6.67 -22.26 12.53
CA VAL B 422 -6.54 -22.19 13.98
C VAL B 422 -5.38 -21.26 14.37
N ARG C 24 -7.83 -12.16 -30.88
CA ARG C 24 -7.87 -11.82 -29.43
C ARG C 24 -6.51 -11.34 -28.94
N LEU C 25 -6.52 -10.49 -27.92
CA LEU C 25 -5.30 -10.06 -27.25
C LEU C 25 -4.99 -10.98 -26.05
N VAL C 26 -3.76 -10.89 -25.57
CA VAL C 26 -3.29 -11.67 -24.42
C VAL C 26 -2.87 -10.72 -23.30
N TYR C 27 -3.38 -10.95 -22.10
CA TYR C 27 -3.07 -10.08 -20.95
C TYR C 27 -1.90 -10.58 -20.10
N THR C 28 -1.69 -11.90 -20.13
CA THR C 28 -0.85 -12.59 -19.14
C THR C 28 0.55 -12.93 -19.63
N HIS C 29 0.80 -12.69 -20.92
CA HIS C 29 2.08 -12.97 -21.57
C HIS C 29 2.08 -12.38 -22.97
N ALA C 30 3.16 -12.63 -23.71
CA ALA C 30 3.31 -12.09 -25.07
C ALA C 30 2.49 -12.87 -26.09
N GLN C 31 1.88 -12.13 -27.00
CA GLN C 31 1.35 -12.73 -28.23
C GLN C 31 2.53 -13.08 -29.13
N THR C 32 2.56 -14.31 -29.64
CA THR C 32 3.59 -14.70 -30.59
C THR C 32 3.34 -14.00 -31.93
N PRO C 33 4.39 -13.37 -32.51
CA PRO C 33 4.26 -12.66 -33.79
C PRO C 33 3.79 -13.58 -34.93
N ASP C 34 2.85 -13.10 -35.73
CA ASP C 34 2.25 -13.90 -36.79
C ASP C 34 2.93 -13.70 -38.15
N VAL C 35 4.26 -13.59 -38.13
CA VAL C 35 5.06 -13.48 -39.36
C VAL C 35 5.18 -14.81 -40.11
N SER C 36 5.95 -14.83 -41.19
CA SER C 36 6.23 -16.07 -41.92
C SER C 36 7.44 -16.78 -41.31
N GLY C 37 7.29 -18.08 -41.06
CA GLY C 37 8.34 -18.89 -40.43
C GLY C 37 8.34 -18.78 -38.91
N VAL C 38 9.43 -19.28 -38.30
CA VAL C 38 9.58 -19.20 -36.84
C VAL C 38 10.13 -17.85 -36.38
N SER C 39 9.33 -17.16 -35.58
CA SER C 39 9.76 -15.92 -34.93
C SER C 39 10.79 -16.25 -33.85
N MET C 40 11.59 -15.25 -33.48
CA MET C 40 12.56 -15.41 -32.38
C MET C 40 11.87 -15.89 -31.11
N LEU C 41 10.68 -15.34 -30.83
CA LEU C 41 9.92 -15.71 -29.64
C LEU C 41 9.59 -17.20 -29.59
N GLU C 42 9.14 -17.76 -30.71
CA GLU C 42 8.86 -19.20 -30.81
C GLU C 42 10.11 -20.04 -30.58
N LYS C 43 11.23 -19.60 -31.15
CA LYS C 43 12.53 -20.27 -30.95
C LYS C 43 12.97 -20.23 -29.48
N ILE C 44 12.75 -19.10 -28.80
CA ILE C 44 12.97 -18.98 -27.36
C ILE C 44 12.12 -20.00 -26.59
N GLN C 45 10.84 -20.07 -26.96
CA GLN C 45 9.89 -20.99 -26.31
C GLN C 45 10.27 -22.46 -26.46
N GLN C 46 10.87 -22.81 -27.60
CA GLN C 46 11.34 -24.17 -27.87
C GLN C 46 12.50 -24.58 -26.96
N ILE C 47 13.41 -23.65 -26.70
CA ILE C 47 14.60 -23.93 -25.88
C ILE C 47 14.38 -23.66 -24.39
N LEU C 48 13.23 -23.05 -24.06
CA LEU C 48 12.93 -22.61 -22.69
C LEU C 48 13.00 -23.72 -21.62
N PRO C 49 12.43 -24.92 -21.90
CA PRO C 49 12.54 -26.01 -20.92
C PRO C 49 13.99 -26.37 -20.56
N GLN C 50 14.90 -26.30 -21.53
CA GLN C 50 16.33 -26.56 -21.30
C GLN C 50 16.93 -25.51 -20.38
N ILE C 51 16.62 -24.23 -20.64
CA ILE C 51 17.07 -23.12 -19.83
C ILE C 51 16.53 -23.24 -18.40
N ALA C 52 15.26 -23.64 -18.29
CA ALA C 52 14.59 -23.81 -17.00
C ALA C 52 15.19 -24.94 -16.16
N LYS C 53 15.55 -26.04 -16.81
CA LYS C 53 16.15 -27.19 -16.11
C LYS C 53 17.59 -26.92 -15.67
N ASN C 54 18.27 -26.01 -16.37
CA ASN C 54 19.63 -25.60 -16.01
C ASN C 54 19.71 -24.55 -14.91
N ALA C 55 18.55 -23.98 -14.54
CA ALA C 55 18.49 -22.83 -13.62
C ALA C 55 19.10 -23.08 -12.24
N GLU C 56 18.93 -24.29 -11.71
CA GLU C 56 19.42 -24.62 -10.38
C GLU C 56 20.95 -24.74 -10.36
N SER C 57 21.51 -25.37 -11.39
CA SER C 57 22.95 -25.49 -11.52
C SER C 57 23.59 -24.16 -11.97
N ALA C 58 22.83 -23.37 -12.73
CA ALA C 58 23.23 -22.01 -13.12
C ALA C 58 23.42 -21.13 -11.89
N GLU C 59 22.48 -21.25 -10.95
CA GLU C 59 22.51 -20.57 -9.67
C GLU C 59 23.79 -20.90 -8.87
N GLN C 60 24.17 -22.18 -8.86
CA GLN C 60 25.36 -22.63 -8.14
C GLN C 60 26.67 -22.31 -8.87
N LEU C 61 26.60 -22.26 -10.20
CA LEU C 61 27.73 -21.93 -11.05
C LEU C 61 28.14 -20.45 -10.94
N ARG C 62 27.15 -19.60 -10.62
CA ARG C 62 27.32 -18.14 -10.49
C ARG C 62 27.72 -17.47 -11.80
N ARG C 63 27.29 -18.06 -12.90
CA ARG C 63 27.45 -17.51 -14.25
C ARG C 63 26.53 -18.31 -15.17
N VAL C 64 26.30 -17.79 -16.37
CA VAL C 64 25.44 -18.49 -17.32
C VAL C 64 26.14 -19.76 -17.80
N PRO C 65 25.46 -20.92 -17.69
CA PRO C 65 26.01 -22.17 -18.22
C PRO C 65 26.31 -22.08 -19.72
N ASP C 66 27.40 -22.72 -20.14
CA ASP C 66 27.80 -22.73 -21.55
C ASP C 66 26.67 -23.19 -22.47
N GLU C 67 25.91 -24.18 -22.03
CA GLU C 67 24.77 -24.70 -22.80
C GLU C 67 23.72 -23.62 -23.09
N ASN C 68 23.43 -22.78 -22.10
CA ASN C 68 22.50 -21.66 -22.25
C ASN C 68 22.94 -20.67 -23.33
N ILE C 69 24.20 -20.23 -23.25
CA ILE C 69 24.79 -19.32 -24.25
C ILE C 69 24.75 -19.94 -25.64
N LYS C 70 25.13 -21.22 -25.71
CA LYS C 70 25.14 -21.99 -26.95
C LYS C 70 23.75 -22.06 -27.59
N LEU C 71 22.72 -22.38 -26.79
CA LEU C 71 21.34 -22.46 -27.27
C LEU C 71 20.81 -21.11 -27.76
N LEU C 72 21.09 -20.06 -26.99
CA LEU C 72 20.66 -18.70 -27.31
C LEU C 72 21.37 -18.11 -28.54
N LYS C 73 22.65 -18.40 -28.68
CA LYS C 73 23.42 -17.98 -29.86
C LYS C 73 23.01 -18.77 -31.11
N GLU C 74 22.67 -20.05 -30.90
CA GLU C 74 22.21 -20.95 -31.96
C GLU C 74 20.92 -20.45 -32.63
N ILE C 75 19.99 -19.94 -31.83
CA ILE C 75 18.76 -19.35 -32.38
C ILE C 75 19.00 -17.93 -32.91
N GLY C 76 20.15 -17.37 -32.55
CA GLY C 76 20.61 -16.09 -33.09
C GLY C 76 20.17 -14.84 -32.35
N LEU C 77 19.78 -14.98 -31.08
CA LEU C 77 19.24 -13.86 -30.31
C LEU C 77 20.27 -12.75 -30.07
N HIS C 78 21.54 -13.12 -29.91
CA HIS C 78 22.62 -12.16 -29.66
C HIS C 78 22.78 -11.13 -30.78
N ARG C 79 22.27 -11.46 -31.97
CA ARG C 79 22.38 -10.60 -33.13
C ARG C 79 21.14 -9.72 -33.36
N ALA C 80 20.32 -9.62 -32.31
CA ALA C 80 19.09 -8.82 -32.30
C ALA C 80 19.30 -7.35 -32.71
N PHE C 81 20.31 -6.71 -32.13
CA PHE C 81 20.57 -5.29 -32.39
C PHE C 81 21.87 -5.03 -33.15
N GLN C 82 22.45 -6.10 -33.68
CA GLN C 82 23.61 -6.00 -34.56
C GLN C 82 23.14 -5.51 -35.93
N PRO C 83 23.88 -4.57 -36.55
CA PRO C 83 23.52 -4.09 -37.90
C PRO C 83 23.42 -5.23 -38.90
N LYS C 84 22.48 -5.10 -39.84
CA LYS C 84 22.23 -6.10 -40.87
C LYS C 84 23.46 -6.37 -41.75
N VAL C 85 24.28 -5.35 -41.98
CA VAL C 85 25.49 -5.50 -42.80
C VAL C 85 26.46 -6.56 -42.27
N TYR C 86 26.45 -6.77 -40.95
CA TYR C 86 27.29 -7.78 -40.31
C TYR C 86 26.58 -9.12 -40.08
N GLY C 87 25.37 -9.24 -40.61
CA GLY C 87 24.55 -10.45 -40.43
C GLY C 87 23.57 -10.34 -39.26
N GLY C 88 23.33 -9.13 -38.80
CA GLY C 88 22.40 -8.89 -37.68
C GLY C 88 20.94 -8.91 -38.09
N LEU C 89 20.06 -8.96 -37.09
CA LEU C 89 18.62 -9.06 -37.33
C LEU C 89 17.94 -7.71 -37.37
N GLU C 90 18.46 -6.78 -36.56
CA GLU C 90 17.81 -5.49 -36.28
C GLU C 90 16.34 -5.67 -35.85
N MET C 91 16.16 -6.45 -34.79
CA MET C 91 14.84 -6.68 -34.20
C MET C 91 14.28 -5.37 -33.65
N SER C 92 12.97 -5.25 -33.64
CA SER C 92 12.31 -4.12 -32.98
C SER C 92 12.48 -4.30 -31.47
N LEU C 93 12.42 -3.19 -30.73
CA LEU C 93 12.51 -3.25 -29.27
C LEU C 93 11.42 -4.12 -28.62
N PRO C 94 10.14 -3.95 -29.03
CA PRO C 94 9.08 -4.80 -28.46
C PRO C 94 9.33 -6.31 -28.63
N ASP C 95 9.79 -6.71 -29.82
CA ASP C 95 10.01 -8.13 -30.12
C ASP C 95 11.16 -8.70 -29.30
N PHE C 96 12.25 -7.95 -29.20
CA PHE C 96 13.39 -8.35 -28.39
C PHE C 96 13.02 -8.41 -26.91
N ALA C 97 12.38 -7.36 -26.40
CA ALA C 97 12.00 -7.27 -24.99
C ALA C 97 11.10 -8.43 -24.56
N ASN C 98 10.17 -8.83 -25.42
CA ASN C 98 9.34 -10.02 -25.17
C ASN C 98 10.11 -11.34 -25.10
N CYS C 99 11.19 -11.44 -25.86
CA CYS C 99 12.08 -12.61 -25.79
C CYS C 99 12.79 -12.68 -24.44
N ILE C 100 13.21 -11.52 -23.95
CA ILE C 100 13.87 -11.42 -22.65
C ILE C 100 12.90 -11.70 -21.50
N VAL C 101 11.66 -11.23 -21.65
CA VAL C 101 10.58 -11.53 -20.70
C VAL C 101 10.38 -13.06 -20.57
N THR C 102 10.23 -13.72 -21.72
CA THR C 102 9.98 -15.16 -21.76
C THR C 102 11.18 -15.92 -21.19
N LEU C 103 12.38 -15.51 -21.59
CA LEU C 103 13.61 -16.11 -21.08
C LEU C 103 13.76 -16.01 -19.56
N ALA C 104 13.42 -14.83 -19.00
CA ALA C 104 13.50 -14.56 -17.56
C ALA C 104 12.59 -15.45 -16.71
N GLY C 105 11.55 -16.00 -17.32
CA GLY C 105 10.67 -16.96 -16.65
C GLY C 105 11.36 -18.28 -16.35
N ALA C 106 12.35 -18.63 -17.17
CA ALA C 106 13.13 -19.86 -17.00
C ALA C 106 14.35 -19.66 -16.09
N CYS C 107 15.09 -18.59 -16.34
CA CYS C 107 16.31 -18.26 -15.61
C CYS C 107 16.54 -16.76 -15.71
N ALA C 108 16.37 -16.06 -14.59
CA ALA C 108 16.43 -14.59 -14.57
C ALA C 108 17.84 -14.07 -14.82
N GLY C 109 18.83 -14.71 -14.19
CA GLY C 109 20.24 -14.36 -14.39
C GLY C 109 20.70 -14.53 -15.82
N THR C 110 20.27 -15.62 -16.46
CA THR C 110 20.56 -15.84 -17.87
C THR C 110 19.95 -14.73 -18.72
N ALA C 111 18.68 -14.44 -18.51
CA ALA C 111 17.97 -13.39 -19.24
C ALA C 111 18.60 -12.01 -19.03
N TRP C 112 18.94 -11.71 -17.79
CA TRP C 112 19.57 -10.44 -17.41
C TRP C 112 20.94 -10.26 -18.07
N ALA C 113 21.80 -11.28 -17.95
CA ALA C 113 23.13 -11.25 -18.53
C ALA C 113 23.06 -11.23 -20.05
N PHE C 114 22.22 -12.10 -20.62
CA PHE C 114 22.13 -12.21 -22.08
C PHE C 114 21.48 -11.01 -22.74
N SER C 115 20.50 -10.42 -22.07
CA SER C 115 19.89 -9.17 -22.51
C SER C 115 20.95 -8.10 -22.75
N LEU C 116 21.85 -7.94 -21.78
CA LEU C 116 22.92 -6.95 -21.87
C LEU C 116 23.91 -7.28 -22.98
N LEU C 117 24.28 -8.55 -23.12
CA LEU C 117 25.14 -8.98 -24.23
C LEU C 117 24.50 -8.60 -25.56
N CYS C 118 23.17 -8.63 -25.62
CA CYS C 118 22.42 -8.24 -26.80
C CYS C 118 22.35 -6.72 -27.00
N THR C 119 21.98 -6.00 -25.94
CA THR C 119 21.75 -4.55 -26.07
C THR C 119 23.04 -3.76 -26.29
N HIS C 120 24.18 -4.32 -25.89
CA HIS C 120 25.47 -3.67 -26.11
C HIS C 120 25.80 -3.51 -27.58
N SER C 121 25.32 -4.44 -28.41
CA SER C 121 25.50 -4.36 -29.87
C SER C 121 24.79 -3.16 -30.49
N HIS C 122 23.65 -2.75 -29.92
CA HIS C 122 22.92 -1.54 -30.35
C HIS C 122 23.80 -0.30 -30.16
N GLN C 123 24.54 -0.30 -29.05
CA GLN C 123 25.44 0.78 -28.68
C GLN C 123 26.66 0.80 -29.61
N ILE C 124 27.31 -0.35 -29.74
CA ILE C 124 28.47 -0.54 -30.61
C ILE C 124 28.17 -0.08 -32.04
N ALA C 125 26.92 -0.24 -32.48
CA ALA C 125 26.46 0.20 -33.79
C ALA C 125 26.50 1.72 -34.00
N MET C 126 26.73 2.45 -32.90
CA MET C 126 26.84 3.91 -32.93
C MET C 126 28.29 4.39 -32.86
N PHE C 127 29.20 3.46 -32.63
CA PHE C 127 30.63 3.75 -32.70
C PHE C 127 31.07 3.81 -34.17
N SER C 128 32.33 4.13 -34.42
CA SER C 128 32.86 4.23 -35.78
C SER C 128 32.75 2.91 -36.53
N LYS C 129 32.63 3.00 -37.86
CA LYS C 129 32.66 1.83 -38.74
C LYS C 129 33.90 0.96 -38.49
N GLN C 130 35.02 1.61 -38.18
CA GLN C 130 36.30 0.93 -37.98
C GLN C 130 36.27 0.00 -36.76
N LEU C 131 35.68 0.46 -35.66
CA LEU C 131 35.51 -0.39 -34.49
C LEU C 131 34.58 -1.57 -34.77
N GLN C 132 33.47 -1.29 -35.45
CA GLN C 132 32.48 -2.33 -35.75
C GLN C 132 33.05 -3.39 -36.68
N ASP C 133 33.75 -2.95 -37.73
CA ASP C 133 34.49 -3.84 -38.64
C ASP C 133 35.45 -4.71 -37.85
N GLU C 134 36.20 -4.08 -36.97
CA GLU C 134 37.19 -4.73 -36.12
C GLU C 134 36.58 -5.81 -35.21
N ILE C 135 35.39 -5.54 -34.69
CA ILE C 135 34.68 -6.52 -33.85
C ILE C 135 34.01 -7.62 -34.67
N TRP C 136 33.25 -7.23 -35.70
CA TRP C 136 32.32 -8.16 -36.34
C TRP C 136 32.73 -8.81 -37.67
N LEU C 137 33.66 -8.21 -38.41
CA LEU C 137 34.21 -8.86 -39.60
C LEU C 137 35.09 -10.03 -39.17
N LYS C 138 35.85 -9.80 -38.10
CA LYS C 138 36.63 -10.81 -37.39
C LYS C 138 35.73 -11.95 -36.90
N ASP C 139 34.73 -11.60 -36.09
CA ASP C 139 33.82 -12.56 -35.47
C ASP C 139 32.40 -12.00 -35.43
N PRO C 140 31.52 -12.46 -36.34
CA PRO C 140 30.14 -11.98 -36.43
C PRO C 140 29.30 -12.28 -35.18
N ASP C 141 29.75 -13.25 -34.38
CA ASP C 141 29.04 -13.68 -33.17
C ASP C 141 29.62 -13.06 -31.89
N ALA C 142 30.56 -12.14 -32.04
CA ALA C 142 31.21 -11.49 -30.89
C ALA C 142 30.25 -10.53 -30.17
N THR C 143 30.32 -10.54 -28.85
CA THR C 143 29.51 -9.63 -28.03
C THR C 143 30.38 -8.91 -26.99
N ALA C 144 29.83 -7.86 -26.41
CA ALA C 144 30.46 -7.14 -25.31
C ALA C 144 29.63 -7.25 -24.04
N SER C 145 30.32 -7.26 -22.89
CA SER C 145 29.70 -7.00 -21.61
C SER C 145 30.01 -5.54 -21.27
N SER C 146 29.59 -5.08 -20.10
CA SER C 146 29.88 -3.70 -19.72
C SER C 146 29.97 -3.47 -18.23
N SER C 147 30.51 -2.30 -17.89
CA SER C 147 30.53 -1.76 -16.53
C SER C 147 30.65 -0.26 -16.77
N ILE C 148 29.54 0.43 -16.57
CA ILE C 148 29.35 1.78 -17.13
C ILE C 148 29.50 2.91 -16.12
N ALA C 149 29.49 2.60 -14.83
CA ALA C 149 29.73 3.59 -13.79
C ALA C 149 31.19 4.08 -13.86
N PRO C 150 31.40 5.41 -14.01
CA PRO C 150 32.71 5.99 -14.30
C PRO C 150 33.66 6.02 -13.10
N PHE C 151 34.08 4.85 -12.62
CA PHE C 151 34.97 4.76 -11.46
C PHE C 151 36.46 4.77 -11.83
N GLY C 152 36.75 4.53 -13.10
CA GLY C 152 38.13 4.46 -13.58
C GLY C 152 38.86 5.79 -13.60
N LYS C 153 40.17 5.73 -13.41
CA LYS C 153 41.02 6.91 -13.49
C LYS C 153 41.60 7.02 -14.91
N VAL C 154 41.51 8.22 -15.47
CA VAL C 154 41.85 8.46 -16.87
C VAL C 154 43.06 9.38 -17.03
N GLU C 155 44.05 8.91 -17.78
CA GLU C 155 45.17 9.73 -18.20
C GLU C 155 45.05 10.03 -19.69
N GLU C 156 44.99 11.32 -20.02
CA GLU C 156 45.01 11.75 -21.41
C GLU C 156 46.43 11.60 -21.96
N VAL C 157 46.60 10.64 -22.86
CA VAL C 157 47.83 10.50 -23.64
C VAL C 157 47.47 10.90 -25.07
N GLU C 158 48.39 10.75 -26.02
CA GLU C 158 48.02 11.11 -27.38
C GLU C 158 47.51 9.95 -28.23
N GLY C 159 46.45 10.22 -28.97
CA GLY C 159 45.74 9.19 -29.72
C GLY C 159 44.74 8.42 -28.87
N GLY C 160 44.49 8.88 -27.65
CA GLY C 160 43.54 8.24 -26.76
C GLY C 160 43.76 8.47 -25.27
N ILE C 161 43.41 7.47 -24.47
CA ILE C 161 43.57 7.55 -23.01
C ILE C 161 44.20 6.29 -22.43
N ILE C 162 44.71 6.41 -21.21
CA ILE C 162 45.07 5.25 -20.39
C ILE C 162 44.07 5.16 -19.22
N LEU C 163 43.48 3.99 -19.06
CA LEU C 163 42.45 3.79 -18.04
C LEU C 163 42.86 2.76 -17.01
N ASN C 164 42.67 3.12 -15.74
CA ASN C 164 42.88 2.21 -14.61
C ASN C 164 41.62 2.14 -13.77
N GLY C 165 41.32 0.96 -13.26
CA GLY C 165 40.19 0.83 -12.36
C GLY C 165 39.62 -0.56 -12.24
N ASP C 166 38.87 -0.75 -11.15
CA ASP C 166 38.08 -1.93 -10.95
C ASP C 166 36.67 -1.63 -11.44
N TYR C 167 36.23 -2.40 -12.44
CA TYR C 167 34.94 -2.18 -13.07
C TYR C 167 33.97 -3.31 -12.72
N GLY C 168 33.21 -3.10 -11.65
CA GLY C 168 32.32 -4.12 -11.11
C GLY C 168 31.05 -4.39 -11.89
N TRP C 169 30.40 -5.48 -11.51
CA TRP C 169 29.06 -5.88 -12.01
C TRP C 169 28.94 -5.93 -13.53
N SER C 170 29.78 -6.74 -14.15
CA SER C 170 29.72 -6.94 -15.58
C SER C 170 29.01 -8.26 -15.88
N SER C 171 27.69 -8.19 -16.00
CA SER C 171 26.86 -9.36 -16.29
C SER C 171 27.27 -9.98 -17.61
N GLY C 172 27.41 -11.30 -17.61
CA GLY C 172 27.77 -12.07 -18.80
C GLY C 172 29.21 -11.93 -19.26
N CYS C 173 30.07 -11.37 -18.41
CA CYS C 173 31.45 -11.03 -18.79
C CYS C 173 32.34 -12.22 -19.18
N ASP C 174 32.08 -13.38 -18.59
CA ASP C 174 32.78 -14.62 -18.93
C ASP C 174 32.54 -15.07 -20.36
N HIS C 175 31.45 -14.60 -20.95
CA HIS C 175 31.02 -15.04 -22.29
C HIS C 175 31.20 -13.98 -23.38
N ALA C 176 31.74 -12.82 -23.02
CA ALA C 176 31.94 -11.73 -23.96
C ALA C 176 33.39 -11.66 -24.46
N GLU C 177 33.56 -11.17 -25.68
CA GLU C 177 34.89 -10.99 -26.27
C GLU C 177 35.40 -9.56 -26.07
N TYR C 178 34.50 -8.66 -25.68
CA TYR C 178 34.82 -7.25 -25.45
C TYR C 178 34.08 -6.72 -24.23
N ALA C 179 34.53 -5.57 -23.73
CA ALA C 179 33.83 -4.88 -22.66
C ALA C 179 33.64 -3.40 -23.00
N ILE C 180 32.45 -2.88 -22.71
CA ILE C 180 32.22 -1.44 -22.78
C ILE C 180 32.36 -0.87 -21.38
N VAL C 181 33.19 0.16 -21.27
CA VAL C 181 33.63 0.67 -20.00
C VAL C 181 33.35 2.18 -19.95
N GLY C 182 32.75 2.63 -18.84
CA GLY C 182 32.41 4.04 -18.69
C GLY C 182 33.46 4.81 -17.92
N PHE C 183 33.74 6.03 -18.35
CA PHE C 183 34.70 6.90 -17.66
C PHE C 183 34.42 8.37 -17.96
N ASN C 184 34.91 9.25 -17.09
CA ASN C 184 34.82 10.68 -17.31
C ASN C 184 36.11 11.25 -17.89
N ARG C 185 35.98 11.96 -19.01
CA ARG C 185 37.08 12.77 -19.52
C ARG C 185 36.76 14.21 -19.15
N PHE C 186 37.74 15.11 -19.33
CA PHE C 186 37.55 16.48 -18.88
C PHE C 186 37.68 17.56 -19.95
N ASP C 187 36.83 18.57 -19.82
CA ASP C 187 36.77 19.71 -20.74
C ASP C 187 38.01 20.61 -20.70
N ALA C 188 38.06 21.53 -21.74
CA ALA C 188 38.98 22.82 -21.39
C ALA C 188 38.64 23.34 -19.97
N ASP C 189 37.34 23.53 -19.70
CA ASP C 189 36.86 24.11 -18.43
C ASP C 189 37.04 23.22 -17.20
N GLY C 190 36.98 21.91 -17.40
CA GLY C 190 37.05 20.96 -16.29
C GLY C 190 35.69 20.33 -16.00
N ASN C 191 34.76 20.48 -16.93
CA ASN C 191 33.48 19.77 -16.86
C ASN C 191 33.67 18.33 -17.31
N LYS C 192 32.85 17.45 -16.75
CA LYS C 192 32.89 16.02 -17.07
C LYS C 192 32.35 15.73 -18.47
N ILE C 193 33.06 14.87 -19.19
CA ILE C 193 32.58 14.33 -20.46
C ILE C 193 32.45 12.82 -20.30
N TYR C 194 31.23 12.37 -20.01
CA TYR C 194 30.95 10.96 -19.80
C TYR C 194 31.09 10.19 -21.11
N SER C 195 32.00 9.22 -21.11
CA SER C 195 32.41 8.53 -22.33
C SER C 195 32.44 7.02 -22.16
N PHE C 196 32.33 6.31 -23.28
CA PHE C 196 32.43 4.86 -23.30
C PHE C 196 33.62 4.40 -24.15
N GLY C 197 34.32 3.39 -23.66
CA GLY C 197 35.43 2.79 -24.39
C GLY C 197 35.20 1.30 -24.59
N VAL C 198 35.42 0.82 -25.80
CA VAL C 198 35.31 -0.61 -26.10
C VAL C 198 36.70 -1.22 -26.14
N ILE C 199 36.91 -2.22 -25.28
CA ILE C 199 38.22 -2.85 -25.11
C ILE C 199 38.13 -4.38 -25.28
N PRO C 200 39.17 -5.00 -25.84
CA PRO C 200 39.13 -6.47 -26.01
C PRO C 200 39.37 -7.25 -24.72
N ARG C 201 38.87 -8.48 -24.71
CA ARG C 201 39.02 -9.42 -23.58
C ARG C 201 40.46 -9.52 -23.05
N SER C 202 41.44 -9.38 -23.95
CA SER C 202 42.85 -9.48 -23.59
C SER C 202 43.38 -8.30 -22.76
N ASP C 203 42.62 -7.21 -22.72
CA ASP C 203 43.04 -5.98 -22.03
C ASP C 203 42.61 -5.89 -20.56
N TYR C 204 41.85 -6.88 -20.10
CA TYR C 204 41.38 -6.88 -18.70
C TYR C 204 41.31 -8.27 -18.11
N GLU C 205 41.34 -8.32 -16.77
CA GLU C 205 41.21 -9.55 -16.02
C GLU C 205 39.81 -9.60 -15.40
N ILE C 206 39.14 -10.74 -15.53
CA ILE C 206 37.87 -10.96 -14.84
C ILE C 206 38.19 -11.49 -13.44
N VAL C 207 37.89 -10.66 -12.44
CA VAL C 207 38.06 -11.04 -11.05
C VAL C 207 36.72 -11.56 -10.53
N ASP C 208 36.73 -12.79 -10.03
CA ASP C 208 35.50 -13.44 -9.57
C ASP C 208 35.16 -13.08 -8.12
N ASN C 209 34.45 -11.98 -7.97
CA ASN C 209 33.96 -11.53 -6.68
C ASN C 209 32.42 -11.56 -6.64
N TRP C 210 31.82 -12.29 -7.57
CA TRP C 210 30.37 -12.33 -7.71
C TRP C 210 29.72 -13.29 -6.72
N TYR C 211 29.46 -12.78 -5.52
CA TYR C 211 28.77 -13.55 -4.48
C TYR C 211 27.56 -12.76 -4.01
N ALA C 212 26.43 -13.05 -4.66
CA ALA C 212 25.21 -12.28 -4.48
C ALA C 212 24.03 -13.17 -4.08
N GLN C 213 22.93 -12.53 -3.70
CA GLN C 213 21.73 -13.21 -3.24
C GLN C 213 20.59 -13.19 -4.25
N ALA C 214 20.89 -12.76 -5.47
CA ALA C 214 19.92 -12.73 -6.56
C ALA C 214 20.64 -12.74 -7.89
N ILE C 215 19.91 -13.08 -8.95
CA ILE C 215 20.45 -13.24 -10.30
C ILE C 215 21.89 -13.81 -10.30
N LYS C 216 22.08 -14.86 -9.50
CA LYS C 216 23.41 -15.43 -9.28
C LYS C 216 24.05 -15.87 -10.58
N SER C 217 23.23 -16.45 -11.45
CA SER C 217 23.67 -16.96 -12.74
C SER C 217 24.01 -15.89 -13.76
N SER C 218 23.89 -14.61 -13.40
CA SER C 218 24.25 -13.54 -14.34
C SER C 218 25.77 -13.42 -14.52
N GLY C 219 26.52 -13.91 -13.54
CA GLY C 219 27.98 -13.86 -13.57
C GLY C 219 28.47 -12.44 -13.65
N SER C 220 27.95 -11.60 -12.76
CA SER C 220 28.23 -10.16 -12.77
C SER C 220 29.54 -9.87 -12.03
N LYS C 221 30.62 -10.46 -12.55
CA LYS C 221 31.94 -10.35 -11.97
C LYS C 221 32.59 -9.02 -12.33
N MET C 222 33.75 -8.76 -11.75
CA MET C 222 34.42 -7.48 -11.90
C MET C 222 35.50 -7.52 -12.98
N LEU C 223 35.68 -6.41 -13.68
CA LEU C 223 36.73 -6.28 -14.69
C LEU C 223 37.87 -5.41 -14.16
N LYS C 224 39.07 -5.99 -14.10
CA LYS C 224 40.24 -5.26 -13.62
C LYS C 224 41.07 -4.70 -14.77
N LEU C 225 41.16 -3.38 -14.81
CA LEU C 225 41.88 -2.67 -15.86
C LEU C 225 43.17 -2.06 -15.30
N VAL C 226 44.30 -2.52 -15.81
CA VAL C 226 45.61 -2.01 -15.42
C VAL C 226 46.28 -1.36 -16.65
N ASN C 227 46.43 -0.04 -16.59
CA ASN C 227 47.02 0.77 -17.65
C ASN C 227 46.55 0.36 -19.04
N VAL C 228 45.24 0.36 -19.23
CA VAL C 228 44.65 -0.03 -20.49
C VAL C 228 44.64 1.18 -21.42
N PHE C 229 45.30 1.05 -22.57
CA PHE C 229 45.25 2.08 -23.58
C PHE C 229 44.02 1.89 -24.45
N ILE C 230 43.20 2.94 -24.53
CA ILE C 230 42.06 2.95 -25.43
C ILE C 230 42.26 4.06 -26.46
N PRO C 231 42.43 3.66 -27.74
CA PRO C 231 42.55 4.62 -28.84
C PRO C 231 41.25 5.38 -29.10
N GLU C 232 41.40 6.61 -29.58
CA GLU C 232 40.29 7.55 -29.78
C GLU C 232 39.09 6.97 -30.56
N TYR C 233 39.37 6.16 -31.58
CA TYR C 233 38.33 5.58 -32.43
C TYR C 233 37.48 4.53 -31.70
N ARG C 234 37.91 4.13 -30.51
CA ARG C 234 37.16 3.19 -29.69
C ARG C 234 36.53 3.87 -28.47
N ILE C 235 36.43 5.20 -28.55
CA ILE C 235 35.80 6.02 -27.50
C ILE C 235 34.66 6.84 -28.10
N SER C 236 33.48 6.74 -27.49
CA SER C 236 32.33 7.59 -27.85
C SER C 236 31.78 8.33 -26.63
N LYS C 237 31.35 9.57 -26.85
CA LYS C 237 30.67 10.35 -25.83
C LYS C 237 29.25 9.81 -25.66
N ALA C 238 28.82 9.67 -24.40
CA ALA C 238 27.47 9.19 -24.08
C ALA C 238 26.39 10.10 -24.66
N LYS C 239 26.59 11.41 -24.52
CA LYS C 239 25.67 12.42 -25.02
C LYS C 239 25.52 12.37 -26.55
N ASP C 240 26.62 12.06 -27.24
CA ASP C 240 26.61 11.87 -28.69
C ASP C 240 25.70 10.71 -29.11
N MET C 241 25.72 9.64 -28.31
CA MET C 241 24.92 8.45 -28.59
C MET C 241 23.47 8.60 -28.08
N MET C 242 23.21 9.68 -27.35
CA MET C 242 21.85 10.02 -26.95
C MET C 242 21.20 10.91 -28.01
N GLU C 243 22.03 11.63 -28.76
CA GLU C 243 21.56 12.72 -29.62
C GLU C 243 21.85 12.53 -31.13
N GLY C 244 22.32 11.35 -31.52
CA GLY C 244 22.64 11.06 -32.91
C GLY C 244 23.80 11.90 -33.44
N LYS C 245 24.88 11.94 -32.67
CA LYS C 245 26.05 12.75 -33.02
C LYS C 245 27.36 11.98 -32.94
N SER C 246 27.26 10.68 -32.70
CA SER C 246 28.44 9.83 -32.60
C SER C 246 29.00 9.46 -33.97
N ALA C 247 30.17 8.83 -33.97
CA ALA C 247 30.91 8.52 -35.20
C ALA C 247 30.14 7.60 -36.15
N GLY C 248 29.28 6.75 -35.58
CA GLY C 248 28.51 5.78 -36.35
C GLY C 248 27.14 6.23 -36.80
N PHE C 249 26.76 7.48 -36.49
CA PHE C 249 25.49 8.02 -36.94
C PHE C 249 25.44 8.07 -38.48
N GLY C 250 24.32 7.63 -39.04
CA GLY C 250 24.10 7.68 -40.48
C GLY C 250 24.66 6.51 -41.27
N LEU C 251 25.29 5.56 -40.58
CA LEU C 251 25.90 4.40 -41.23
C LEU C 251 24.87 3.47 -41.86
N TYR C 252 23.71 3.37 -41.20
CA TYR C 252 22.66 2.45 -41.63
C TYR C 252 21.35 3.22 -41.88
N PRO C 253 21.22 3.82 -43.08
CA PRO C 253 20.14 4.75 -43.40
C PRO C 253 18.76 4.10 -43.52
N ASP C 254 18.73 2.78 -43.66
CA ASP C 254 17.48 2.03 -43.74
C ASP C 254 17.07 1.43 -42.39
N SER C 255 17.90 1.64 -41.37
CA SER C 255 17.67 1.06 -40.05
C SER C 255 16.47 1.65 -39.34
N LYS C 256 15.66 0.77 -38.76
CA LYS C 256 14.51 1.17 -37.97
C LYS C 256 14.86 1.30 -36.47
N ILE C 257 16.12 1.05 -36.12
CA ILE C 257 16.50 1.00 -34.70
C ILE C 257 17.70 1.86 -34.26
N PHE C 258 18.58 2.25 -35.18
CA PHE C 258 19.81 2.96 -34.78
C PHE C 258 19.69 4.49 -34.69
N TYR C 259 18.63 5.05 -35.27
CA TYR C 259 18.38 6.50 -35.17
C TYR C 259 17.52 6.77 -33.94
N THR C 260 18.14 6.64 -32.78
CA THR C 260 17.47 6.65 -31.48
C THR C 260 18.54 6.79 -30.38
N PRO C 261 18.17 7.31 -29.18
CA PRO C 261 19.09 7.31 -28.04
C PRO C 261 19.53 5.90 -27.63
N TYR C 262 20.80 5.75 -27.27
CA TYR C 262 21.37 4.43 -26.94
C TYR C 262 20.79 3.87 -25.65
N ARG C 263 20.63 4.73 -24.64
CA ARG C 263 20.37 4.32 -23.27
C ARG C 263 19.07 3.55 -23.04
N PRO C 264 17.95 4.01 -23.64
CA PRO C 264 16.69 3.27 -23.54
C PRO C 264 16.77 1.81 -24.06
N TYR C 265 17.58 1.57 -25.08
CA TYR C 265 17.80 0.20 -25.55
C TYR C 265 18.75 -0.56 -24.62
N PHE C 266 19.84 0.10 -24.21
CA PHE C 266 20.80 -0.50 -23.28
C PHE C 266 20.09 -1.09 -22.06
N ALA C 267 19.24 -0.28 -21.45
CA ALA C 267 18.66 -0.58 -20.17
C ALA C 267 17.26 -1.22 -20.24
N SER C 268 16.82 -1.57 -21.45
CA SER C 268 15.47 -2.13 -21.66
C SER C 268 15.23 -3.49 -21.02
N GLY C 269 16.30 -4.22 -20.74
CA GLY C 269 16.20 -5.60 -20.27
C GLY C 269 15.89 -5.75 -18.80
N PHE C 270 16.20 -4.74 -18.00
CA PHE C 270 15.98 -4.81 -16.55
C PHE C 270 14.51 -5.03 -16.21
N SER C 271 13.62 -4.23 -16.83
CA SER C 271 12.19 -4.34 -16.61
C SER C 271 11.56 -5.54 -17.32
N ALA C 272 12.12 -5.91 -18.47
CA ALA C 272 11.71 -7.13 -19.17
C ALA C 272 11.94 -8.37 -18.30
N VAL C 273 13.11 -8.45 -17.67
CA VAL C 273 13.42 -9.52 -16.71
C VAL C 273 12.44 -9.52 -15.53
N SER C 274 12.16 -8.32 -15.01
CA SER C 274 11.19 -8.15 -13.91
C SER C 274 9.81 -8.69 -14.31
N LEU C 275 9.34 -8.31 -15.49
CA LEU C 275 8.04 -8.77 -16.00
C LEU C 275 7.99 -10.30 -16.14
N GLY C 276 9.06 -10.88 -16.66
CA GLY C 276 9.16 -12.32 -16.88
C GLY C 276 9.16 -13.13 -15.59
N ILE C 277 9.88 -12.63 -14.59
CA ILE C 277 9.86 -13.20 -13.25
C ILE C 277 8.46 -13.17 -12.66
N ALA C 278 7.81 -12.00 -12.78
CA ALA C 278 6.49 -11.79 -12.18
C ALA C 278 5.42 -12.67 -12.82
N GLU C 279 5.47 -12.79 -14.15
CA GLU C 279 4.56 -13.67 -14.89
C GLU C 279 4.79 -15.15 -14.56
N ARG C 280 6.05 -15.53 -14.38
CA ARG C 280 6.38 -16.89 -13.94
C ARG C 280 5.93 -17.14 -12.49
N MET C 281 6.14 -16.16 -11.61
CA MET C 281 5.71 -16.25 -10.22
C MET C 281 4.22 -16.57 -10.09
N ILE C 282 3.39 -15.92 -10.93
CA ILE C 282 1.96 -16.17 -10.93
C ILE C 282 1.67 -17.62 -11.30
N GLU C 283 2.34 -18.11 -12.34
CA GLU C 283 2.18 -19.48 -12.81
C GLU C 283 2.67 -20.48 -11.77
N ALA C 284 3.87 -20.25 -11.24
CA ALA C 284 4.45 -21.11 -10.22
C ALA C 284 3.59 -21.17 -8.95
N PHE C 285 3.09 -20.02 -8.52
CA PHE C 285 2.21 -19.94 -7.35
C PHE C 285 0.89 -20.70 -7.57
N LYS C 286 0.31 -20.55 -8.76
CA LYS C 286 -0.91 -21.27 -9.13
C LYS C 286 -0.71 -22.79 -9.10
N GLU C 287 0.44 -23.24 -9.60
CA GLU C 287 0.80 -24.67 -9.62
C GLU C 287 0.89 -25.25 -8.21
N LYS C 288 1.58 -24.54 -7.32
CA LYS C 288 1.75 -24.97 -5.93
C LYS C 288 0.45 -24.91 -5.14
N GLN C 289 -0.41 -23.97 -5.51
CA GLN C 289 -1.62 -23.70 -4.74
C GLN C 289 -2.68 -24.79 -4.89
N ARG C 290 -2.81 -25.36 -6.08
CA ARG C 290 -3.85 -26.36 -6.37
C ARG C 290 -4.03 -27.40 -5.25
N ASN C 291 -2.92 -27.95 -4.78
CA ASN C 291 -2.92 -29.07 -3.83
C ASN C 291 -2.56 -28.70 -2.38
N ARG C 292 -2.51 -27.40 -2.09
CA ARG C 292 -2.14 -26.85 -0.78
C ARG C 292 -3.03 -27.32 0.37
N VAL C 293 -2.39 -27.87 1.41
CA VAL C 293 -3.07 -28.31 2.63
C VAL C 293 -2.57 -27.57 3.89
N ARG C 294 -3.48 -27.36 4.84
CA ARG C 294 -3.16 -26.76 6.14
C ARG C 294 -2.50 -27.77 7.06
N ALA C 295 -1.33 -27.42 7.58
CA ALA C 295 -0.58 -28.30 8.48
C ALA C 295 -1.28 -28.50 9.83
N TYR C 296 -1.96 -27.46 10.30
CA TYR C 296 -2.61 -27.48 11.61
C TYR C 296 -3.93 -28.24 11.63
N THR C 297 -4.67 -28.17 10.53
CA THR C 297 -6.05 -28.68 10.46
C THR C 297 -6.24 -29.84 9.48
N GLY C 298 -5.32 -30.00 8.54
CA GLY C 298 -5.40 -31.04 7.53
C GLY C 298 -6.46 -30.76 6.46
N ALA C 299 -6.73 -29.47 6.23
CA ALA C 299 -7.74 -29.05 5.27
C ALA C 299 -7.14 -28.68 3.91
N ASN C 300 -7.78 -29.16 2.84
CA ASN C 300 -7.43 -28.73 1.48
C ASN C 300 -7.89 -27.29 1.28
N VAL C 301 -6.94 -26.44 0.92
CA VAL C 301 -7.07 -25.00 1.13
C VAL C 301 -6.59 -24.19 -0.09
N GLY C 302 -6.12 -24.90 -1.11
CA GLY C 302 -5.59 -24.29 -2.33
C GLY C 302 -6.52 -23.31 -3.03
N LEU C 303 -7.82 -23.61 -3.02
CA LEU C 303 -8.81 -22.77 -3.70
C LEU C 303 -9.60 -21.86 -2.74
N ALA C 304 -9.01 -21.54 -1.59
CA ALA C 304 -9.63 -20.60 -0.64
C ALA C 304 -9.65 -19.18 -1.20
N THR C 305 -10.67 -18.42 -0.80
CA THR C 305 -10.93 -17.07 -1.30
C THR C 305 -9.75 -16.10 -1.21
N PRO C 306 -9.10 -15.98 -0.03
CA PRO C 306 -7.95 -15.05 0.04
C PRO C 306 -6.85 -15.31 -1.00
N ALA C 307 -6.52 -16.58 -1.23
CA ALA C 307 -5.51 -16.97 -2.21
C ALA C 307 -5.94 -16.68 -3.65
N LEU C 308 -7.23 -16.89 -3.96
CA LEU C 308 -7.78 -16.61 -5.28
C LEU C 308 -7.70 -15.13 -5.62
N MET C 309 -7.97 -14.29 -4.63
CA MET C 309 -7.96 -12.83 -4.80
C MET C 309 -6.54 -12.28 -4.96
N ARG C 310 -5.58 -12.86 -4.23
CA ARG C 310 -4.17 -12.50 -4.43
C ARG C 310 -3.71 -12.87 -5.83
N ILE C 311 -4.09 -14.07 -6.28
CA ILE C 311 -3.77 -14.54 -7.63
C ILE C 311 -4.34 -13.58 -8.68
N ALA C 312 -5.59 -13.16 -8.50
CA ALA C 312 -6.25 -12.23 -9.40
C ALA C 312 -5.61 -10.84 -9.40
N GLU C 313 -5.33 -10.30 -8.21
CA GLU C 313 -4.75 -8.96 -8.11
C GLU C 313 -3.34 -8.87 -8.65
N SER C 314 -2.53 -9.90 -8.36
CA SER C 314 -1.19 -9.96 -8.94
C SER C 314 -1.26 -10.16 -10.46
N THR C 315 -2.26 -10.90 -10.93
CA THR C 315 -2.50 -11.04 -12.37
C THR C 315 -2.85 -9.68 -12.98
N HIS C 316 -3.78 -8.95 -12.37
CA HIS C 316 -4.13 -7.61 -12.82
C HIS C 316 -2.95 -6.64 -12.79
N GLN C 317 -2.21 -6.65 -11.68
CA GLN C 317 -1.08 -5.75 -11.53
C GLN C 317 0.02 -5.97 -12.55
N VAL C 318 0.39 -7.23 -12.81
CA VAL C 318 1.40 -7.45 -13.84
C VAL C 318 0.88 -7.32 -15.28
N ALA C 319 -0.42 -7.53 -15.48
CA ALA C 319 -1.07 -7.25 -16.76
C ALA C 319 -1.03 -5.75 -17.08
N ALA C 320 -1.22 -4.93 -16.06
CA ALA C 320 -1.13 -3.47 -16.20
C ALA C 320 0.33 -3.04 -16.42
N ALA C 321 1.27 -3.74 -15.78
CA ALA C 321 2.68 -3.47 -15.97
C ALA C 321 3.10 -3.85 -17.39
N ARG C 322 2.63 -5.00 -17.86
CA ARG C 322 2.87 -5.44 -19.23
C ARG C 322 2.29 -4.45 -20.25
N ALA C 323 1.03 -4.04 -20.05
CA ALA C 323 0.37 -3.05 -20.88
C ALA C 323 1.16 -1.73 -20.95
N LEU C 324 1.65 -1.25 -19.81
CA LEU C 324 2.47 -0.03 -19.78
C LEU C 324 3.77 -0.21 -20.54
N LEU C 325 4.42 -1.35 -20.34
CA LEU C 325 5.68 -1.64 -21.01
C LEU C 325 5.49 -1.80 -22.52
N GLU C 326 4.42 -2.49 -22.92
CA GLU C 326 4.10 -2.70 -24.34
C GLU C 326 3.83 -1.39 -25.07
N LYS C 327 3.09 -0.49 -24.42
CA LYS C 327 2.84 0.85 -24.96
C LYS C 327 4.14 1.66 -25.07
N THR C 328 5.00 1.55 -24.05
CA THR C 328 6.29 2.24 -24.06
C THR C 328 7.23 1.69 -25.15
N TRP C 329 7.28 0.37 -25.29
CA TRP C 329 8.09 -0.26 -26.34
C TRP C 329 7.63 0.11 -27.75
N GLU C 330 6.32 0.20 -27.92
CA GLU C 330 5.70 0.65 -29.16
C GLU C 330 6.11 2.08 -29.50
N ASP C 331 6.10 2.94 -28.50
CA ASP C 331 6.57 4.32 -28.63
C ASP C 331 8.04 4.40 -29.09
N HIS C 332 8.90 3.55 -28.52
CA HIS C 332 10.28 3.39 -28.97
C HIS C 332 10.34 2.97 -30.43
N ARG C 333 9.54 1.95 -30.77
CA ARG C 333 9.52 1.37 -32.12
C ARG C 333 9.12 2.40 -33.18
N ILE C 334 8.06 3.16 -32.90
CA ILE C 334 7.59 4.25 -33.75
C ILE C 334 8.64 5.35 -33.96
N HIS C 335 9.29 5.77 -32.87
CA HIS C 335 10.33 6.80 -32.95
C HIS C 335 11.52 6.35 -33.81
N GLY C 336 11.93 5.10 -33.66
CA GLY C 336 13.04 4.53 -34.41
C GLY C 336 12.73 4.37 -35.88
N LEU C 337 11.49 3.98 -36.18
CA LEU C 337 10.98 3.87 -37.54
C LEU C 337 11.09 5.20 -38.29
N ASN C 338 10.72 6.28 -37.62
CA ASN C 338 10.68 7.61 -38.20
C ASN C 338 12.02 8.34 -38.10
N HIS C 339 13.03 7.67 -37.54
CA HIS C 339 14.35 8.29 -37.27
C HIS C 339 14.19 9.53 -36.40
N GLN C 340 13.21 9.49 -35.51
CA GLN C 340 12.83 10.63 -34.70
C GLN C 340 13.37 10.51 -33.28
N TYR C 341 14.25 11.45 -32.91
CA TYR C 341 14.75 11.52 -31.55
C TYR C 341 13.67 12.12 -30.67
N PRO C 342 13.41 11.49 -29.51
CA PRO C 342 12.30 11.89 -28.64
C PRO C 342 12.51 13.27 -28.02
N ASN C 343 11.42 14.00 -27.80
CA ASN C 343 11.48 15.24 -27.03
C ASN C 343 11.68 14.98 -25.53
N LYS C 344 11.81 16.04 -24.75
CA LYS C 344 12.12 15.93 -23.32
C LYS C 344 11.07 15.11 -22.56
N GLU C 345 9.80 15.36 -22.84
CA GLU C 345 8.70 14.68 -22.15
C GLU C 345 8.67 13.17 -22.39
N THR C 346 8.77 12.73 -23.65
CA THR C 346 8.77 11.29 -23.93
C THR C 346 10.03 10.58 -23.42
N LEU C 347 11.16 11.28 -23.45
CA LEU C 347 12.42 10.79 -22.90
C LEU C 347 12.28 10.49 -21.41
N ALA C 348 11.66 11.42 -20.66
CA ALA C 348 11.40 11.24 -19.24
C ALA C 348 10.50 10.02 -18.97
N PHE C 349 9.51 9.81 -19.82
CA PHE C 349 8.64 8.63 -19.73
C PHE C 349 9.36 7.32 -20.08
N TRP C 350 10.19 7.36 -21.13
CA TRP C 350 11.01 6.21 -21.51
C TRP C 350 11.98 5.81 -20.41
N ARG C 351 12.58 6.82 -19.77
CA ARG C 351 13.51 6.62 -18.67
C ARG C 351 12.84 6.00 -17.44
N THR C 352 11.61 6.43 -17.16
CA THR C 352 11.00 6.18 -15.86
C THR C 352 9.90 5.11 -15.83
N ASN C 353 9.17 4.95 -16.94
CA ASN C 353 8.05 4.01 -17.00
C ASN C 353 8.45 2.58 -16.60
N GLN C 354 9.60 2.16 -17.10
CA GLN C 354 10.14 0.84 -16.81
C GLN C 354 10.39 0.62 -15.31
N ALA C 355 10.76 1.68 -14.60
CA ALA C 355 11.00 1.59 -13.16
C ALA C 355 9.68 1.45 -12.39
N TYR C 356 8.64 2.13 -12.87
CA TYR C 356 7.31 1.96 -12.29
C TYR C 356 6.78 0.54 -12.52
N ALA C 357 6.99 0.03 -13.73
CA ALA C 357 6.63 -1.36 -14.08
C ALA C 357 7.34 -2.40 -13.21
N VAL C 358 8.63 -2.19 -12.95
CA VAL C 358 9.42 -3.03 -12.03
C VAL C 358 8.81 -3.01 -10.62
N LYS C 359 8.46 -1.81 -10.16
CA LYS C 359 7.82 -1.61 -8.85
C LYS C 359 6.48 -2.35 -8.72
N MET C 360 5.68 -2.35 -9.78
CA MET C 360 4.42 -3.09 -9.85
C MET C 360 4.66 -4.61 -9.83
N CYS C 361 5.67 -5.05 -10.59
CA CYS C 361 6.00 -6.47 -10.68
C CYS C 361 6.45 -7.05 -9.34
N ILE C 362 7.25 -6.28 -8.60
CA ILE C 362 7.72 -6.69 -7.27
C ILE C 362 6.57 -6.76 -6.28
N GLU C 363 5.68 -5.78 -6.32
CA GLU C 363 4.44 -5.82 -5.52
C GLU C 363 3.63 -7.08 -5.78
N ALA C 364 3.48 -7.44 -7.05
CA ALA C 364 2.70 -8.58 -7.48
C ALA C 364 3.33 -9.90 -7.04
N VAL C 365 4.65 -9.97 -7.14
CA VAL C 365 5.45 -11.10 -6.61
C VAL C 365 5.34 -11.22 -5.09
N ASP C 366 5.42 -10.07 -4.41
CA ASP C 366 5.37 -10.02 -2.96
C ASP C 366 4.02 -10.41 -2.40
N ARG C 367 2.94 -10.04 -3.11
CA ARG C 367 1.58 -10.38 -2.69
C ARG C 367 1.39 -11.90 -2.67
N LEU C 368 2.07 -12.60 -3.58
CA LEU C 368 1.99 -14.05 -3.66
C LEU C 368 2.96 -14.73 -2.70
N MET C 369 4.19 -14.22 -2.60
CA MET C 369 5.15 -14.74 -1.64
C MET C 369 4.64 -14.66 -0.19
N ALA C 370 3.86 -13.62 0.11
CA ALA C 370 3.31 -13.43 1.45
C ALA C 370 2.28 -14.51 1.84
N ALA C 371 1.73 -15.18 0.82
CA ALA C 371 0.73 -16.22 1.05
C ALA C 371 1.24 -17.61 0.72
N ALA C 372 2.55 -17.74 0.50
CA ALA C 372 3.14 -18.95 -0.07
C ALA C 372 3.59 -19.99 0.97
N GLY C 373 3.65 -19.60 2.24
CA GLY C 373 4.00 -20.55 3.29
C GLY C 373 5.49 -20.78 3.45
N ALA C 374 5.86 -21.49 4.51
CA ALA C 374 7.26 -21.72 4.87
C ALA C 374 8.05 -22.57 3.86
N THR C 375 7.36 -23.48 3.17
CA THR C 375 8.02 -24.36 2.20
C THR C 375 8.62 -23.58 1.02
N SER C 376 8.12 -22.36 0.81
CA SER C 376 8.52 -21.53 -0.32
C SER C 376 9.86 -20.83 -0.11
N PHE C 377 10.36 -20.86 1.12
CA PHE C 377 11.66 -20.31 1.46
C PHE C 377 12.75 -21.39 1.56
N MET C 378 12.37 -22.63 1.24
CA MET C 378 13.33 -23.72 1.15
C MET C 378 14.07 -23.65 -0.19
N ASP C 379 15.32 -24.11 -0.19
CA ASP C 379 16.15 -24.15 -1.41
C ASP C 379 15.52 -24.93 -2.56
N ASN C 380 14.72 -25.94 -2.23
CA ASN C 380 14.07 -26.79 -3.23
C ASN C 380 12.80 -26.18 -3.84
N SER C 381 12.48 -24.95 -3.44
CA SER C 381 11.35 -24.23 -4.02
C SER C 381 11.83 -23.18 -5.02
N GLU C 382 11.12 -23.09 -6.14
CA GLU C 382 11.39 -22.10 -7.18
C GLU C 382 10.93 -20.70 -6.76
N LEU C 383 9.88 -20.63 -5.95
CA LEU C 383 9.28 -19.36 -5.53
C LEU C 383 10.30 -18.42 -4.88
N GLN C 384 11.10 -18.99 -4.00
CA GLN C 384 12.20 -18.33 -3.32
C GLN C 384 13.20 -17.67 -4.28
N ARG C 385 13.55 -18.37 -5.37
CA ARG C 385 14.44 -17.84 -6.40
C ARG C 385 13.79 -16.67 -7.15
N LEU C 386 12.50 -16.82 -7.47
CA LEU C 386 11.74 -15.81 -8.18
C LEU C 386 11.59 -14.55 -7.33
N PHE C 387 11.31 -14.76 -6.05
CA PHE C 387 11.22 -13.69 -5.06
C PHE C 387 12.52 -12.86 -4.97
N ARG C 388 13.65 -13.53 -4.80
CA ARG C 388 14.94 -12.84 -4.67
C ARG C 388 15.33 -12.10 -5.94
N ASP C 389 15.18 -12.78 -7.08
CA ASP C 389 15.51 -12.21 -8.37
C ASP C 389 14.63 -10.99 -8.72
N ALA C 390 13.34 -11.08 -8.42
CA ALA C 390 12.41 -9.94 -8.59
C ALA C 390 12.88 -8.70 -7.82
N HIS C 391 13.23 -8.86 -6.56
CA HIS C 391 13.66 -7.74 -5.73
C HIS C 391 14.94 -7.09 -6.25
N MET C 392 15.85 -7.91 -6.77
CA MET C 392 17.08 -7.47 -7.41
C MET C 392 16.85 -6.61 -8.66
N THR C 393 15.79 -6.88 -9.41
CA THR C 393 15.46 -6.05 -10.57
C THR C 393 15.14 -4.60 -10.16
N GLY C 394 14.67 -4.42 -8.93
CA GLY C 394 14.40 -3.08 -8.37
C GLY C 394 15.60 -2.43 -7.71
N ALA C 395 16.73 -3.13 -7.69
CA ALA C 395 17.91 -2.68 -6.96
C ALA C 395 18.97 -2.03 -7.85
N HIS C 396 18.77 -2.13 -9.17
CA HIS C 396 19.69 -1.52 -10.12
C HIS C 396 19.54 -0.01 -10.11
N ALA C 397 20.65 0.70 -10.34
CA ALA C 397 20.66 2.16 -10.34
C ALA C 397 19.64 2.77 -11.32
N TYR C 398 19.40 2.07 -12.42
CA TYR C 398 18.48 2.53 -13.47
C TYR C 398 17.00 2.29 -13.12
N THR C 399 16.73 1.37 -12.20
CA THR C 399 15.36 1.04 -11.81
C THR C 399 14.95 1.62 -10.44
N ASP C 400 15.86 2.33 -9.78
CA ASP C 400 15.57 3.03 -8.54
C ASP C 400 14.37 3.96 -8.79
N TYR C 401 13.25 3.70 -8.12
CA TYR C 401 12.03 4.46 -8.42
C TYR C 401 12.00 5.84 -7.75
N ASP C 402 12.71 6.00 -6.63
CA ASP C 402 12.87 7.30 -5.99
C ASP C 402 13.54 8.28 -6.95
N VAL C 403 14.57 7.80 -7.62
CA VAL C 403 15.28 8.59 -8.64
C VAL C 403 14.35 8.88 -9.82
N CYS C 404 13.66 7.85 -10.32
CA CYS C 404 12.78 8.00 -11.47
C CYS C 404 11.56 8.91 -11.20
N ALA C 405 11.00 8.84 -9.99
CA ALA C 405 9.91 9.74 -9.61
C ALA C 405 10.34 11.21 -9.59
N GLN C 406 11.57 11.47 -9.15
CA GLN C 406 12.11 12.83 -9.14
C GLN C 406 12.40 13.32 -10.55
N ILE C 407 12.94 12.45 -11.39
CA ILE C 407 13.22 12.78 -12.78
C ILE C 407 11.95 13.17 -13.54
N LEU C 408 10.93 12.30 -13.49
CA LEU C 408 9.65 12.59 -14.15
C LEU C 408 8.95 13.79 -13.53
N GLY C 409 8.90 13.83 -12.20
CA GLY C 409 8.26 14.93 -11.48
C GLY C 409 8.78 16.29 -11.88
N ARG C 410 10.11 16.43 -11.92
CA ARG C 410 10.77 17.67 -12.34
C ARG C 410 10.43 18.05 -13.78
N GLU C 411 10.44 17.06 -14.67
CA GLU C 411 10.10 17.29 -16.08
C GLU C 411 8.65 17.75 -16.24
N LEU C 412 7.73 17.05 -15.57
CA LEU C 412 6.31 17.38 -15.62
C LEU C 412 6.00 18.80 -15.12
N MET C 413 6.83 19.29 -14.21
CA MET C 413 6.66 20.62 -13.62
C MET C 413 7.49 21.71 -14.31
N GLY C 414 8.15 21.33 -15.41
CA GLY C 414 8.92 22.29 -16.21
C GLY C 414 10.21 22.74 -15.58
N MET C 415 10.76 21.94 -14.68
CA MET C 415 12.00 22.25 -13.98
C MET C 415 13.21 21.72 -14.74
N GLU C 416 14.36 22.34 -14.52
CA GLU C 416 15.62 21.85 -15.05
C GLU C 416 15.99 20.52 -14.37
N PRO C 417 16.60 19.60 -15.13
CA PRO C 417 17.06 18.33 -14.56
C PRO C 417 18.00 18.51 -13.37
N ASP C 418 17.90 17.59 -12.41
CA ASP C 418 18.76 17.54 -11.24
C ASP C 418 20.02 16.79 -11.67
N PRO C 419 21.19 17.47 -11.65
CA PRO C 419 22.45 16.83 -12.08
C PRO C 419 22.90 15.72 -11.10
N THR C 420 22.35 15.76 -9.90
CA THR C 420 22.61 14.77 -8.83
C THR C 420 22.19 13.33 -9.20
N MET C 421 21.34 13.21 -10.21
CA MET C 421 20.87 11.91 -10.69
C MET C 421 20.67 11.95 -12.20
N VAL C 422 20.53 10.77 -12.80
CA VAL C 422 20.44 10.67 -14.26
C VAL C 422 19.73 9.38 -14.68
N ARG D 24 4.56 10.13 -32.19
CA ARG D 24 4.74 9.81 -30.74
C ARG D 24 3.42 9.40 -30.07
N LEU D 25 3.51 8.50 -29.10
CA LEU D 25 2.35 8.12 -28.27
C LEU D 25 2.16 9.11 -27.13
N VAL D 26 0.98 9.04 -26.50
CA VAL D 26 0.63 9.91 -25.37
C VAL D 26 0.32 9.04 -24.16
N TYR D 27 0.95 9.35 -23.02
CA TYR D 27 0.77 8.55 -21.80
C TYR D 27 -0.30 9.12 -20.86
N THR D 28 -0.52 10.43 -20.96
CA THR D 28 -1.25 11.20 -19.95
C THR D 28 -2.72 11.50 -20.31
N HIS D 29 -3.11 11.17 -21.54
CA HIS D 29 -4.45 11.39 -22.05
C HIS D 29 -4.59 10.70 -23.40
N ALA D 30 -5.73 10.90 -24.06
CA ALA D 30 -6.01 10.28 -25.35
C ALA D 30 -5.33 10.99 -26.51
N GLN D 31 -4.81 10.20 -27.43
CA GLN D 31 -4.41 10.71 -28.73
C GLN D 31 -5.68 10.99 -29.54
N THR D 32 -5.76 12.18 -30.12
CA THR D 32 -6.90 12.52 -30.99
C THR D 32 -6.78 11.73 -32.30
N PRO D 33 -7.88 11.06 -32.72
CA PRO D 33 -7.88 10.25 -33.94
C PRO D 33 -7.48 11.05 -35.18
N ASP D 34 -6.53 10.49 -35.92
CA ASP D 34 -5.87 11.12 -37.05
C ASP D 34 -6.67 10.87 -38.33
N VAL D 35 -7.66 11.73 -38.56
CA VAL D 35 -8.57 11.60 -39.71
C VAL D 35 -8.66 12.90 -40.52
N SER D 36 -9.22 12.81 -41.73
CA SER D 36 -9.46 13.98 -42.58
C SER D 36 -10.85 14.58 -42.32
N GLY D 37 -11.28 14.48 -41.06
CA GLY D 37 -12.54 15.07 -40.60
C GLY D 37 -12.44 15.37 -39.11
N VAL D 38 -13.44 16.07 -38.58
CA VAL D 38 -13.47 16.40 -37.15
C VAL D 38 -14.01 15.22 -36.36
N SER D 39 -13.14 14.61 -35.54
CA SER D 39 -13.49 13.44 -34.74
C SER D 39 -14.40 13.83 -33.58
N MET D 40 -15.15 12.86 -33.05
CA MET D 40 -16.00 13.09 -31.89
C MET D 40 -15.20 13.65 -30.72
N LEU D 41 -13.98 13.13 -30.52
CA LEU D 41 -13.10 13.58 -29.45
C LEU D 41 -12.77 15.07 -29.53
N GLU D 42 -12.45 15.55 -30.74
CA GLU D 42 -12.20 16.98 -30.96
C GLU D 42 -13.43 17.83 -30.65
N LYS D 43 -14.61 17.35 -31.07
CA LYS D 43 -15.87 18.04 -30.79
C LYS D 43 -16.16 18.11 -29.28
N ILE D 44 -15.87 17.03 -28.56
CA ILE D 44 -15.94 17.01 -27.09
C ILE D 44 -15.00 18.07 -26.50
N GLN D 45 -13.77 18.13 -27.00
CA GLN D 45 -12.77 19.07 -26.53
C GLN D 45 -13.18 20.54 -26.74
N GLN D 46 -13.90 20.80 -27.82
CA GLN D 46 -14.39 22.15 -28.13
C GLN D 46 -15.45 22.61 -27.13
N ILE D 47 -16.34 21.71 -26.71
CA ILE D 47 -17.43 22.05 -25.80
C ILE D 47 -17.06 21.87 -24.31
N LEU D 48 -15.88 21.30 -24.07
CA LEU D 48 -15.44 20.96 -22.72
C LEU D 48 -15.39 22.13 -21.73
N PRO D 49 -14.86 23.31 -22.14
CA PRO D 49 -14.88 24.46 -21.24
C PRO D 49 -16.29 24.86 -20.76
N GLN D 50 -17.29 24.71 -21.63
CA GLN D 50 -18.69 24.98 -21.26
C GLN D 50 -19.20 23.99 -20.22
N ILE D 51 -18.89 22.71 -20.42
CA ILE D 51 -19.25 21.65 -19.48
C ILE D 51 -18.56 21.87 -18.14
N ALA D 52 -17.29 22.26 -18.19
CA ALA D 52 -16.49 22.53 -16.98
C ALA D 52 -17.02 23.72 -16.18
N LYS D 53 -17.47 24.77 -16.86
CA LYS D 53 -17.99 25.97 -16.18
C LYS D 53 -19.36 25.73 -15.55
N ASN D 54 -20.10 24.76 -16.11
CA ASN D 54 -21.41 24.39 -15.58
C ASN D 54 -21.36 23.42 -14.40
N ALA D 55 -20.18 22.86 -14.14
CA ALA D 55 -20.02 21.78 -13.15
C ALA D 55 -20.47 22.12 -11.73
N GLU D 56 -20.25 23.36 -11.30
CA GLU D 56 -20.62 23.79 -9.95
C GLU D 56 -22.14 23.92 -9.79
N SER D 57 -22.81 24.48 -10.80
CA SER D 57 -24.27 24.59 -10.79
C SER D 57 -24.93 23.24 -11.09
N ALA D 58 -24.25 22.40 -11.87
CA ALA D 58 -24.67 21.02 -12.13
C ALA D 58 -24.74 20.22 -10.82
N GLU D 59 -23.71 20.40 -10.00
CA GLU D 59 -23.60 19.82 -8.66
C GLU D 59 -24.79 20.20 -7.77
N GLN D 60 -25.17 21.48 -7.80
CA GLN D 60 -26.27 21.99 -6.99
C GLN D 60 -27.65 21.61 -7.56
N LEU D 61 -27.71 21.46 -8.88
CA LEU D 61 -28.94 21.07 -9.58
C LEU D 61 -29.31 19.60 -9.33
N ARG D 62 -28.30 18.78 -9.06
CA ARG D 62 -28.43 17.33 -8.81
C ARG D 62 -28.96 16.57 -10.03
N ARG D 63 -28.68 17.09 -11.20
CA ARG D 63 -28.96 16.45 -12.49
C ARG D 63 -28.13 17.18 -13.54
N VAL D 64 -28.01 16.57 -14.72
CA VAL D 64 -27.26 17.20 -15.81
C VAL D 64 -28.02 18.44 -16.30
N PRO D 65 -27.36 19.62 -16.33
CA PRO D 65 -27.98 20.82 -16.89
C PRO D 65 -28.43 20.62 -18.33
N ASP D 66 -29.54 21.23 -18.70
CA ASP D 66 -30.09 21.14 -20.05
C ASP D 66 -29.07 21.53 -21.12
N GLU D 67 -28.26 22.55 -20.81
CA GLU D 67 -27.22 23.02 -21.74
C GLU D 67 -26.21 21.92 -22.06
N ASN D 68 -25.80 21.15 -21.04
CA ASN D 68 -24.89 20.03 -21.22
C ASN D 68 -25.44 18.97 -22.18
N ILE D 69 -26.68 18.53 -21.94
CA ILE D 69 -27.36 17.56 -22.80
C ILE D 69 -27.49 18.08 -24.23
N LYS D 70 -27.88 19.35 -24.35
CA LYS D 70 -28.01 20.03 -25.64
C LYS D 70 -26.68 20.06 -26.41
N LEU D 71 -25.59 20.42 -25.73
CA LEU D 71 -24.27 20.46 -26.37
C LEU D 71 -23.78 19.09 -26.81
N LEU D 72 -24.00 18.09 -25.96
CA LEU D 72 -23.57 16.73 -26.23
C LEU D 72 -24.39 16.04 -27.32
N LYS D 73 -25.69 16.33 -27.37
CA LYS D 73 -26.55 15.82 -28.43
C LYS D 73 -26.29 16.53 -29.75
N GLU D 74 -25.93 17.82 -29.67
CA GLU D 74 -25.60 18.64 -30.84
C GLU D 74 -24.40 18.09 -31.60
N ILE D 75 -23.37 17.65 -30.88
CA ILE D 75 -22.20 17.02 -31.50
C ILE D 75 -22.49 15.58 -31.90
N GLY D 76 -23.59 15.03 -31.38
CA GLY D 76 -24.09 13.71 -31.78
C GLY D 76 -23.56 12.52 -31.02
N LEU D 77 -23.05 12.75 -29.81
CA LEU D 77 -22.43 11.68 -29.00
C LEU D 77 -23.41 10.58 -28.58
N HIS D 78 -24.67 10.97 -28.33
CA HIS D 78 -25.71 10.03 -27.91
C HIS D 78 -25.97 8.92 -28.93
N ARG D 79 -25.60 9.18 -30.18
CA ARG D 79 -25.83 8.24 -31.27
C ARG D 79 -24.61 7.35 -31.56
N ALA D 80 -23.69 7.31 -30.60
CA ALA D 80 -22.45 6.51 -30.67
C ALA D 80 -22.68 5.03 -30.95
N PHE D 81 -23.63 4.42 -30.25
CA PHE D 81 -23.90 3.00 -30.37
C PHE D 81 -25.27 2.69 -30.96
N GLN D 82 -25.94 3.71 -31.48
CA GLN D 82 -27.17 3.55 -32.22
C GLN D 82 -26.83 2.97 -33.61
N PRO D 83 -27.63 1.99 -34.09
CA PRO D 83 -27.42 1.42 -35.43
C PRO D 83 -27.42 2.49 -36.52
N LYS D 84 -26.58 2.28 -37.54
CA LYS D 84 -26.46 3.21 -38.66
C LYS D 84 -27.75 3.42 -39.44
N VAL D 85 -28.59 2.39 -39.51
CA VAL D 85 -29.88 2.48 -40.21
C VAL D 85 -30.79 3.58 -39.65
N TYR D 86 -30.65 3.87 -38.35
CA TYR D 86 -31.43 4.93 -37.69
C TYR D 86 -30.70 6.28 -37.62
N GLY D 87 -29.55 6.36 -38.27
CA GLY D 87 -28.74 7.57 -38.27
C GLY D 87 -27.64 7.57 -37.23
N GLY D 88 -27.34 6.38 -36.69
CA GLY D 88 -26.30 6.22 -35.67
C GLY D 88 -24.90 6.22 -36.23
N LEU D 89 -23.92 6.34 -35.34
CA LEU D 89 -22.51 6.41 -35.72
C LEU D 89 -21.81 5.06 -35.73
N GLU D 90 -22.24 4.19 -34.83
CA GLU D 90 -21.56 2.93 -34.53
C GLU D 90 -20.06 3.13 -34.27
N MET D 91 -19.77 3.99 -33.29
CA MET D 91 -18.40 4.25 -32.83
C MET D 91 -17.78 2.98 -32.27
N SER D 92 -16.47 2.86 -32.39
CA SER D 92 -15.74 1.79 -31.73
C SER D 92 -15.75 2.06 -30.23
N LEU D 93 -15.63 1.01 -29.43
CA LEU D 93 -15.56 1.18 -27.97
C LEU D 93 -14.42 2.10 -27.51
N PRO D 94 -13.18 1.90 -28.03
CA PRO D 94 -12.07 2.78 -27.63
C PRO D 94 -12.35 4.26 -27.86
N ASP D 95 -12.91 4.60 -29.02
CA ASP D 95 -13.18 5.99 -29.39
C ASP D 95 -14.24 6.62 -28.50
N PHE D 96 -15.31 5.87 -28.25
CA PHE D 96 -16.37 6.30 -27.35
C PHE D 96 -15.86 6.48 -25.93
N ALA D 97 -15.16 5.47 -25.41
CA ALA D 97 -14.63 5.49 -24.04
C ALA D 97 -13.69 6.67 -23.78
N ASN D 98 -12.87 7.02 -24.77
CA ASN D 98 -12.02 8.20 -24.69
C ASN D 98 -12.78 9.53 -24.64
N CYS D 99 -13.95 9.58 -25.28
CA CYS D 99 -14.83 10.75 -25.19
C CYS D 99 -15.39 10.91 -23.78
N ILE D 100 -15.76 9.78 -23.17
CA ILE D 100 -16.28 9.78 -21.81
C ILE D 100 -15.20 10.14 -20.78
N VAL D 101 -13.97 9.66 -21.01
CA VAL D 101 -12.80 10.04 -20.21
C VAL D 101 -12.60 11.56 -20.22
N THR D 102 -12.54 12.14 -21.42
CA THR D 102 -12.34 13.57 -21.60
C THR D 102 -13.48 14.38 -20.96
N LEU D 103 -14.71 13.95 -21.20
CA LEU D 103 -15.89 14.57 -20.62
C LEU D 103 -15.88 14.57 -19.08
N ALA D 104 -15.48 13.44 -18.48
CA ALA D 104 -15.41 13.27 -17.03
C ALA D 104 -14.42 14.22 -16.34
N GLY D 105 -13.44 14.71 -17.09
CA GLY D 105 -12.50 15.74 -16.60
C GLY D 105 -13.18 17.07 -16.32
N ALA D 106 -14.26 17.35 -17.05
CA ALA D 106 -15.03 18.60 -16.87
C ALA D 106 -16.14 18.45 -15.81
N CYS D 107 -16.90 17.36 -15.92
CA CYS D 107 -18.01 17.10 -15.03
C CYS D 107 -18.26 15.59 -15.01
N ALA D 108 -17.94 14.96 -13.88
CA ALA D 108 -18.00 13.51 -13.74
C ALA D 108 -19.43 12.98 -13.80
N GLY D 109 -20.35 13.67 -13.13
CA GLY D 109 -21.76 13.31 -13.14
C GLY D 109 -22.38 13.38 -14.52
N THR D 110 -22.03 14.41 -15.28
CA THR D 110 -22.47 14.53 -16.68
C THR D 110 -21.94 13.36 -17.51
N ALA D 111 -20.64 13.08 -17.37
CA ALA D 111 -20.01 11.98 -18.12
C ALA D 111 -20.61 10.62 -17.76
N TRP D 112 -20.83 10.41 -16.46
CA TRP D 112 -21.40 9.17 -15.95
C TRP D 112 -22.83 8.95 -16.44
N ALA D 113 -23.68 9.97 -16.28
CA ALA D 113 -25.06 9.89 -16.74
C ALA D 113 -25.15 9.78 -18.26
N PHE D 114 -24.37 10.60 -18.97
CA PHE D 114 -24.44 10.62 -20.44
C PHE D 114 -23.86 9.36 -21.08
N SER D 115 -22.79 8.82 -20.47
CA SER D 115 -22.22 7.54 -20.88
C SER D 115 -23.28 6.45 -20.93
N LEU D 116 -24.08 6.37 -19.86
CA LEU D 116 -25.15 5.38 -19.77
C LEU D 116 -26.28 5.62 -20.79
N LEU D 117 -26.66 6.89 -20.98
CA LEU D 117 -27.62 7.24 -22.03
C LEU D 117 -27.13 6.76 -23.40
N CYS D 118 -25.82 6.78 -23.59
CA CYS D 118 -25.18 6.32 -24.82
C CYS D 118 -25.12 4.80 -24.91
N THR D 119 -24.64 4.15 -23.85
CA THR D 119 -24.42 2.70 -23.89
C THR D 119 -25.71 1.89 -23.94
N HIS D 120 -26.82 2.48 -23.47
CA HIS D 120 -28.11 1.81 -23.51
C HIS D 120 -28.59 1.54 -24.93
N SER D 121 -28.22 2.42 -25.86
CA SER D 121 -28.53 2.25 -27.28
C SER D 121 -27.88 1.00 -27.90
N HIS D 122 -26.70 0.62 -27.40
CA HIS D 122 -26.01 -0.60 -27.83
C HIS D 122 -26.85 -1.83 -27.47
N GLN D 123 -27.47 -1.76 -26.29
CA GLN D 123 -28.31 -2.80 -25.74
C GLN D 123 -29.63 -2.90 -26.54
N ILE D 124 -30.27 -1.74 -26.70
CA ILE D 124 -31.53 -1.62 -27.44
C ILE D 124 -31.40 -2.18 -28.87
N ALA D 125 -30.19 -2.05 -29.43
CA ALA D 125 -29.87 -2.59 -30.76
C ALA D 125 -29.92 -4.12 -30.83
N MET D 126 -30.04 -4.77 -29.67
CA MET D 126 -30.12 -6.23 -29.59
C MET D 126 -31.55 -6.70 -29.32
N PHE D 127 -32.45 -5.75 -29.08
CA PHE D 127 -33.87 -6.04 -28.99
C PHE D 127 -34.46 -6.20 -30.39
N SER D 128 -35.74 -6.55 -30.48
CA SER D 128 -36.43 -6.75 -31.76
C SER D 128 -36.41 -5.48 -32.62
N LYS D 129 -36.43 -5.66 -33.94
CA LYS D 129 -36.53 -4.55 -34.88
C LYS D 129 -37.74 -3.66 -34.57
N GLN D 130 -38.83 -4.30 -34.13
CA GLN D 130 -40.08 -3.61 -33.84
C GLN D 130 -39.95 -2.59 -32.71
N LEU D 131 -39.24 -2.96 -31.64
CA LEU D 131 -38.96 -2.03 -30.55
C LEU D 131 -38.06 -0.88 -31.00
N GLN D 132 -37.01 -1.21 -31.76
CA GLN D 132 -36.07 -0.20 -32.25
C GLN D 132 -36.73 0.80 -33.20
N ASP D 133 -37.54 0.28 -34.13
CA ASP D 133 -38.37 1.11 -35.01
C ASP D 133 -39.27 2.04 -34.19
N GLU D 134 -39.93 1.46 -33.19
CA GLU D 134 -40.82 2.16 -32.29
C GLU D 134 -40.13 3.31 -31.54
N ILE D 135 -38.89 3.08 -31.11
CA ILE D 135 -38.11 4.11 -30.42
C ILE D 135 -37.54 5.15 -31.40
N TRP D 136 -36.87 4.69 -32.45
CA TRP D 136 -36.01 5.57 -33.25
C TRP D 136 -36.56 6.13 -34.57
N LEU D 137 -37.58 5.49 -35.16
CA LEU D 137 -38.25 6.05 -36.33
C LEU D 137 -39.08 7.25 -35.90
N LYS D 138 -39.72 7.10 -34.74
CA LYS D 138 -40.44 8.16 -34.04
C LYS D 138 -39.51 9.33 -33.70
N ASP D 139 -38.42 9.03 -32.99
CA ASP D 139 -37.46 10.05 -32.55
C ASP D 139 -36.04 9.47 -32.61
N PRO D 140 -35.26 9.86 -33.64
CA PRO D 140 -33.88 9.39 -33.82
C PRO D 140 -32.94 9.77 -32.69
N ASP D 141 -33.30 10.79 -31.92
CA ASP D 141 -32.48 11.31 -30.83
C ASP D 141 -32.90 10.78 -29.45
N ALA D 142 -33.85 9.85 -29.43
CA ALA D 142 -34.37 9.29 -28.19
C ALA D 142 -33.34 8.37 -27.52
N THR D 143 -33.26 8.45 -26.19
CA THR D 143 -32.38 7.61 -25.40
C THR D 143 -33.12 6.97 -24.24
N ALA D 144 -32.49 5.96 -23.65
CA ALA D 144 -33.01 5.32 -22.44
C ALA D 144 -32.07 5.52 -21.26
N SER D 145 -32.65 5.61 -20.06
CA SER D 145 -31.88 5.45 -18.82
C SER D 145 -32.15 4.02 -18.35
N SER D 146 -31.61 3.64 -17.20
CA SER D 146 -31.84 2.29 -16.70
C SER D 146 -31.80 2.16 -15.18
N SER D 147 -32.31 1.03 -14.71
CA SER D 147 -32.17 0.57 -13.35
C SER D 147 -32.28 -0.94 -13.46
N ILE D 148 -31.14 -1.61 -13.34
CA ILE D 148 -31.01 -2.98 -13.81
C ILE D 148 -31.05 -4.07 -12.72
N ALA D 149 -30.93 -3.65 -11.46
CA ALA D 149 -31.03 -4.58 -10.34
C ALA D 149 -32.48 -5.06 -10.21
N PRO D 150 -32.69 -6.40 -10.24
CA PRO D 150 -34.02 -7.01 -10.35
C PRO D 150 -34.84 -6.96 -9.06
N PHE D 151 -35.22 -5.75 -8.62
CA PHE D 151 -35.99 -5.58 -7.39
C PHE D 151 -37.50 -5.62 -7.60
N GLY D 152 -37.93 -5.47 -8.86
CA GLY D 152 -39.34 -5.44 -9.21
C GLY D 152 -40.06 -6.77 -9.04
N LYS D 153 -41.35 -6.68 -8.72
CA LYS D 153 -42.20 -7.87 -8.64
C LYS D 153 -42.91 -8.08 -9.96
N VAL D 154 -42.86 -9.31 -10.46
CA VAL D 154 -43.34 -9.64 -11.80
C VAL D 154 -44.55 -10.57 -11.77
N GLU D 155 -45.62 -10.16 -12.44
CA GLU D 155 -46.78 -11.01 -12.67
C GLU D 155 -46.82 -11.42 -14.14
N GLU D 156 -46.79 -12.73 -14.38
CA GLU D 156 -46.96 -13.26 -15.73
C GLU D 156 -48.42 -13.15 -16.14
N VAL D 157 -48.70 -12.24 -17.07
CA VAL D 157 -49.99 -12.16 -17.74
C VAL D 157 -49.78 -12.65 -19.17
N GLU D 158 -50.79 -12.58 -20.02
CA GLU D 158 -50.56 -13.02 -21.40
C GLU D 158 -50.15 -11.93 -22.37
N GLY D 159 -49.17 -12.24 -23.20
CA GLY D 159 -48.55 -11.27 -24.09
C GLY D 159 -47.47 -10.44 -23.41
N GLY D 160 -47.09 -10.82 -22.19
CA GLY D 160 -46.05 -10.11 -21.45
C GLY D 160 -46.11 -10.25 -19.95
N ILE D 161 -45.69 -9.19 -19.24
CA ILE D 161 -45.71 -9.17 -17.77
C ILE D 161 -46.31 -7.88 -17.22
N ILE D 162 -46.66 -7.92 -15.94
CA ILE D 162 -46.95 -6.70 -15.17
C ILE D 162 -45.84 -6.54 -14.13
N LEU D 163 -45.23 -5.35 -14.11
CA LEU D 163 -44.12 -5.08 -13.22
C LEU D 163 -44.43 -3.96 -12.23
N ASN D 164 -44.10 -4.23 -10.96
CA ASN D 164 -44.21 -3.25 -9.88
C ASN D 164 -42.88 -3.14 -9.18
N GLY D 165 -42.52 -1.92 -8.79
CA GLY D 165 -41.30 -1.73 -8.02
C GLY D 165 -40.71 -0.34 -8.06
N ASP D 166 -39.88 -0.06 -7.07
CA ASP D 166 -39.09 1.13 -7.02
C ASP D 166 -37.73 0.80 -7.64
N TYR D 167 -37.41 1.49 -8.73
CA TYR D 167 -36.17 1.22 -9.47
C TYR D 167 -35.18 2.36 -9.31
N GLY D 168 -34.31 2.24 -8.31
CA GLY D 168 -33.38 3.29 -7.94
C GLY D 168 -32.20 3.51 -8.86
N TRP D 169 -31.51 4.63 -8.62
CA TRP D 169 -30.25 5.00 -9.29
C TRP D 169 -30.28 4.95 -10.82
N SER D 170 -31.20 5.72 -11.40
CA SER D 170 -31.30 5.82 -12.84
C SER D 170 -30.63 7.10 -13.32
N SER D 171 -29.31 7.02 -13.54
CA SER D 171 -28.53 8.18 -14.00
C SER D 171 -29.08 8.70 -15.32
N GLY D 172 -29.23 10.02 -15.40
CA GLY D 172 -29.70 10.70 -16.60
C GLY D 172 -31.19 10.52 -16.90
N CYS D 173 -31.95 10.00 -15.93
CA CYS D 173 -33.36 9.65 -16.14
C CYS D 173 -34.28 10.82 -16.52
N ASP D 174 -33.97 12.01 -16.02
CA ASP D 174 -34.72 13.23 -16.36
C ASP D 174 -34.64 13.58 -17.86
N HIS D 175 -33.61 13.07 -18.52
CA HIS D 175 -33.33 13.42 -19.91
C HIS D 175 -33.61 12.30 -20.91
N ALA D 176 -34.08 11.15 -20.40
CA ALA D 176 -34.38 10.00 -21.25
C ALA D 176 -35.87 9.90 -21.58
N GLU D 177 -36.17 9.33 -22.74
CA GLU D 177 -37.55 9.11 -23.18
C GLU D 177 -38.03 7.69 -22.83
N TYR D 178 -37.08 6.82 -22.49
CA TYR D 178 -37.37 5.44 -22.14
C TYR D 178 -36.50 4.99 -20.96
N ALA D 179 -36.88 3.87 -20.35
CA ALA D 179 -36.06 3.25 -19.31
C ALA D 179 -35.91 1.76 -19.58
N ILE D 180 -34.69 1.26 -19.35
CA ILE D 180 -34.46 -0.19 -19.34
C ILE D 180 -34.47 -0.65 -17.89
N VAL D 181 -35.28 -1.66 -17.63
CA VAL D 181 -35.57 -2.10 -16.29
C VAL D 181 -35.26 -3.60 -16.17
N GLY D 182 -34.57 -3.98 -15.09
CA GLY D 182 -34.19 -5.36 -14.88
C GLY D 182 -35.14 -6.09 -13.94
N PHE D 183 -35.46 -7.34 -14.27
CA PHE D 183 -36.34 -8.16 -13.43
C PHE D 183 -36.08 -9.64 -13.66
N ASN D 184 -36.47 -10.46 -12.68
CA ASN D 184 -36.39 -11.91 -12.81
C ASN D 184 -37.73 -12.52 -13.21
N ARG D 185 -37.72 -13.31 -14.28
CA ARG D 185 -38.76 -14.29 -14.51
C ARG D 185 -38.26 -15.71 -14.23
N PHE D 186 -39.13 -16.69 -14.39
CA PHE D 186 -39.06 -17.92 -13.62
C PHE D 186 -39.22 -19.14 -14.52
N ASP D 187 -38.44 -20.19 -14.23
CA ASP D 187 -38.47 -21.40 -15.03
C ASP D 187 -39.89 -21.98 -15.05
N ALA D 188 -40.01 -23.17 -15.67
CA ALA D 188 -40.39 -24.51 -15.25
C ALA D 188 -39.95 -24.80 -13.81
N ASP D 189 -38.67 -24.59 -13.54
CA ASP D 189 -38.00 -25.31 -12.47
C ASP D 189 -37.91 -24.48 -11.21
N GLY D 190 -38.37 -23.23 -11.29
CA GLY D 190 -38.19 -22.28 -10.21
C GLY D 190 -36.92 -21.47 -10.36
N ASN D 191 -36.24 -21.65 -11.49
CA ASN D 191 -35.00 -20.93 -11.76
C ASN D 191 -35.26 -19.49 -12.20
N LYS D 192 -34.26 -18.64 -12.04
CA LYS D 192 -34.37 -17.23 -12.41
C LYS D 192 -34.01 -17.02 -13.87
N ILE D 193 -34.81 -16.22 -14.57
CA ILE D 193 -34.47 -15.76 -15.91
C ILE D 193 -34.34 -14.24 -15.89
N TYR D 194 -33.10 -13.77 -15.74
CA TYR D 194 -32.80 -12.35 -15.67
C TYR D 194 -33.10 -11.68 -17.01
N SER D 195 -34.01 -10.72 -16.98
CA SER D 195 -34.55 -10.11 -18.19
C SER D 195 -34.57 -8.58 -18.12
N PHE D 196 -34.59 -7.95 -19.29
CA PHE D 196 -34.69 -6.50 -19.39
C PHE D 196 -35.95 -6.10 -20.15
N GLY D 197 -36.62 -5.06 -19.66
CA GLY D 197 -37.79 -4.51 -20.33
C GLY D 197 -37.59 -3.05 -20.64
N VAL D 198 -37.93 -2.66 -21.87
CA VAL D 198 -37.87 -1.25 -22.27
C VAL D 198 -39.27 -0.63 -22.20
N ILE D 199 -39.41 0.43 -21.41
CA ILE D 199 -40.70 1.07 -21.14
C ILE D 199 -40.62 2.57 -21.44
N PRO D 200 -41.72 3.17 -21.93
CA PRO D 200 -41.71 4.61 -22.19
C PRO D 200 -41.82 5.48 -20.93
N ARG D 201 -41.33 6.71 -21.04
CA ARG D 201 -41.38 7.72 -19.98
C ARG D 201 -42.76 7.86 -19.31
N SER D 202 -43.82 7.67 -20.10
CA SER D 202 -45.19 7.78 -19.61
C SER D 202 -45.63 6.65 -18.65
N ASP D 203 -44.85 5.56 -18.63
CA ASP D 203 -45.18 4.39 -17.80
C ASP D 203 -44.61 4.42 -16.38
N TYR D 204 -43.79 5.42 -16.06
CA TYR D 204 -43.19 5.52 -14.74
C TYR D 204 -43.09 6.96 -14.23
N GLU D 205 -42.97 7.09 -12.91
CA GLU D 205 -42.76 8.37 -12.26
C GLU D 205 -41.30 8.47 -11.79
N ILE D 206 -40.66 9.59 -12.08
CA ILE D 206 -39.33 9.87 -11.52
C ILE D 206 -39.50 10.48 -10.14
N VAL D 207 -39.13 9.72 -9.12
CA VAL D 207 -39.14 10.20 -7.75
C VAL D 207 -37.76 10.77 -7.42
N ASP D 208 -37.72 12.03 -7.01
CA ASP D 208 -36.47 12.71 -6.74
C ASP D 208 -35.98 12.45 -5.31
N ASN D 209 -35.24 11.36 -5.16
CA ASN D 209 -34.60 11.01 -3.89
C ASN D 209 -33.08 11.05 -3.99
N TRP D 210 -32.58 11.70 -5.04
CA TRP D 210 -31.16 11.72 -5.34
C TRP D 210 -30.41 12.76 -4.49
N TYR D 211 -30.02 12.33 -3.29
CA TYR D 211 -29.23 13.17 -2.39
C TYR D 211 -27.98 12.42 -1.99
N ALA D 212 -26.92 12.67 -2.76
CA ALA D 212 -25.68 11.92 -2.67
C ALA D 212 -24.47 12.82 -2.47
N GLN D 213 -23.33 12.21 -2.13
CA GLN D 213 -22.09 12.93 -1.85
C GLN D 213 -21.07 12.86 -2.99
N ALA D 214 -21.49 12.33 -4.13
CA ALA D 214 -20.63 12.22 -5.31
C ALA D 214 -21.48 12.13 -6.55
N ILE D 215 -20.86 12.40 -7.70
CA ILE D 215 -21.56 12.46 -9.00
C ILE D 215 -22.99 13.00 -8.87
N LYS D 216 -23.10 14.12 -8.16
CA LYS D 216 -24.41 14.70 -7.81
C LYS D 216 -25.18 15.07 -9.06
N SER D 217 -24.46 15.58 -10.06
CA SER D 217 -25.04 16.00 -11.33
C SER D 217 -25.48 14.86 -12.23
N SER D 218 -25.31 13.61 -11.80
CA SER D 218 -25.75 12.48 -12.62
C SER D 218 -27.28 12.33 -12.63
N GLY D 219 -27.93 12.90 -11.62
CA GLY D 219 -29.39 12.85 -11.50
C GLY D 219 -29.88 11.42 -11.42
N SER D 220 -29.25 10.64 -10.54
CA SER D 220 -29.53 9.20 -10.42
C SER D 220 -30.75 8.96 -9.55
N LYS D 221 -31.87 9.52 -9.99
CA LYS D 221 -33.13 9.45 -9.26
C LYS D 221 -33.81 8.10 -9.45
N MET D 222 -34.90 7.87 -8.72
CA MET D 222 -35.58 6.59 -8.72
C MET D 222 -36.77 6.57 -9.69
N LEU D 223 -37.01 5.40 -10.30
CA LEU D 223 -38.16 5.20 -11.19
C LEU D 223 -39.23 4.38 -10.48
N LYS D 224 -40.42 4.96 -10.35
CA LYS D 224 -41.53 4.26 -9.69
C LYS D 224 -42.46 3.62 -10.72
N LEU D 225 -42.56 2.29 -10.64
CA LEU D 225 -43.37 1.52 -11.57
C LEU D 225 -44.58 0.95 -10.83
N VAL D 226 -45.77 1.38 -11.26
CA VAL D 226 -47.02 0.90 -10.70
C VAL D 226 -47.82 0.16 -11.78
N ASN D 227 -47.96 -1.15 -11.61
CA ASN D 227 -48.65 -2.04 -12.56
C ASN D 227 -48.33 -1.74 -14.02
N VAL D 228 -47.04 -1.73 -14.34
CA VAL D 228 -46.58 -1.44 -15.69
C VAL D 228 -46.66 -2.71 -16.54
N PHE D 229 -47.45 -2.65 -17.61
CA PHE D 229 -47.50 -3.76 -18.54
C PHE D 229 -46.37 -3.65 -19.56
N ILE D 230 -45.56 -4.69 -19.64
CA ILE D 230 -44.50 -4.76 -20.64
C ILE D 230 -44.81 -5.93 -21.58
N PRO D 231 -45.10 -5.62 -22.86
CA PRO D 231 -45.33 -6.65 -23.87
C PRO D 231 -44.05 -7.42 -24.21
N GLU D 232 -44.23 -8.68 -24.58
CA GLU D 232 -43.14 -9.63 -24.84
C GLU D 232 -42.04 -9.12 -25.78
N TYR D 233 -42.44 -8.37 -26.81
CA TYR D 233 -41.50 -7.85 -27.81
C TYR D 233 -40.58 -6.75 -27.25
N ARG D 234 -40.87 -6.28 -26.05
CA ARG D 234 -40.04 -5.27 -25.37
C ARG D 234 -39.29 -5.88 -24.18
N ILE D 235 -39.20 -7.21 -24.16
CA ILE D 235 -38.47 -7.95 -23.14
C ILE D 235 -37.38 -8.82 -23.79
N SER D 236 -36.15 -8.68 -23.31
CA SER D 236 -35.04 -9.54 -23.73
C SER D 236 -34.37 -10.20 -22.54
N LYS D 237 -33.95 -11.45 -22.72
CA LYS D 237 -33.15 -12.15 -21.73
C LYS D 237 -31.73 -11.60 -21.73
N ALA D 238 -31.17 -11.38 -20.54
CA ALA D 238 -29.80 -10.88 -20.40
C ALA D 238 -28.78 -11.83 -21.03
N LYS D 239 -28.95 -13.13 -20.77
CA LYS D 239 -28.08 -14.17 -21.30
C LYS D 239 -28.08 -14.21 -22.83
N ASP D 240 -29.24 -13.96 -23.43
CA ASP D 240 -29.38 -13.87 -24.88
C ASP D 240 -28.55 -12.74 -25.47
N MET D 241 -28.48 -11.62 -24.76
CA MET D 241 -27.72 -10.46 -25.19
C MET D 241 -26.23 -10.57 -24.82
N MET D 242 -25.89 -11.58 -24.04
CA MET D 242 -24.50 -11.91 -23.76
C MET D 242 -23.96 -12.86 -24.82
N GLU D 243 -24.85 -13.63 -25.43
CA GLU D 243 -24.47 -14.78 -26.27
C GLU D 243 -24.91 -14.71 -27.73
N GLY D 244 -25.43 -13.56 -28.15
CA GLY D 244 -25.90 -13.36 -29.53
C GLY D 244 -27.09 -14.23 -29.88
N LYS D 245 -28.10 -14.23 -29.00
CA LYS D 245 -29.28 -15.06 -29.17
C LYS D 245 -30.58 -14.27 -29.00
N SER D 246 -30.47 -12.96 -28.85
CA SER D 246 -31.63 -12.10 -28.69
C SER D 246 -32.35 -11.84 -30.02
N ALA D 247 -33.52 -11.21 -29.95
CA ALA D 247 -34.38 -10.98 -31.12
C ALA D 247 -33.70 -10.13 -32.20
N GLY D 248 -32.82 -9.24 -31.77
CA GLY D 248 -32.13 -8.32 -32.68
C GLY D 248 -30.81 -8.81 -33.26
N PHE D 249 -30.40 -10.02 -32.90
CA PHE D 249 -29.18 -10.61 -33.46
C PHE D 249 -29.29 -10.77 -34.97
N GLY D 250 -28.23 -10.36 -35.67
CA GLY D 250 -28.15 -10.51 -37.12
C GLY D 250 -28.80 -9.41 -37.93
N LEU D 251 -29.38 -8.41 -37.24
CA LEU D 251 -30.06 -7.30 -37.90
C LEU D 251 -29.10 -6.41 -38.69
N TYR D 252 -27.88 -6.28 -38.19
CA TYR D 252 -26.88 -5.38 -38.77
C TYR D 252 -25.60 -6.15 -39.10
N PRO D 253 -25.59 -6.83 -40.27
CA PRO D 253 -24.54 -7.79 -40.64
C PRO D 253 -23.19 -7.14 -40.94
N ASP D 254 -23.19 -5.83 -41.17
CA ASP D 254 -21.96 -5.09 -41.44
C ASP D 254 -21.41 -4.41 -40.19
N SER D 255 -22.13 -4.54 -39.07
CA SER D 255 -21.76 -3.87 -37.82
C SER D 255 -20.49 -4.41 -37.18
N LYS D 256 -19.63 -3.50 -36.76
CA LYS D 256 -18.41 -3.85 -36.06
C LYS D 256 -18.60 -3.86 -34.54
N ILE D 257 -19.81 -3.59 -34.07
CA ILE D 257 -20.05 -3.44 -32.63
C ILE D 257 -21.18 -4.27 -32.01
N PHE D 258 -22.15 -4.72 -32.81
CA PHE D 258 -23.33 -5.41 -32.24
C PHE D 258 -23.19 -6.92 -32.05
N TYR D 259 -22.20 -7.52 -32.71
CA TYR D 259 -21.92 -8.95 -32.53
C TYR D 259 -20.95 -9.15 -31.38
N THR D 260 -21.45 -8.93 -30.16
CA THR D 260 -20.63 -8.86 -28.96
C THR D 260 -21.58 -8.90 -27.74
N PRO D 261 -21.10 -9.35 -26.57
CA PRO D 261 -21.90 -9.28 -25.34
C PRO D 261 -22.30 -7.84 -24.98
N TYR D 262 -23.54 -7.66 -24.53
CA TYR D 262 -24.06 -6.33 -24.21
C TYR D 262 -23.33 -5.69 -23.02
N ARG D 263 -23.07 -6.49 -21.98
CA ARG D 263 -22.68 -5.97 -20.66
C ARG D 263 -21.37 -5.19 -20.63
N PRO D 264 -20.31 -5.69 -21.31
CA PRO D 264 -19.06 -4.93 -21.40
C PRO D 264 -19.20 -3.52 -22.01
N TYR D 265 -20.13 -3.34 -22.94
CA TYR D 265 -20.41 -2.01 -23.47
C TYR D 265 -21.26 -1.19 -22.49
N PHE D 266 -22.31 -1.80 -21.96
CA PHE D 266 -23.17 -1.16 -20.96
C PHE D 266 -22.35 -0.49 -19.86
N ALA D 267 -21.40 -1.25 -19.33
CA ALA D 267 -20.68 -0.87 -18.12
C ALA D 267 -19.31 -0.24 -18.37
N SER D 268 -19.00 0.04 -19.64
CA SER D 268 -17.69 0.57 -20.03
C SER D 268 -17.39 1.99 -19.52
N GLY D 269 -18.44 2.73 -19.19
CA GLY D 269 -18.31 4.13 -18.82
C GLY D 269 -17.84 4.40 -17.40
N PHE D 270 -18.05 3.44 -16.50
CA PHE D 270 -17.69 3.62 -15.10
C PHE D 270 -16.19 3.87 -14.93
N SER D 271 -15.38 3.02 -15.54
CA SER D 271 -13.91 3.14 -15.50
C SER D 271 -13.37 4.28 -16.35
N ALA D 272 -14.06 4.59 -17.45
CA ALA D 272 -13.74 5.74 -18.29
C ALA D 272 -13.88 7.04 -17.48
N VAL D 273 -14.99 7.17 -16.75
CA VAL D 273 -15.20 8.31 -15.84
C VAL D 273 -14.09 8.38 -14.78
N SER D 274 -13.76 7.24 -14.19
CA SER D 274 -12.70 7.13 -13.19
C SER D 274 -11.35 7.64 -13.76
N LEU D 275 -11.00 7.17 -14.96
CA LEU D 275 -9.77 7.60 -15.61
C LEU D 275 -9.74 9.12 -15.87
N GLY D 276 -10.87 9.66 -16.31
CA GLY D 276 -10.99 11.08 -16.63
C GLY D 276 -10.87 11.97 -15.42
N ILE D 277 -11.49 11.56 -14.32
CA ILE D 277 -11.32 12.22 -13.02
C ILE D 277 -9.86 12.22 -12.59
N ALA D 278 -9.21 11.05 -12.65
CA ALA D 278 -7.84 10.89 -12.22
C ALA D 278 -6.86 11.72 -13.06
N GLU D 279 -7.06 11.74 -14.37
CA GLU D 279 -6.23 12.56 -15.25
C GLU D 279 -6.43 14.06 -15.00
N ARG D 280 -7.67 14.46 -14.72
CA ARG D 280 -7.96 15.84 -14.34
C ARG D 280 -7.37 16.19 -12.96
N MET D 281 -7.49 15.28 -12.00
CA MET D 281 -6.92 15.47 -10.67
C MET D 281 -5.41 15.80 -10.72
N ILE D 282 -4.69 15.09 -11.59
CA ILE D 282 -3.26 15.34 -11.77
C ILE D 282 -3.02 16.77 -12.25
N GLU D 283 -3.79 17.18 -13.26
CA GLU D 283 -3.68 18.52 -13.82
C GLU D 283 -4.07 19.59 -12.81
N ALA D 284 -5.21 19.41 -12.16
CA ALA D 284 -5.69 20.33 -11.13
C ALA D 284 -4.69 20.47 -9.97
N PHE D 285 -4.14 19.34 -9.51
CA PHE D 285 -3.15 19.36 -8.44
C PHE D 285 -1.87 20.09 -8.85
N LYS D 286 -1.42 19.87 -10.09
CA LYS D 286 -0.25 20.55 -10.62
C LYS D 286 -0.45 22.06 -10.68
N GLU D 287 -1.65 22.49 -11.09
CA GLU D 287 -2.02 23.91 -11.17
C GLU D 287 -1.96 24.59 -9.79
N LYS D 288 -2.55 23.94 -8.79
CA LYS D 288 -2.59 24.47 -7.42
C LYS D 288 -1.21 24.45 -6.75
N GLN D 289 -0.39 23.48 -7.14
CA GLN D 289 0.91 23.27 -6.50
C GLN D 289 1.94 24.35 -6.83
N ARG D 290 1.93 24.85 -8.07
CA ARG D 290 2.94 25.82 -8.54
C ARG D 290 3.22 26.93 -7.51
N ASN D 291 2.15 27.51 -6.97
CA ASN D 291 2.25 28.70 -6.11
C ASN D 291 2.05 28.44 -4.61
N ARG D 292 2.03 27.16 -4.23
CA ARG D 292 1.80 26.71 -2.85
C ARG D 292 2.82 27.28 -1.85
N VAL D 293 2.33 28.03 -0.86
CA VAL D 293 3.18 28.53 0.23
C VAL D 293 2.80 27.92 1.58
N ARG D 294 3.80 27.65 2.42
CA ARG D 294 3.60 27.15 3.78
C ARG D 294 3.05 28.25 4.66
N ALA D 295 1.90 27.99 5.27
CA ALA D 295 1.27 28.93 6.19
C ALA D 295 2.14 29.22 7.42
N TYR D 296 2.78 28.17 7.94
CA TYR D 296 3.57 28.26 9.17
C TYR D 296 4.93 28.95 9.02
N THR D 297 5.54 28.83 7.83
CA THR D 297 6.91 29.35 7.61
C THR D 297 7.01 30.43 6.53
N GLY D 298 5.97 30.59 5.72
CA GLY D 298 5.93 31.60 4.66
C GLY D 298 6.82 31.34 3.45
N ALA D 299 7.21 30.08 3.27
CA ALA D 299 8.12 29.68 2.19
C ALA D 299 7.38 29.06 1.00
N ASN D 300 7.84 29.37 -0.22
CA ASN D 300 7.30 28.75 -1.44
C ASN D 300 7.74 27.29 -1.51
N VAL D 301 6.75 26.41 -1.63
CA VAL D 301 6.93 24.99 -1.34
C VAL D 301 6.34 24.10 -2.45
N GLY D 302 5.75 24.74 -3.45
CA GLY D 302 5.11 24.04 -4.57
C GLY D 302 5.95 23.02 -5.30
N LEU D 303 7.25 23.31 -5.44
CA LEU D 303 8.16 22.43 -6.16
C LEU D 303 9.06 21.59 -5.24
N ALA D 304 8.60 21.36 -4.01
CA ALA D 304 9.34 20.50 -3.07
C ALA D 304 9.32 19.04 -3.53
N THR D 305 10.36 18.30 -3.17
CA THR D 305 10.58 16.92 -3.61
C THR D 305 9.42 15.96 -3.34
N PRO D 306 8.90 15.90 -2.09
CA PRO D 306 7.78 14.98 -1.84
C PRO D 306 6.59 15.17 -2.77
N ALA D 307 6.22 16.41 -3.05
CA ALA D 307 5.10 16.74 -3.93
C ALA D 307 5.38 16.36 -5.39
N LEU D 308 6.62 16.56 -5.83
CA LEU D 308 7.05 16.19 -7.19
C LEU D 308 6.94 14.68 -7.42
N MET D 309 7.33 13.91 -6.41
CA MET D 309 7.31 12.45 -6.48
C MET D 309 5.90 11.89 -6.45
N ARG D 310 5.00 12.52 -5.68
CA ARG D 310 3.59 12.14 -5.68
C ARG D 310 2.98 12.40 -7.05
N ILE D 311 3.29 13.57 -7.62
CA ILE D 311 2.83 13.94 -8.96
C ILE D 311 3.27 12.91 -9.99
N ALA D 312 4.55 12.53 -9.92
CA ALA D 312 5.12 11.52 -10.82
C ALA D 312 4.50 10.13 -10.65
N GLU D 313 4.38 9.68 -9.40
CA GLU D 313 3.82 8.35 -9.14
C GLU D 313 2.34 8.24 -9.53
N SER D 314 1.55 9.27 -9.23
CA SER D 314 0.16 9.30 -9.68
C SER D 314 0.07 9.38 -11.20
N THR D 315 0.99 10.10 -11.83
CA THR D 315 1.09 10.12 -13.29
C THR D 315 1.39 8.72 -13.84
N HIS D 316 2.39 8.05 -13.30
CA HIS D 316 2.70 6.67 -13.68
C HIS D 316 1.52 5.70 -13.45
N GLN D 317 0.89 5.79 -12.29
CA GLN D 317 -0.21 4.90 -11.95
C GLN D 317 -1.41 5.04 -12.88
N VAL D 318 -1.83 6.28 -13.17
CA VAL D 318 -2.94 6.44 -14.11
C VAL D 318 -2.55 6.21 -15.58
N ALA D 319 -1.28 6.41 -15.92
CA ALA D 319 -0.77 6.02 -17.24
C ALA D 319 -0.84 4.51 -17.44
N ALA D 320 -0.55 3.76 -16.39
CA ALA D 320 -0.63 2.30 -16.42
C ALA D 320 -2.08 1.83 -16.45
N ALA D 321 -2.95 2.56 -15.75
CA ALA D 321 -4.39 2.31 -15.79
C ALA D 321 -4.95 2.60 -17.19
N ARG D 322 -4.52 3.71 -17.78
CA ARG D 322 -4.91 4.05 -19.15
C ARG D 322 -4.43 2.99 -20.14
N ALA D 323 -3.17 2.59 -20.02
CA ALA D 323 -2.60 1.55 -20.87
C ALA D 323 -3.38 0.22 -20.77
N LEU D 324 -3.74 -0.18 -19.56
CA LEU D 324 -4.55 -1.40 -19.36
C LEU D 324 -5.94 -1.27 -19.98
N LEU D 325 -6.57 -0.12 -19.78
CA LEU D 325 -7.89 0.15 -20.36
C LEU D 325 -7.85 0.21 -21.89
N GLU D 326 -6.83 0.87 -22.44
CA GLU D 326 -6.67 0.97 -23.89
C GLU D 326 -6.49 -0.39 -24.55
N LYS D 327 -5.67 -1.24 -23.92
CA LYS D 327 -5.46 -2.61 -24.39
C LYS D 327 -6.76 -3.42 -24.32
N THR D 328 -7.51 -3.25 -23.23
CA THR D 328 -8.79 -3.93 -23.05
C THR D 328 -9.84 -3.48 -24.07
N TRP D 329 -9.92 -2.16 -24.32
CA TRP D 329 -10.85 -1.61 -25.30
C TRP D 329 -10.52 -2.08 -26.72
N GLU D 330 -9.23 -2.18 -27.02
CA GLU D 330 -8.74 -2.69 -28.30
C GLU D 330 -9.17 -4.15 -28.49
N ASP D 331 -9.06 -4.94 -27.42
CA ASP D 331 -9.51 -6.33 -27.42
C ASP D 331 -11.01 -6.45 -27.71
N HIS D 332 -11.82 -5.56 -27.12
CA HIS D 332 -13.25 -5.44 -27.42
C HIS D 332 -13.46 -5.12 -28.91
N ARG D 333 -12.71 -4.12 -29.40
CA ARG D 333 -12.83 -3.64 -30.79
C ARG D 333 -12.56 -4.75 -31.79
N ILE D 334 -11.47 -5.47 -31.58
CA ILE D 334 -11.06 -6.61 -32.40
C ILE D 334 -12.11 -7.73 -32.41
N HIS D 335 -12.65 -8.08 -31.24
CA HIS D 335 -13.69 -9.10 -31.12
C HIS D 335 -14.96 -8.72 -31.89
N GLY D 336 -15.37 -7.46 -31.76
CA GLY D 336 -16.55 -6.93 -32.45
C GLY D 336 -16.40 -6.89 -33.96
N LEU D 337 -15.19 -6.53 -34.41
CA LEU D 337 -14.83 -6.52 -35.83
C LEU D 337 -15.00 -7.87 -36.48
N ASN D 338 -14.54 -8.91 -35.78
CA ASN D 338 -14.58 -10.27 -36.26
C ASN D 338 -15.89 -11.00 -35.98
N HIS D 339 -16.85 -10.30 -35.36
CA HIS D 339 -18.12 -10.88 -34.91
C HIS D 339 -17.87 -12.07 -33.98
N GLN D 340 -16.80 -11.97 -33.20
CA GLN D 340 -16.33 -13.06 -32.35
C GLN D 340 -16.73 -12.83 -30.90
N TYR D 341 -17.53 -13.75 -30.38
CA TYR D 341 -17.90 -13.72 -28.98
C TYR D 341 -16.74 -14.27 -28.15
N PRO D 342 -16.36 -13.55 -27.07
CA PRO D 342 -15.17 -13.89 -26.31
C PRO D 342 -15.31 -15.22 -25.58
N ASN D 343 -14.19 -15.93 -25.41
CA ASN D 343 -14.16 -17.11 -24.56
C ASN D 343 -14.20 -16.74 -23.07
N LYS D 344 -14.25 -17.75 -22.20
CA LYS D 344 -14.40 -17.54 -20.76
C LYS D 344 -13.29 -16.68 -20.16
N GLU D 345 -12.04 -16.95 -20.57
CA GLU D 345 -10.89 -16.22 -20.06
C GLU D 345 -10.92 -14.73 -20.39
N THR D 346 -11.13 -14.37 -21.66
CA THR D 346 -11.17 -12.95 -22.04
C THR D 346 -12.38 -12.22 -21.45
N LEU D 347 -13.51 -12.92 -21.32
CA LEU D 347 -14.70 -12.39 -20.67
C LEU D 347 -14.40 -11.98 -19.23
N ALA D 348 -13.72 -12.86 -18.49
CA ALA D 348 -13.31 -12.58 -17.11
C ALA D 348 -12.39 -11.36 -17.02
N PHE D 349 -11.48 -11.21 -17.99
CA PHE D 349 -10.63 -10.02 -18.08
C PHE D 349 -11.41 -8.75 -18.42
N TRP D 350 -12.31 -8.84 -19.40
CA TRP D 350 -13.20 -7.72 -19.76
C TRP D 350 -14.03 -7.25 -18.59
N ARG D 351 -14.58 -8.22 -17.84
CA ARG D 351 -15.39 -7.96 -16.65
C ARG D 351 -14.59 -7.25 -15.54
N THR D 352 -13.33 -7.65 -15.36
CA THR D 352 -12.59 -7.30 -14.17
C THR D 352 -11.48 -6.24 -14.34
N ASN D 353 -10.86 -6.17 -15.52
CA ASN D 353 -9.76 -5.20 -15.74
C ASN D 353 -10.14 -3.77 -15.41
N GLN D 354 -11.35 -3.38 -15.80
CA GLN D 354 -11.88 -2.05 -15.55
C GLN D 354 -11.97 -1.72 -14.06
N ALA D 355 -12.26 -2.73 -13.24
CA ALA D 355 -12.33 -2.55 -11.79
C ALA D 355 -10.95 -2.35 -11.19
N TYR D 356 -9.96 -3.06 -11.74
CA TYR D 356 -8.58 -2.84 -11.30
C TYR D 356 -8.11 -1.44 -11.67
N ALA D 357 -8.43 -1.00 -12.89
CA ALA D 357 -8.11 0.34 -13.36
C ALA D 357 -8.72 1.44 -12.47
N VAL D 358 -9.98 1.26 -12.09
CA VAL D 358 -10.68 2.16 -11.15
C VAL D 358 -9.91 2.24 -9.81
N LYS D 359 -9.52 1.07 -9.30
CA LYS D 359 -8.74 0.97 -8.07
C LYS D 359 -7.41 1.72 -8.13
N MET D 360 -6.74 1.64 -9.28
CA MET D 360 -5.49 2.36 -9.53
C MET D 360 -5.72 3.88 -9.59
N CYS D 361 -6.80 4.28 -10.25
CA CYS D 361 -7.16 5.68 -10.41
C CYS D 361 -7.51 6.35 -9.08
N ILE D 362 -8.19 5.61 -8.21
CA ILE D 362 -8.53 6.13 -6.89
C ILE D 362 -7.28 6.27 -6.01
N GLU D 363 -6.37 5.31 -6.10
CA GLU D 363 -5.08 5.39 -5.41
C GLU D 363 -4.28 6.62 -5.84
N ALA D 364 -4.26 6.87 -7.14
CA ALA D 364 -3.53 8.01 -7.72
C ALA D 364 -4.15 9.34 -7.32
N VAL D 365 -5.48 9.41 -7.29
CA VAL D 365 -6.21 10.57 -6.76
C VAL D 365 -5.93 10.78 -5.26
N ASP D 366 -5.94 9.69 -4.49
CA ASP D 366 -5.75 9.76 -3.04
C ASP D 366 -4.33 10.18 -2.66
N ARG D 367 -3.35 9.77 -3.48
CA ARG D 367 -1.96 10.13 -3.25
C ARG D 367 -1.78 11.66 -3.35
N LEU D 368 -2.56 12.29 -4.21
CA LEU D 368 -2.51 13.75 -4.39
C LEU D 368 -3.37 14.48 -3.38
N MET D 369 -4.56 13.98 -3.10
CA MET D 369 -5.43 14.57 -2.09
C MET D 369 -4.76 14.61 -0.71
N ALA D 370 -3.98 13.57 -0.41
CA ALA D 370 -3.28 13.47 0.87
C ALA D 370 -2.24 14.57 1.06
N ALA D 371 -1.79 15.17 -0.05
CA ALA D 371 -0.77 16.22 0.00
C ALA D 371 -1.32 17.60 -0.35
N ALA D 372 -2.64 17.70 -0.49
CA ALA D 372 -3.29 18.89 -1.05
C ALA D 372 -3.61 19.99 -0.04
N GLY D 373 -3.59 19.67 1.25
CA GLY D 373 -3.83 20.69 2.28
C GLY D 373 -5.29 20.95 2.56
N ALA D 374 -5.56 21.73 3.60
CA ALA D 374 -6.93 21.98 4.08
C ALA D 374 -7.81 22.75 3.08
N THR D 375 -7.20 23.62 2.27
CA THR D 375 -7.97 24.43 1.32
C THR D 375 -8.66 23.57 0.27
N SER D 376 -8.18 22.34 0.10
CA SER D 376 -8.70 21.43 -0.92
C SER D 376 -10.00 20.75 -0.53
N PHE D 377 -10.37 20.86 0.75
CA PHE D 377 -11.63 20.32 1.25
C PHE D 377 -12.70 21.41 1.39
N MET D 378 -12.38 22.63 0.94
CA MET D 378 -13.34 23.72 0.87
C MET D 378 -14.21 23.57 -0.37
N ASP D 379 -15.46 24.02 -0.27
CA ASP D 379 -16.43 23.97 -1.37
C ASP D 379 -15.92 24.68 -2.64
N ASN D 380 -15.09 25.70 -2.46
CA ASN D 380 -14.56 26.47 -3.59
C ASN D 380 -13.37 25.83 -4.29
N SER D 381 -12.99 24.64 -3.85
CA SER D 381 -11.91 23.86 -4.49
C SER D 381 -12.48 22.74 -5.34
N GLU D 382 -11.90 22.57 -6.53
CA GLU D 382 -12.27 21.52 -7.45
C GLU D 382 -11.78 20.14 -6.98
N LEU D 383 -10.63 20.13 -6.30
CA LEU D 383 -9.98 18.90 -5.85
C LEU D 383 -10.92 18.00 -5.04
N GLN D 384 -11.63 18.64 -4.13
CA GLN D 384 -12.66 18.03 -3.30
C GLN D 384 -13.75 17.30 -4.12
N ARG D 385 -14.19 17.92 -5.21
CA ARG D 385 -15.19 17.32 -6.11
C ARG D 385 -14.61 16.10 -6.84
N LEU D 386 -13.37 16.23 -7.29
CA LEU D 386 -12.67 15.17 -8.02
C LEU D 386 -12.44 13.98 -7.10
N PHE D 387 -12.04 14.27 -5.86
CA PHE D 387 -11.83 13.28 -4.82
C PHE D 387 -13.10 12.46 -4.52
N ARG D 388 -14.21 13.15 -4.26
CA ARG D 388 -15.48 12.47 -3.95
C ARG D 388 -15.98 11.65 -5.13
N ASP D 389 -15.95 12.25 -6.32
CA ASP D 389 -16.42 11.58 -7.54
C ASP D 389 -15.58 10.35 -7.89
N ALA D 390 -14.26 10.46 -7.70
CA ALA D 390 -13.35 9.32 -7.89
C ALA D 390 -13.72 8.12 -7.02
N HIS D 391 -13.94 8.36 -5.73
CA HIS D 391 -14.29 7.30 -4.79
C HIS D 391 -15.61 6.61 -5.12
N MET D 392 -16.57 7.41 -5.59
CA MET D 392 -17.86 6.92 -6.07
C MET D 392 -17.74 5.96 -7.26
N THR D 393 -16.75 6.18 -8.14
CA THR D 393 -16.55 5.27 -9.27
C THR D 393 -16.19 3.86 -8.81
N GLY D 394 -15.57 3.75 -7.64
CA GLY D 394 -15.26 2.45 -7.03
C GLY D 394 -16.37 1.87 -6.20
N ALA D 395 -17.50 2.57 -6.12
CA ALA D 395 -18.60 2.20 -5.23
C ALA D 395 -19.74 1.48 -5.95
N HIS D 396 -19.69 1.46 -7.28
CA HIS D 396 -20.70 0.79 -8.09
C HIS D 396 -20.54 -0.73 -7.98
N ALA D 397 -21.65 -1.45 -8.05
CA ALA D 397 -21.65 -2.91 -7.95
C ALA D 397 -20.75 -3.60 -8.99
N TYR D 398 -20.61 -2.96 -10.15
CA TYR D 398 -19.81 -3.49 -11.25
C TYR D 398 -18.30 -3.23 -11.07
N THR D 399 -17.96 -2.26 -10.24
CA THR D 399 -16.55 -1.89 -10.03
C THR D 399 -15.98 -2.36 -8.69
N ASP D 400 -16.82 -3.02 -7.89
CA ASP D 400 -16.38 -3.64 -6.63
C ASP D 400 -15.21 -4.57 -6.94
N TYR D 401 -14.02 -4.26 -6.42
CA TYR D 401 -12.84 -5.05 -6.76
C TYR D 401 -12.72 -6.38 -6.02
N ASP D 402 -13.30 -6.46 -4.81
CA ASP D 402 -13.39 -7.72 -4.09
C ASP D 402 -14.15 -8.77 -4.90
N VAL D 403 -15.28 -8.36 -5.47
CA VAL D 403 -16.07 -9.20 -6.36
C VAL D 403 -15.26 -9.57 -7.61
N CYS D 404 -14.63 -8.58 -8.24
CA CYS D 404 -13.88 -8.81 -9.47
C CYS D 404 -12.65 -9.71 -9.27
N ALA D 405 -11.96 -9.55 -8.15
CA ALA D 405 -10.83 -10.41 -7.80
C ALA D 405 -11.25 -11.88 -7.65
N GLN D 406 -12.42 -12.11 -7.06
CA GLN D 406 -12.95 -13.47 -6.91
C GLN D 406 -13.38 -14.06 -8.25
N ILE D 407 -14.02 -13.24 -9.09
CA ILE D 407 -14.44 -13.67 -10.42
C ILE D 407 -13.23 -14.11 -11.26
N LEU D 408 -12.23 -13.25 -11.37
CA LEU D 408 -11.04 -13.58 -12.16
C LEU D 408 -10.26 -14.73 -11.55
N GLY D 409 -10.04 -14.68 -10.23
CA GLY D 409 -9.33 -15.73 -9.51
C GLY D 409 -9.90 -17.11 -9.76
N ARG D 410 -11.22 -17.24 -9.64
CA ARG D 410 -11.91 -18.51 -9.90
C ARG D 410 -11.72 -18.99 -11.33
N GLU D 411 -11.83 -18.08 -12.29
CA GLU D 411 -11.64 -18.40 -13.71
C GLU D 411 -10.22 -18.86 -13.99
N LEU D 412 -9.23 -18.14 -13.47
CA LEU D 412 -7.82 -18.46 -13.64
C LEU D 412 -7.45 -19.83 -13.07
N MET D 413 -8.19 -20.27 -12.05
CA MET D 413 -7.95 -21.55 -11.39
C MET D 413 -8.84 -22.67 -11.91
N GLY D 414 -9.61 -22.38 -12.95
CA GLY D 414 -10.45 -23.38 -13.61
C GLY D 414 -11.67 -23.80 -12.81
N MET D 415 -12.11 -22.93 -11.91
CA MET D 415 -13.27 -23.20 -11.07
C MET D 415 -14.55 -22.72 -11.72
N GLU D 416 -15.67 -23.32 -11.35
CA GLU D 416 -16.98 -22.87 -11.79
C GLU D 416 -17.29 -21.50 -11.17
N PRO D 417 -17.99 -20.63 -11.92
CA PRO D 417 -18.39 -19.33 -11.40
C PRO D 417 -19.20 -19.43 -10.09
N ASP D 418 -18.99 -18.45 -9.22
CA ASP D 418 -19.75 -18.31 -7.99
C ASP D 418 -21.05 -17.59 -8.34
N PRO D 419 -22.20 -18.28 -8.15
CA PRO D 419 -23.50 -17.66 -8.48
C PRO D 419 -23.86 -16.50 -7.54
N THR D 420 -23.18 -16.43 -6.40
CA THR D 420 -23.34 -15.38 -5.39
C THR D 420 -22.96 -13.97 -5.89
N MET D 421 -22.23 -13.92 -7.00
CA MET D 421 -21.83 -12.66 -7.61
C MET D 421 -21.78 -12.80 -9.12
N VAL D 422 -21.70 -11.68 -9.82
CA VAL D 422 -21.77 -11.67 -11.28
C VAL D 422 -21.11 -10.42 -11.85
#